data_8IRY
#
_entry.id   8IRY
#
_cell.length_a   82.314
_cell.length_b   90.372
_cell.length_c   101.531
_cell.angle_alpha   110.77
_cell.angle_beta   105.95
_cell.angle_gamma   103.07
#
_symmetry.space_group_name_H-M   'P 1'
#
loop_
_entity.id
_entity.type
_entity.pdbx_description
1 polymer 'Probable hercynylcysteine sulfoxide lyase'
2 non-polymer "PYRIDOXAL-5'-PHOSPHATE"
3 non-polymer 'PYRUVIC ACID'
4 water water
#
_entity_poly.entity_id   1
_entity_poly.type   'polypeptide(L)'
_entity_poly.pdbx_seq_one_letter_code
;MGSSHHHHHHSSGLVPRGSHMVMLAQQWRDARPKVAGLHLDSGACSRQSFAVIDATTAHARHEAEVGGYVAAEAATPALD
AGRAAVASLIGFAASDVVYTSGSNHAIDLLLSSWPGKRTLACLPGEYGPNLSAMAANGFQVRALPVDDDGRVLVDEASHE
LSAHPVALVHLTALASHRGIAQPAAELVEACHNAGIPVVIDAAQALGHLDCNVGADAVYSSSRKWLAGPRGVGVLAVRPE
LAERLQPRIPPSDWPIPMSVLEKLELGEHNAAARVGFSVAVGEHLAAGPTAVRERLAEVGRLSRQVLAEVDGWRVVEPVD
QPTAITTLESTDGADPASVRSWLIAERGIVTTACELARAPFEMRTPVLRISPHVDVTVDELEQFAAALREAP
;
_entity_poly.pdbx_strand_id   A,B,C,D
#
loop_
_chem_comp.id
_chem_comp.type
_chem_comp.name
_chem_comp.formula
PLP non-polymer PYRIDOXAL-5'-PHOSPHATE 'C8 H10 N O6 P'
PYR non-polymer 'PYRUVIC ACID' 'C3 H4 O3'
#
# COMPACT_ATOMS: atom_id res chain seq x y z
N LEU A 14 -6.10 24.74 35.18
CA LEU A 14 -5.06 25.54 34.47
C LEU A 14 -5.13 27.00 34.91
N VAL A 15 -4.49 27.29 36.05
CA VAL A 15 -4.15 28.64 36.47
C VAL A 15 -2.67 28.88 36.11
N PRO A 16 -2.34 29.71 35.10
CA PRO A 16 -0.96 29.84 34.64
C PRO A 16 0.09 30.02 35.73
N ARG A 17 1.29 29.46 35.49
CA ARG A 17 2.39 29.51 36.43
C ARG A 17 3.58 30.21 35.78
N GLY A 18 4.30 31.02 36.57
CA GLY A 18 5.46 31.75 36.09
C GLY A 18 6.65 30.84 35.79
N SER A 19 7.60 31.38 35.02
CA SER A 19 8.81 30.67 34.66
C SER A 19 9.77 30.63 35.85
N HIS A 20 10.45 29.50 36.04
CA HIS A 20 11.58 29.42 36.94
C HIS A 20 12.76 30.18 36.36
N MET A 21 13.50 30.87 37.24
CA MET A 21 14.72 31.54 36.84
C MET A 21 15.90 30.60 37.06
N VAL A 22 16.59 30.30 35.96
CA VAL A 22 17.77 29.44 35.95
C VAL A 22 18.87 30.15 35.18
N MET A 23 20.05 30.28 35.82
CA MET A 23 21.21 30.89 35.18
C MET A 23 21.69 30.03 34.01
N LEU A 24 21.48 28.70 34.10
CA LEU A 24 21.63 27.77 32.99
C LEU A 24 21.21 28.37 31.66
N ALA A 25 19.99 28.92 31.58
CA ALA A 25 19.47 29.49 30.34
C ALA A 25 20.42 30.53 29.75
N GLN A 26 20.90 31.44 30.61
CA GLN A 26 21.73 32.55 30.18
C GLN A 26 23.14 32.07 29.80
N GLN A 27 23.71 31.19 30.64
CA GLN A 27 25.03 30.63 30.37
C GLN A 27 25.03 29.98 28.98
N TRP A 28 23.94 29.26 28.69
CA TRP A 28 23.80 28.49 27.46
C TRP A 28 23.71 29.41 26.26
N ARG A 29 22.90 30.48 26.37
CA ARG A 29 22.77 31.46 25.31
C ARG A 29 24.12 32.10 25.00
N ASP A 30 24.88 32.43 26.05
CA ASP A 30 26.09 33.24 25.91
C ASP A 30 27.28 32.39 25.49
N ALA A 31 27.14 31.05 25.54
CA ALA A 31 28.22 30.16 25.15
C ALA A 31 28.25 29.93 23.64
N ARG A 32 27.25 30.50 22.91
CA ARG A 32 27.08 30.26 21.48
C ARG A 32 26.85 31.58 20.74
N PRO A 33 27.08 31.63 19.41
CA PRO A 33 26.80 32.82 18.60
C PRO A 33 25.45 33.48 18.87
N LYS A 34 25.40 34.81 18.76
CA LYS A 34 24.14 35.53 18.84
C LYS A 34 23.28 35.08 17.67
N VAL A 35 22.01 34.78 17.96
CA VAL A 35 21.03 34.42 16.95
C VAL A 35 20.62 35.69 16.21
N ALA A 36 20.52 35.60 14.87
CA ALA A 36 20.11 36.72 14.04
C ALA A 36 18.70 37.17 14.43
N GLY A 37 17.73 36.26 14.33
CA GLY A 37 16.34 36.55 14.68
C GLY A 37 15.91 35.83 15.96
N LEU A 38 15.12 34.77 15.80
CA LEU A 38 14.68 33.96 16.92
C LEU A 38 14.62 32.49 16.50
N HIS A 39 15.32 31.64 17.27
CA HIS A 39 15.56 30.25 16.91
C HIS A 39 14.78 29.33 17.85
N LEU A 40 13.72 28.72 17.32
CA LEU A 40 12.87 27.80 18.09
C LEU A 40 12.89 26.43 17.43
N ASP A 41 14.09 25.91 17.13
CA ASP A 41 14.20 24.79 16.21
C ASP A 41 15.40 23.89 16.55
N SER A 42 15.64 23.67 17.85
CA SER A 42 16.76 22.84 18.29
C SER A 42 16.43 21.35 18.10
N GLY A 43 15.17 21.03 17.79
CA GLY A 43 14.76 19.67 17.48
C GLY A 43 15.12 19.27 16.05
N ALA A 44 15.42 20.26 15.20
CA ALA A 44 15.88 20.02 13.84
C ALA A 44 17.39 20.17 13.78
N CYS A 45 17.89 21.33 14.23
CA CYS A 45 19.31 21.59 14.30
C CYS A 45 19.53 22.72 15.30
N SER A 46 20.27 22.41 16.37
CA SER A 46 20.52 23.39 17.42
C SER A 46 21.70 24.27 17.02
N ARG A 47 22.41 24.80 18.03
CA ARG A 47 23.40 25.85 17.82
C ARG A 47 24.67 25.46 18.59
N GLN A 48 25.78 25.29 17.85
CA GLN A 48 27.04 24.87 18.43
C GLN A 48 27.66 26.02 19.23
N SER A 49 28.17 25.68 20.42
CA SER A 49 28.91 26.62 21.25
C SER A 49 30.20 27.02 20.53
N PHE A 50 30.78 28.15 20.97
CA PHE A 50 32.07 28.61 20.45
C PHE A 50 33.13 27.53 20.64
N ALA A 51 33.09 26.86 21.81
CA ALA A 51 34.05 25.82 22.12
C ALA A 51 33.95 24.66 21.13
N VAL A 52 32.71 24.24 20.80
CA VAL A 52 32.49 23.13 19.88
C VAL A 52 32.97 23.52 18.49
N ILE A 53 32.66 24.75 18.05
CA ILE A 53 33.08 25.22 16.74
C ILE A 53 34.60 25.27 16.67
N ASP A 54 35.24 25.75 17.75
CA ASP A 54 36.68 25.94 17.78
C ASP A 54 37.39 24.60 17.78
N ALA A 55 36.89 23.64 18.56
CA ALA A 55 37.48 22.30 18.65
C ALA A 55 37.45 21.61 17.28
N THR A 56 36.37 21.83 16.52
CA THR A 56 36.23 21.28 15.18
C THR A 56 37.29 21.90 14.27
N THR A 57 37.36 23.23 14.29
CA THR A 57 38.33 23.97 13.49
C THR A 57 39.75 23.54 13.82
N ALA A 58 40.03 23.34 15.12
CA ALA A 58 41.36 22.99 15.57
C ALA A 58 41.77 21.64 15.01
N HIS A 59 40.86 20.66 14.99
CA HIS A 59 41.20 19.34 14.49
C HIS A 59 41.60 19.43 13.01
N ALA A 60 40.84 20.21 12.24
CA ALA A 60 41.11 20.39 10.82
C ALA A 60 42.48 21.02 10.59
N ARG A 61 42.84 21.99 11.45
CA ARG A 61 44.14 22.63 11.41
C ARG A 61 45.21 21.59 11.74
N HIS A 62 44.98 20.80 12.80
CA HIS A 62 45.93 19.79 13.23
C HIS A 62 46.17 18.76 12.13
N GLU A 63 45.13 18.42 11.35
CA GLU A 63 45.27 17.51 10.23
C GLU A 63 46.31 18.04 9.24
N ALA A 64 46.32 19.37 9.05
CA ALA A 64 47.21 20.01 8.10
C ALA A 64 48.64 20.05 8.63
N GLU A 65 48.81 20.08 9.96
CA GLU A 65 50.15 20.25 10.52
C GLU A 65 50.84 18.91 10.70
N VAL A 66 50.15 17.85 11.15
CA VAL A 66 50.81 16.60 11.49
C VAL A 66 50.32 15.43 10.63
N GLY A 67 49.32 15.67 9.76
CA GLY A 67 48.72 14.60 8.95
C GLY A 67 47.38 14.14 9.50
N GLY A 68 46.44 13.87 8.59
CA GLY A 68 45.05 13.61 8.94
C GLY A 68 44.85 12.44 9.90
N TYR A 69 45.58 11.35 9.69
CA TYR A 69 45.39 10.12 10.46
C TYR A 69 46.19 10.18 11.76
N VAL A 70 47.35 10.83 11.71
CA VAL A 70 48.13 11.14 12.90
C VAL A 70 47.28 11.99 13.84
N ALA A 71 46.66 13.03 13.27
CA ALA A 71 45.75 13.89 14.01
C ALA A 71 44.60 13.09 14.61
N ALA A 72 44.03 12.17 13.82
CA ALA A 72 42.91 11.34 14.26
C ALA A 72 43.31 10.43 15.42
N GLU A 73 44.47 9.80 15.31
CA GLU A 73 45.01 8.96 16.39
C GLU A 73 45.14 9.79 17.66
N ALA A 74 45.72 11.00 17.54
CA ALA A 74 45.97 11.85 18.69
C ALA A 74 44.66 12.33 19.33
N ALA A 75 43.55 12.27 18.61
CA ALA A 75 42.25 12.73 19.12
C ALA A 75 41.50 11.62 19.83
N THR A 76 42.09 10.41 19.92
CA THR A 76 41.43 9.25 20.52
C THR A 76 40.90 9.56 21.92
N PRO A 77 41.65 10.26 22.81
CA PRO A 77 41.14 10.61 24.13
C PRO A 77 39.81 11.37 24.11
N ALA A 78 39.70 12.35 23.22
CA ALA A 78 38.48 13.14 23.08
C ALA A 78 37.33 12.26 22.58
N LEU A 79 37.60 11.48 21.54
CA LEU A 79 36.62 10.59 20.94
C LEU A 79 36.09 9.60 21.97
N ASP A 80 36.99 8.98 22.75
CA ASP A 80 36.63 8.00 23.74
C ASP A 80 35.81 8.64 24.86
N ALA A 81 36.16 9.88 25.22
CA ALA A 81 35.42 10.63 26.23
C ALA A 81 33.97 10.83 25.78
N GLY A 82 33.79 11.13 24.49
CA GLY A 82 32.48 11.24 23.89
C GLY A 82 31.67 9.95 23.98
N ARG A 83 32.30 8.80 23.72
CA ARG A 83 31.66 7.50 23.86
C ARG A 83 31.25 7.29 25.31
N ALA A 84 32.13 7.68 26.23
CA ALA A 84 31.94 7.44 27.66
C ALA A 84 30.81 8.31 28.19
N ALA A 85 30.72 9.56 27.71
CA ALA A 85 29.67 10.48 28.11
C ALA A 85 28.31 9.95 27.66
N VAL A 86 28.23 9.56 26.38
CA VAL A 86 27.03 8.96 25.81
C VAL A 86 26.64 7.73 26.63
N ALA A 87 27.62 6.86 26.86
CA ALA A 87 27.42 5.63 27.63
C ALA A 87 26.79 5.91 28.98
N SER A 88 27.23 6.98 29.66
CA SER A 88 26.73 7.29 31.00
C SER A 88 25.27 7.73 30.96
N LEU A 89 24.86 8.36 29.85
CA LEU A 89 23.50 8.86 29.70
C LEU A 89 22.51 7.74 29.40
N ILE A 90 23.00 6.63 28.82
CA ILE A 90 22.12 5.54 28.41
C ILE A 90 22.33 4.31 29.28
N GLY A 91 23.30 4.37 30.19
CA GLY A 91 23.57 3.27 31.11
C GLY A 91 24.25 2.08 30.40
N PHE A 92 25.11 2.39 29.42
CA PHE A 92 25.90 1.39 28.72
C PHE A 92 27.37 1.56 29.13
N ALA A 93 28.25 0.74 28.53
CA ALA A 93 29.68 0.95 28.63
C ALA A 93 30.18 1.74 27.43
N ALA A 94 31.27 2.50 27.62
CA ALA A 94 31.86 3.31 26.58
C ALA A 94 32.20 2.47 25.34
N SER A 95 32.59 1.21 25.56
CA SER A 95 33.08 0.36 24.48
C SER A 95 31.92 -0.26 23.70
N ASP A 96 30.68 0.00 24.15
CA ASP A 96 29.48 -0.39 23.43
C ASP A 96 29.10 0.66 22.39
N VAL A 97 29.76 1.84 22.44
CA VAL A 97 29.30 3.01 21.70
C VAL A 97 30.19 3.23 20.48
N VAL A 98 29.52 3.53 19.35
CA VAL A 98 30.13 3.68 18.04
C VAL A 98 29.60 4.96 17.41
N TYR A 99 30.43 5.61 16.58
CA TYR A 99 30.03 6.83 15.88
C TYR A 99 29.43 6.48 14.53
N THR A 100 28.46 7.31 14.10
CA THR A 100 27.78 7.20 12.82
C THR A 100 27.61 8.60 12.22
N SER A 101 26.98 8.69 11.04
CA SER A 101 26.68 9.95 10.39
C SER A 101 25.44 10.61 10.99
N GLY A 102 24.69 9.85 11.78
CA GLY A 102 23.43 10.29 12.33
C GLY A 102 22.55 9.10 12.70
N SER A 103 21.26 9.34 12.93
CA SER A 103 20.36 8.34 13.47
C SER A 103 19.87 7.38 12.39
N ASN A 104 19.62 7.89 11.18
CA ASN A 104 19.14 7.06 10.09
C ASN A 104 20.27 6.12 9.62
N HIS A 105 21.51 6.62 9.63
CA HIS A 105 22.66 5.76 9.44
C HIS A 105 22.65 4.64 10.48
N ALA A 106 22.41 5.03 11.74
CA ALA A 106 22.44 4.11 12.87
C ALA A 106 21.43 2.97 12.69
N ILE A 107 20.17 3.31 12.41
CA ILE A 107 19.12 2.29 12.37
C ILE A 107 19.41 1.34 11.21
N ASP A 108 19.95 1.87 10.13
CA ASP A 108 20.24 1.06 8.96
C ASP A 108 21.39 0.10 9.28
N LEU A 109 22.44 0.60 9.95
CA LEU A 109 23.56 -0.24 10.35
C LEU A 109 23.06 -1.43 11.17
N LEU A 110 22.12 -1.16 12.08
CA LEU A 110 21.63 -2.16 13.02
C LEU A 110 20.73 -3.18 12.31
N LEU A 111 19.69 -2.68 11.62
CA LEU A 111 18.70 -3.53 10.98
C LEU A 111 19.31 -4.36 9.84
N SER A 112 20.26 -3.77 9.10
CA SER A 112 20.92 -4.49 8.03
C SER A 112 21.84 -5.58 8.57
N SER A 113 22.15 -5.52 9.87
CA SER A 113 23.05 -6.46 10.51
C SER A 113 22.28 -7.55 11.26
N TRP A 114 20.94 -7.44 11.29
CA TRP A 114 20.14 -8.23 12.21
C TRP A 114 20.05 -9.69 11.73
N PRO A 115 20.36 -10.67 12.61
CA PRO A 115 20.32 -12.09 12.24
C PRO A 115 18.95 -12.74 12.43
N GLY A 116 18.68 -13.78 11.63
CA GLY A 116 17.49 -14.61 11.80
C GLY A 116 16.21 -13.90 11.35
N LYS A 117 15.10 -14.22 12.02
CA LYS A 117 13.79 -13.72 11.64
C LYS A 117 13.74 -12.21 11.86
N ARG A 118 13.37 -11.48 10.81
CA ARG A 118 13.32 -10.03 10.86
C ARG A 118 11.88 -9.55 11.00
N THR A 119 11.36 -9.57 12.22
CA THR A 119 10.07 -8.98 12.55
C THR A 119 10.28 -7.98 13.69
N LEU A 120 9.45 -6.93 13.74
CA LEU A 120 9.51 -6.02 14.86
C LEU A 120 8.14 -5.38 15.11
N ALA A 121 7.99 -4.81 16.30
CA ALA A 121 6.85 -3.96 16.62
C ALA A 121 7.39 -2.58 16.95
N CYS A 122 6.62 -1.55 16.56
CA CYS A 122 6.96 -0.17 16.84
C CYS A 122 5.66 0.62 17.05
N LEU A 123 5.78 1.93 17.33
CA LEU A 123 4.61 2.78 17.48
C LEU A 123 4.03 3.08 16.10
N PRO A 124 2.72 3.38 16.00
CA PRO A 124 2.14 3.91 14.76
C PRO A 124 2.71 5.27 14.39
N GLY A 125 3.17 6.04 15.38
CA GLY A 125 3.82 7.31 15.15
C GLY A 125 5.30 7.18 14.76
N GLU A 126 5.72 5.98 14.35
CA GLU A 126 7.11 5.74 14.01
C GLU A 126 7.54 6.70 12.90
N TYR A 127 8.81 7.12 12.96
CA TYR A 127 9.39 8.08 12.05
C TYR A 127 9.42 7.50 10.64
N GLY A 128 8.91 8.28 9.67
CA GLY A 128 8.76 7.81 8.30
C GLY A 128 10.02 7.16 7.76
N PRO A 129 11.17 7.86 7.78
CA PRO A 129 12.45 7.28 7.36
C PRO A 129 12.93 6.06 8.15
N ASN A 130 12.45 5.88 9.39
CA ASN A 130 12.72 4.67 10.13
C ASN A 130 11.95 3.52 9.47
N LEU A 131 10.67 3.73 9.18
CA LEU A 131 9.84 2.73 8.51
C LEU A 131 10.46 2.36 7.16
N SER A 132 10.98 3.38 6.48
CA SER A 132 11.66 3.19 5.20
C SER A 132 12.83 2.22 5.36
N ALA A 133 13.67 2.47 6.36
CA ALA A 133 14.85 1.65 6.61
C ALA A 133 14.46 0.22 7.01
N MET A 134 13.38 0.12 7.79
CA MET A 134 12.85 -1.16 8.25
C MET A 134 12.44 -2.01 7.05
N ALA A 135 11.62 -1.42 6.17
CA ALA A 135 11.12 -2.12 4.99
C ALA A 135 12.28 -2.51 4.07
N ALA A 136 13.23 -1.59 3.89
CA ALA A 136 14.37 -1.80 3.01
C ALA A 136 15.26 -2.93 3.51
N ASN A 137 15.17 -3.26 4.81
CA ASN A 137 15.98 -4.31 5.40
C ASN A 137 15.15 -5.58 5.60
N GLY A 138 13.97 -5.63 4.96
CA GLY A 138 13.18 -6.85 4.89
C GLY A 138 12.48 -7.19 6.22
N PHE A 139 12.19 -6.17 7.03
CA PHE A 139 11.49 -6.38 8.29
C PHE A 139 9.99 -6.35 8.05
N GLN A 140 9.27 -7.22 8.78
CA GLN A 140 7.84 -7.08 8.98
C GLN A 140 7.60 -6.21 10.21
N VAL A 141 6.67 -5.26 10.09
CA VAL A 141 6.50 -4.21 11.08
C VAL A 141 5.06 -4.23 11.58
N ARG A 142 4.89 -4.40 12.91
CA ARG A 142 3.58 -4.36 13.54
C ARG A 142 3.49 -3.14 14.46
N ALA A 143 2.29 -2.56 14.56
CA ALA A 143 2.04 -1.43 15.45
C ALA A 143 1.83 -1.93 16.87
N LEU A 144 2.31 -1.14 17.85
CA LEU A 144 2.03 -1.36 19.27
C LEU A 144 0.74 -0.62 19.64
N PRO A 145 0.00 -1.06 20.67
CA PRO A 145 -1.17 -0.33 21.16
C PRO A 145 -0.79 1.00 21.83
N VAL A 146 -1.55 2.06 21.54
CA VAL A 146 -1.28 3.39 22.04
C VAL A 146 -2.61 4.05 22.43
N ASP A 147 -2.52 5.09 23.27
CA ASP A 147 -3.68 5.91 23.61
C ASP A 147 -3.90 6.92 22.49
N ASP A 148 -4.75 7.92 22.74
CA ASP A 148 -5.18 8.88 21.73
C ASP A 148 -4.04 9.83 21.36
N ASP A 149 -3.03 9.98 22.25
CA ASP A 149 -1.90 10.86 22.01
C ASP A 149 -0.77 10.14 21.26
N GLY A 150 -0.90 8.82 21.10
CA GLY A 150 0.13 8.00 20.46
C GLY A 150 1.12 7.42 21.46
N ARG A 151 0.78 7.50 22.75
CA ARG A 151 1.62 7.04 23.84
C ARG A 151 1.34 5.57 24.10
N VAL A 152 2.39 4.75 24.15
CA VAL A 152 2.24 3.30 24.23
C VAL A 152 1.49 2.94 25.52
N LEU A 153 0.63 1.93 25.40
CA LEU A 153 -0.05 1.32 26.53
C LEU A 153 0.76 0.09 26.96
N VAL A 154 1.45 0.20 28.09
CA VAL A 154 2.51 -0.75 28.42
C VAL A 154 1.89 -2.10 28.78
N ASP A 155 0.79 -2.07 29.55
CA ASP A 155 0.13 -3.30 29.99
C ASP A 155 -0.34 -4.09 28.77
N GLU A 156 -1.10 -3.43 27.88
CA GLU A 156 -1.62 -4.05 26.68
C GLU A 156 -0.46 -4.61 25.86
N ALA A 157 0.58 -3.79 25.66
CA ALA A 157 1.75 -4.18 24.89
C ALA A 157 2.40 -5.43 25.50
N SER A 158 2.44 -5.48 26.83
CA SER A 158 3.00 -6.61 27.55
C SER A 158 2.29 -7.90 27.14
N HIS A 159 0.94 -7.88 27.21
CA HIS A 159 0.15 -9.06 26.92
C HIS A 159 0.35 -9.45 25.45
N GLU A 160 0.31 -8.45 24.57
CA GLU A 160 0.37 -8.64 23.14
C GLU A 160 1.68 -9.33 22.76
N LEU A 161 2.78 -8.90 23.38
CA LEU A 161 4.11 -9.38 23.03
C LEU A 161 4.36 -10.79 23.57
N SER A 162 3.69 -11.14 24.68
CA SER A 162 3.80 -12.47 25.26
C SER A 162 3.08 -13.49 24.36
N ALA A 163 1.87 -13.13 23.92
CA ALA A 163 1.06 -13.98 23.07
C ALA A 163 1.66 -14.07 21.68
N HIS A 164 1.98 -12.92 21.09
CA HIS A 164 2.46 -12.82 19.73
C HIS A 164 3.83 -12.15 19.73
N PRO A 165 4.93 -12.89 19.96
CA PRO A 165 6.26 -12.31 20.06
C PRO A 165 6.80 -11.80 18.71
N VAL A 166 7.92 -11.11 18.78
CA VAL A 166 8.53 -10.44 17.65
C VAL A 166 10.04 -10.43 17.92
N ALA A 167 10.87 -10.25 16.89
CA ALA A 167 12.31 -10.38 17.04
C ALA A 167 12.89 -9.20 17.84
N LEU A 168 12.35 -8.00 17.64
CA LEU A 168 12.75 -6.85 18.43
C LEU A 168 11.64 -5.81 18.47
N VAL A 169 11.68 -4.96 19.50
CA VAL A 169 10.79 -3.81 19.56
C VAL A 169 11.63 -2.56 19.31
N HIS A 170 11.13 -1.70 18.44
CA HIS A 170 11.77 -0.42 18.16
C HIS A 170 10.91 0.70 18.76
N LEU A 171 11.46 1.39 19.77
CA LEU A 171 10.76 2.50 20.39
C LEU A 171 11.46 3.80 20.07
N THR A 172 10.72 4.72 19.43
CA THR A 172 11.14 6.11 19.35
C THR A 172 10.59 6.81 20.58
N ALA A 173 11.49 7.08 21.53
CA ALA A 173 11.12 7.48 22.88
C ALA A 173 10.58 8.91 22.87
N LEU A 174 11.00 9.70 21.88
CA LEU A 174 10.44 11.01 21.64
C LEU A 174 10.43 11.27 20.14
N ALA A 175 9.22 11.53 19.61
CA ALA A 175 8.98 11.60 18.18
C ALA A 175 9.37 12.96 17.63
N SER A 176 9.69 13.01 16.34
CA SER A 176 10.08 14.25 15.70
C SER A 176 8.86 15.16 15.53
N HIS A 177 7.66 14.54 15.43
CA HIS A 177 6.46 15.24 15.02
C HIS A 177 5.55 15.56 16.20
N ARG A 178 5.88 15.11 17.41
CA ARG A 178 5.01 15.34 18.56
C ARG A 178 5.80 15.13 19.86
N GLY A 179 5.53 15.99 20.85
CA GLY A 179 6.36 16.11 22.03
C GLY A 179 5.86 15.24 23.20
N ILE A 180 5.32 14.06 22.89
CA ILE A 180 4.93 13.08 23.89
C ILE A 180 6.18 12.32 24.33
N ALA A 181 6.38 12.23 25.65
CA ALA A 181 7.45 11.44 26.23
C ALA A 181 6.94 10.02 26.48
N GLN A 182 7.56 9.04 25.82
CA GLN A 182 7.09 7.66 25.87
C GLN A 182 7.63 7.00 27.13
N PRO A 183 6.84 6.13 27.81
CA PRO A 183 7.32 5.42 29.00
C PRO A 183 8.33 4.33 28.63
N ALA A 184 9.54 4.78 28.28
CA ALA A 184 10.57 3.91 27.73
C ALA A 184 10.93 2.80 28.71
N ALA A 185 11.23 3.19 29.96
CA ALA A 185 11.72 2.26 30.95
C ALA A 185 10.71 1.14 31.21
N GLU A 186 9.43 1.49 31.33
CA GLU A 186 8.41 0.49 31.64
C GLU A 186 8.24 -0.44 30.44
N LEU A 187 8.31 0.09 29.23
CA LEU A 187 8.15 -0.71 28.03
C LEU A 187 9.34 -1.67 27.88
N VAL A 188 10.53 -1.20 28.27
CA VAL A 188 11.73 -2.01 28.14
C VAL A 188 11.58 -3.28 29.00
N GLU A 189 11.10 -3.13 30.24
CA GLU A 189 11.05 -4.26 31.15
C GLU A 189 9.92 -5.21 30.71
N ALA A 190 8.84 -4.64 30.15
CA ALA A 190 7.75 -5.44 29.58
C ALA A 190 8.28 -6.34 28.46
N CYS A 191 9.11 -5.76 27.57
CA CYS A 191 9.66 -6.49 26.45
C CYS A 191 10.66 -7.55 26.92
N HIS A 192 11.48 -7.20 27.91
CA HIS A 192 12.48 -8.11 28.44
C HIS A 192 11.80 -9.29 29.14
N ASN A 193 10.66 -9.04 29.80
CA ASN A 193 9.85 -10.07 30.42
C ASN A 193 9.33 -11.06 29.38
N ALA A 194 9.05 -10.57 28.16
CA ALA A 194 8.62 -11.42 27.06
C ALA A 194 9.81 -11.95 26.26
N GLY A 195 11.03 -11.59 26.68
CA GLY A 195 12.25 -12.12 26.09
C GLY A 195 12.64 -11.43 24.78
N ILE A 196 12.22 -10.17 24.61
CA ILE A 196 12.39 -9.45 23.36
C ILE A 196 13.30 -8.25 23.58
N PRO A 197 14.40 -8.11 22.77
CA PRO A 197 15.26 -6.94 22.87
C PRO A 197 14.58 -5.66 22.39
N VAL A 198 15.08 -4.52 22.86
CA VAL A 198 14.48 -3.22 22.56
C VAL A 198 15.55 -2.29 22.02
N VAL A 199 15.24 -1.68 20.86
CA VAL A 199 16.05 -0.65 20.24
C VAL A 199 15.33 0.68 20.44
N ILE A 200 16.09 1.72 20.81
CA ILE A 200 15.49 3.02 21.06
C ILE A 200 16.07 4.06 20.10
N ASP A 201 15.17 4.77 19.42
CA ASP A 201 15.52 5.96 18.65
C ASP A 201 15.48 7.15 19.60
N ALA A 202 16.68 7.62 19.98
CA ALA A 202 16.82 8.70 20.95
C ALA A 202 17.39 9.94 20.26
N ALA A 203 17.02 10.15 18.99
CA ALA A 203 17.47 11.29 18.23
C ALA A 203 16.97 12.58 18.88
N GLN A 204 15.72 12.54 19.34
CA GLN A 204 15.10 13.67 20.00
C GLN A 204 15.29 13.54 21.52
N ALA A 205 15.40 12.30 22.01
CA ALA A 205 15.33 12.03 23.44
C ALA A 205 16.67 12.24 24.15
N LEU A 206 17.79 11.96 23.48
CA LEU A 206 19.09 12.06 24.15
C LEU A 206 19.40 13.53 24.41
N GLY A 207 19.68 13.84 25.69
CA GLY A 207 19.91 15.20 26.13
C GLY A 207 18.62 15.91 26.53
N HIS A 208 17.54 15.12 26.68
CA HIS A 208 16.19 15.67 26.71
C HIS A 208 15.31 14.85 27.67
N LEU A 209 15.27 13.53 27.45
CA LEU A 209 14.62 12.59 28.34
C LEU A 209 15.70 11.76 29.04
N ASP A 210 15.34 11.15 30.18
CA ASP A 210 16.21 10.17 30.81
C ASP A 210 16.24 8.92 29.91
N CYS A 211 17.40 8.69 29.28
CA CYS A 211 17.58 7.60 28.33
C CYS A 211 18.30 6.41 28.97
N ASN A 212 18.43 6.42 30.31
CA ASN A 212 18.99 5.29 31.03
C ASN A 212 17.83 4.38 31.45
N VAL A 213 17.50 3.41 30.58
CA VAL A 213 16.24 2.69 30.69
C VAL A 213 16.40 1.20 30.36
N GLY A 214 17.64 0.71 30.28
CA GLY A 214 17.91 -0.72 30.17
C GLY A 214 17.83 -1.27 28.75
N ALA A 215 17.83 -0.39 27.74
CA ALA A 215 17.63 -0.78 26.36
C ALA A 215 18.81 -1.64 25.88
N ASP A 216 18.60 -2.39 24.80
CA ASP A 216 19.61 -3.26 24.23
C ASP A 216 20.42 -2.53 23.16
N ALA A 217 19.80 -1.55 22.50
CA ALA A 217 20.50 -0.66 21.61
C ALA A 217 19.83 0.72 21.65
N VAL A 218 20.63 1.77 21.48
CA VAL A 218 20.16 3.14 21.44
C VAL A 218 20.97 3.90 20.40
N TYR A 219 20.34 4.84 19.70
CA TYR A 219 21.06 5.71 18.77
C TYR A 219 20.50 7.13 18.85
N SER A 220 21.32 8.09 18.38
CA SER A 220 20.95 9.49 18.44
C SER A 220 21.81 10.31 17.48
N SER A 221 21.44 11.59 17.33
CA SER A 221 22.10 12.51 16.43
C SER A 221 22.80 13.61 17.22
N SER A 222 23.90 14.12 16.67
CA SER A 222 24.74 15.12 17.30
C SER A 222 24.04 16.48 17.35
N ARG A 223 23.36 16.84 16.26
CA ARG A 223 23.05 18.24 15.94
C ARG A 223 21.82 18.76 16.69
N LYS A 224 21.11 17.88 17.41
CA LYS A 224 19.85 18.26 18.02
C LYS A 224 20.13 18.77 19.43
N TRP A 225 19.57 18.13 20.46
CA TRP A 225 19.54 18.72 21.80
C TRP A 225 20.92 18.83 22.42
N LEU A 226 21.88 18.00 21.98
CA LEU A 226 23.24 18.05 22.49
C LEU A 226 24.03 19.16 21.80
N ALA A 227 23.46 19.76 20.76
CA ALA A 227 24.04 20.92 20.09
C ALA A 227 25.45 20.61 19.60
N GLY A 228 25.60 19.45 18.94
CA GLY A 228 26.89 19.08 18.37
C GLY A 228 26.94 19.44 16.89
N PRO A 229 28.06 19.16 16.19
CA PRO A 229 28.14 19.36 14.75
C PRO A 229 27.22 18.42 13.99
N ARG A 230 26.90 18.79 12.75
CA ARG A 230 26.12 17.96 11.85
C ARG A 230 26.99 16.82 11.33
N GLY A 231 26.34 15.73 10.91
CA GLY A 231 27.01 14.63 10.24
C GLY A 231 27.62 13.64 11.22
N VAL A 232 27.16 13.71 12.48
CA VAL A 232 27.59 12.78 13.52
C VAL A 232 26.34 12.24 14.22
N GLY A 233 26.40 10.95 14.52
CA GLY A 233 25.44 10.29 15.39
C GLY A 233 26.18 9.24 16.21
N VAL A 234 25.45 8.56 17.10
CA VAL A 234 26.03 7.48 17.88
C VAL A 234 25.08 6.30 17.85
N LEU A 235 25.67 5.09 17.86
CA LEU A 235 24.92 3.85 18.01
C LEU A 235 25.57 3.04 19.12
N ALA A 236 24.76 2.64 20.11
CA ALA A 236 25.23 1.82 21.23
C ALA A 236 24.50 0.48 21.21
N VAL A 237 25.26 -0.60 21.32
CA VAL A 237 24.70 -1.95 21.32
C VAL A 237 25.35 -2.75 22.45
N ARG A 238 24.52 -3.44 23.24
CA ARG A 238 25.00 -4.27 24.34
C ARG A 238 25.83 -5.42 23.77
N PRO A 239 26.90 -5.85 24.47
CA PRO A 239 27.82 -6.87 23.95
C PRO A 239 27.16 -8.19 23.54
N GLU A 240 26.14 -8.61 24.31
CA GLU A 240 25.45 -9.87 24.06
C GLU A 240 24.77 -9.81 22.70
N LEU A 241 24.17 -8.66 22.41
CA LEU A 241 23.47 -8.43 21.15
C LEU A 241 24.50 -8.20 20.04
N ALA A 242 25.44 -7.28 20.29
CA ALA A 242 26.44 -6.91 19.30
C ALA A 242 27.07 -8.14 18.65
N GLU A 243 27.44 -9.15 19.45
CA GLU A 243 28.19 -10.29 18.93
C GLU A 243 27.29 -11.22 18.11
N ARG A 244 25.97 -11.12 18.28
CA ARG A 244 25.02 -11.88 17.47
C ARG A 244 24.85 -11.27 16.07
N LEU A 245 25.22 -9.98 15.92
CA LEU A 245 24.96 -9.24 14.69
C LEU A 245 25.89 -9.69 13.57
N GLN A 246 25.42 -9.47 12.32
CA GLN A 246 26.12 -9.92 11.14
C GLN A 246 26.18 -8.78 10.13
N PRO A 247 27.19 -7.88 10.24
CA PRO A 247 27.28 -6.71 9.36
C PRO A 247 27.28 -7.05 7.86
N ARG A 248 26.71 -6.12 7.10
CA ARG A 248 26.58 -6.20 5.65
C ARG A 248 27.95 -6.04 4.99
N ILE A 249 28.75 -5.08 5.48
CA ILE A 249 30.08 -4.80 4.96
C ILE A 249 31.07 -4.79 6.12
N PRO A 250 32.19 -5.53 6.07
CA PRO A 250 32.47 -6.52 5.02
C PRO A 250 31.53 -7.71 5.08
N PRO A 251 31.45 -8.54 4.01
CA PRO A 251 30.66 -9.76 4.02
C PRO A 251 31.15 -10.70 5.12
N SER A 252 30.22 -11.50 5.66
CA SER A 252 30.43 -12.32 6.85
C SER A 252 31.57 -13.32 6.69
N ASP A 253 31.89 -13.73 5.46
CA ASP A 253 33.16 -14.40 5.16
C ASP A 253 34.25 -13.33 5.01
N TRP A 254 34.58 -12.68 6.13
CA TRP A 254 35.47 -11.53 6.16
C TRP A 254 36.89 -11.97 6.50
N PRO A 255 37.88 -11.80 5.59
CA PRO A 255 39.28 -12.10 5.87
C PRO A 255 39.92 -11.22 6.93
N ILE A 256 39.57 -9.92 6.95
CA ILE A 256 40.06 -9.02 7.98
C ILE A 256 39.32 -9.35 9.27
N PRO A 257 40.04 -9.72 10.36
CA PRO A 257 39.40 -9.99 11.65
C PRO A 257 39.15 -8.72 12.48
N MET A 258 37.88 -8.32 12.61
CA MET A 258 37.53 -7.24 13.52
C MET A 258 36.16 -7.52 14.15
N SER A 259 35.89 -6.85 15.28
CA SER A 259 34.63 -7.03 15.99
C SER A 259 33.48 -6.45 15.17
N VAL A 260 32.25 -6.78 15.57
CA VAL A 260 31.06 -6.27 14.92
C VAL A 260 31.06 -4.74 14.99
N LEU A 261 31.31 -4.19 16.19
CA LEU A 261 31.25 -2.75 16.39
C LEU A 261 32.32 -2.04 15.56
N GLU A 262 33.49 -2.66 15.40
CA GLU A 262 34.54 -2.10 14.56
C GLU A 262 34.06 -2.02 13.11
N LYS A 263 33.33 -3.04 12.66
CA LYS A 263 32.80 -3.08 11.31
C LYS A 263 31.75 -2.00 11.11
N LEU A 264 30.85 -1.82 12.09
CA LEU A 264 29.79 -0.84 11.98
C LEU A 264 30.34 0.59 12.01
N GLU A 265 31.55 0.78 12.56
CA GLU A 265 32.15 2.10 12.67
C GLU A 265 33.12 2.36 11.52
N LEU A 266 33.25 1.41 10.61
CA LEU A 266 34.18 1.50 9.49
C LEU A 266 33.70 2.60 8.53
N GLY A 267 34.62 3.44 8.05
CA GLY A 267 34.32 4.35 6.96
C GLY A 267 34.83 5.79 7.18
N GLU A 268 35.18 6.42 6.04
CA GLU A 268 35.50 7.84 5.97
C GLU A 268 34.37 8.64 6.60
N HIS A 269 34.75 9.64 7.38
CA HIS A 269 33.86 10.45 8.18
C HIS A 269 34.55 11.78 8.44
N ASN A 270 33.85 12.76 9.02
CA ASN A 270 34.49 13.99 9.45
C ASN A 270 34.93 13.81 10.90
N ALA A 271 36.24 13.54 11.08
CA ALA A 271 36.79 13.30 12.41
C ALA A 271 36.68 14.56 13.26
N ALA A 272 36.89 15.73 12.66
CA ALA A 272 36.80 17.00 13.38
C ALA A 272 35.43 17.16 14.02
N ALA A 273 34.38 16.74 13.32
CA ALA A 273 33.01 16.90 13.79
C ALA A 273 32.72 15.96 14.96
N ARG A 274 33.41 14.81 14.98
CA ARG A 274 33.26 13.84 16.05
C ARG A 274 33.90 14.38 17.33
N VAL A 275 35.08 15.03 17.23
CA VAL A 275 35.66 15.65 18.41
C VAL A 275 34.82 16.85 18.82
N GLY A 276 34.32 17.62 17.84
CA GLY A 276 33.30 18.62 18.13
C GLY A 276 32.17 18.04 18.99
N PHE A 277 31.66 16.86 18.59
CA PHE A 277 30.56 16.22 19.29
C PHE A 277 30.97 15.89 20.72
N SER A 278 32.16 15.31 20.90
CA SER A 278 32.66 14.93 22.22
C SER A 278 32.67 16.13 23.16
N VAL A 279 33.02 17.31 22.65
CA VAL A 279 32.97 18.54 23.44
C VAL A 279 31.52 18.86 23.79
N ALA A 280 30.60 18.65 22.85
CA ALA A 280 29.20 19.00 23.04
C ALA A 280 28.54 18.12 24.12
N VAL A 281 28.75 16.81 24.10
CA VAL A 281 28.23 15.94 25.16
C VAL A 281 28.83 16.34 26.50
N GLY A 282 30.14 16.62 26.49
CA GLY A 282 30.83 17.10 27.69
C GLY A 282 30.14 18.31 28.31
N GLU A 283 29.72 19.26 27.46
CA GLU A 283 29.04 20.46 27.91
C GLU A 283 27.69 20.11 28.56
N HIS A 284 27.05 19.03 28.07
CA HIS A 284 25.77 18.61 28.63
C HIS A 284 25.96 18.02 30.02
N LEU A 285 26.95 17.13 30.18
CA LEU A 285 27.30 16.57 31.48
C LEU A 285 27.68 17.68 32.45
N ALA A 286 28.53 18.62 31.99
CA ALA A 286 29.02 19.72 32.81
C ALA A 286 27.87 20.60 33.31
N ALA A 287 26.82 20.75 32.50
CA ALA A 287 25.70 21.61 32.85
C ALA A 287 24.77 20.92 33.84
N GLY A 288 24.83 19.58 33.88
CA GLY A 288 23.96 18.79 34.75
C GLY A 288 22.77 18.24 33.97
N PRO A 289 22.86 16.98 33.46
CA PRO A 289 21.78 16.40 32.67
C PRO A 289 20.38 16.61 33.25
N THR A 290 20.21 16.30 34.55
CA THR A 290 18.91 16.40 35.19
C THR A 290 18.39 17.84 35.14
N ALA A 291 19.27 18.81 35.40
CA ALA A 291 18.89 20.21 35.43
C ALA A 291 18.47 20.68 34.04
N VAL A 292 19.18 20.21 33.01
CA VAL A 292 18.89 20.57 31.64
C VAL A 292 17.53 19.99 31.24
N ARG A 293 17.26 18.74 31.64
CA ARG A 293 16.02 18.07 31.28
C ARG A 293 14.83 18.72 31.96
N GLU A 294 14.99 19.07 33.25
CA GLU A 294 13.93 19.72 34.01
C GLU A 294 13.60 21.06 33.37
N ARG A 295 14.62 21.74 32.85
CA ARG A 295 14.45 23.05 32.21
C ARG A 295 13.73 22.89 30.87
N LEU A 296 14.04 21.83 30.12
CA LEU A 296 13.40 21.58 28.82
C LEU A 296 11.93 21.23 29.02
N ALA A 297 11.63 20.43 30.06
CA ALA A 297 10.25 20.15 30.42
C ALA A 297 9.49 21.46 30.68
N GLU A 298 10.18 22.40 31.34
CA GLU A 298 9.58 23.67 31.69
C GLU A 298 9.31 24.50 30.44
N VAL A 299 10.27 24.50 29.52
CA VAL A 299 10.15 25.21 28.25
C VAL A 299 8.90 24.75 27.52
N GLY A 300 8.63 23.44 27.53
CA GLY A 300 7.44 22.88 26.90
C GLY A 300 6.15 23.39 27.54
N ARG A 301 6.10 23.38 28.88
CA ARG A 301 4.97 23.88 29.64
C ARG A 301 4.69 25.33 29.25
N LEU A 302 5.71 26.20 29.35
CA LEU A 302 5.58 27.63 29.06
C LEU A 302 5.09 27.83 27.63
N SER A 303 5.63 27.03 26.71
CA SER A 303 5.28 27.12 25.30
C SER A 303 3.78 26.86 25.10
N ARG A 304 3.28 25.81 25.75
CA ARG A 304 1.89 25.37 25.58
C ARG A 304 0.94 26.34 26.28
N GLN A 305 1.38 26.95 27.38
CA GLN A 305 0.60 27.96 28.08
C GLN A 305 0.45 29.22 27.21
N VAL A 306 1.59 29.71 26.70
CA VAL A 306 1.60 30.93 25.90
C VAL A 306 0.77 30.74 24.62
N LEU A 307 0.81 29.53 24.05
CA LEU A 307 0.21 29.26 22.76
C LEU A 307 -1.19 28.67 22.90
N ALA A 308 -1.70 28.58 24.14
CA ALA A 308 -3.02 28.03 24.40
C ALA A 308 -4.11 28.85 23.70
N GLU A 309 -3.88 30.16 23.57
CA GLU A 309 -4.88 31.10 23.11
C GLU A 309 -4.40 31.78 21.82
N VAL A 310 -4.40 31.02 20.72
CA VAL A 310 -4.04 31.54 19.41
C VAL A 310 -5.11 31.12 18.42
N ASP A 311 -5.66 32.10 17.70
CA ASP A 311 -6.73 31.86 16.74
C ASP A 311 -6.14 31.20 15.51
N GLY A 312 -6.68 30.02 15.16
CA GLY A 312 -6.31 29.32 13.95
C GLY A 312 -5.28 28.21 14.19
N TRP A 313 -4.97 27.94 15.47
CA TRP A 313 -3.96 26.97 15.87
C TRP A 313 -4.36 26.34 17.19
N ARG A 314 -4.33 25.00 17.28
CA ARG A 314 -4.50 24.33 18.56
C ARG A 314 -3.22 23.57 18.92
N VAL A 315 -2.88 23.61 20.21
CA VAL A 315 -1.73 22.93 20.79
C VAL A 315 -2.07 21.44 20.89
N VAL A 316 -1.15 20.58 20.44
CA VAL A 316 -1.40 19.15 20.34
C VAL A 316 -1.04 18.45 21.65
N GLU A 317 0.06 18.86 22.29
CA GLU A 317 0.60 18.14 23.44
C GLU A 317 -0.16 18.56 24.69
N PRO A 318 -0.51 17.60 25.59
CA PRO A 318 -0.85 17.94 26.97
C PRO A 318 0.20 18.88 27.54
N VAL A 319 -0.24 19.83 28.38
CA VAL A 319 0.59 20.94 28.81
C VAL A 319 1.81 20.44 29.58
N ASP A 320 1.64 19.39 30.39
CA ASP A 320 2.62 19.01 31.39
C ASP A 320 3.57 17.92 30.86
N GLN A 321 3.59 17.69 29.54
CA GLN A 321 4.52 16.73 28.96
C GLN A 321 5.95 17.21 29.19
N PRO A 322 6.84 16.35 29.74
CA PRO A 322 8.21 16.76 30.06
C PRO A 322 9.14 16.83 28.84
N THR A 323 8.78 17.69 27.88
CA THR A 323 9.54 17.86 26.65
C THR A 323 9.46 19.32 26.22
N ALA A 324 10.38 19.72 25.32
CA ALA A 324 10.43 21.08 24.81
C ALA A 324 9.83 21.15 23.41
N ILE A 325 9.27 20.03 22.94
CA ILE A 325 8.63 19.97 21.63
C ILE A 325 7.15 20.31 21.81
N THR A 326 6.72 21.34 21.09
CA THR A 326 5.32 21.72 21.04
C THR A 326 4.91 21.82 19.57
N THR A 327 3.76 21.21 19.23
CA THR A 327 3.27 21.18 17.86
C THR A 327 1.90 21.83 17.80
N LEU A 328 1.64 22.50 16.67
CA LEU A 328 0.45 23.31 16.46
C LEU A 328 -0.26 22.84 15.19
N GLU A 329 -1.52 22.45 15.32
CA GLU A 329 -2.34 22.02 14.19
C GLU A 329 -3.26 23.17 13.79
N SER A 330 -3.25 23.53 12.49
CA SER A 330 -4.08 24.61 11.99
C SER A 330 -5.56 24.20 12.02
N THR A 331 -6.42 25.11 12.48
CA THR A 331 -7.85 24.85 12.61
C THR A 331 -8.63 25.46 11.44
N ASP A 332 -7.96 26.23 10.57
CA ASP A 332 -8.60 26.74 9.37
C ASP A 332 -7.76 26.41 8.14
N GLY A 333 -7.13 25.23 8.14
CA GLY A 333 -6.51 24.66 6.97
C GLY A 333 -5.32 25.47 6.42
N ALA A 334 -4.58 26.16 7.30
CA ALA A 334 -3.33 26.80 6.92
C ALA A 334 -2.26 25.74 6.68
N ASP A 335 -1.26 26.07 5.86
CA ASP A 335 -0.19 25.15 5.51
C ASP A 335 1.07 25.50 6.32
N PRO A 336 1.47 24.64 7.29
CA PRO A 336 2.64 24.93 8.14
C PRO A 336 3.90 25.33 7.37
N ALA A 337 4.17 24.65 6.25
CA ALA A 337 5.35 24.92 5.45
C ALA A 337 5.39 26.39 5.05
N SER A 338 4.26 26.93 4.58
CA SER A 338 4.19 28.31 4.13
C SER A 338 4.39 29.27 5.31
N VAL A 339 3.80 28.91 6.45
CA VAL A 339 3.89 29.71 7.65
C VAL A 339 5.35 29.77 8.12
N ARG A 340 6.04 28.62 8.05
CA ARG A 340 7.44 28.55 8.42
C ARG A 340 8.28 29.47 7.53
N SER A 341 8.05 29.42 6.21
CA SER A 341 8.78 30.24 5.26
C SER A 341 8.53 31.72 5.55
N TRP A 342 7.28 32.05 5.85
CA TRP A 342 6.89 33.41 6.17
C TRP A 342 7.61 33.85 7.44
N LEU A 343 7.48 33.04 8.50
CA LEU A 343 8.10 33.32 9.79
C LEU A 343 9.59 33.62 9.62
N ILE A 344 10.29 32.84 8.77
CA ILE A 344 11.70 33.05 8.56
C ILE A 344 11.93 34.36 7.80
N ALA A 345 11.32 34.47 6.62
CA ALA A 345 11.59 35.56 5.69
C ALA A 345 11.18 36.91 6.28
N GLU A 346 10.06 36.96 6.99
CA GLU A 346 9.45 38.21 7.41
C GLU A 346 9.71 38.52 8.88
N ARG A 347 9.99 37.50 9.70
CA ARG A 347 10.12 37.72 11.14
C ARG A 347 11.45 37.18 11.69
N GLY A 348 12.20 36.40 10.89
CA GLY A 348 13.44 35.81 11.35
C GLY A 348 13.25 34.77 12.45
N ILE A 349 12.08 34.09 12.42
CA ILE A 349 11.76 33.08 13.42
C ILE A 349 11.87 31.70 12.77
N VAL A 350 12.68 30.83 13.38
CA VAL A 350 12.98 29.53 12.81
C VAL A 350 12.12 28.47 13.51
N THR A 351 11.34 27.74 12.71
CA THR A 351 10.51 26.64 13.16
C THR A 351 10.70 25.48 12.18
N THR A 352 10.00 24.36 12.43
CA THR A 352 9.95 23.25 11.49
C THR A 352 8.48 22.98 11.14
N ALA A 353 8.23 22.66 9.87
CA ALA A 353 6.93 22.20 9.42
C ALA A 353 6.98 20.68 9.21
N CYS A 354 6.18 19.95 9.99
CA CYS A 354 6.16 18.50 9.93
C CYS A 354 5.07 18.04 8.96
N GLU A 355 5.49 17.44 7.84
CA GLU A 355 4.56 16.88 6.87
C GLU A 355 4.12 15.50 7.36
N LEU A 356 3.09 14.94 6.69
CA LEU A 356 2.50 13.66 7.03
C LEU A 356 3.54 12.54 6.94
N ALA A 357 4.44 12.67 5.97
CA ALA A 357 5.47 11.66 5.71
C ALA A 357 6.35 11.39 6.93
N ARG A 358 6.34 12.31 7.91
CA ARG A 358 7.16 12.17 9.11
C ARG A 358 6.64 11.08 10.03
N ALA A 359 5.33 10.84 10.02
CA ALA A 359 4.72 9.76 10.77
C ALA A 359 3.44 9.34 10.06
N PRO A 360 3.54 8.62 8.92
CA PRO A 360 2.40 8.40 8.04
C PRO A 360 1.27 7.55 8.62
N PHE A 361 1.53 6.81 9.71
CA PHE A 361 0.52 5.95 10.29
C PHE A 361 -0.07 6.54 11.57
N GLU A 362 0.13 7.85 11.78
CA GLU A 362 -0.40 8.54 12.94
C GLU A 362 -0.95 9.91 12.54
N MET A 363 -0.19 10.64 11.72
CA MET A 363 -0.52 12.02 11.38
C MET A 363 -1.59 12.02 10.28
N ARG A 364 -2.74 12.66 10.59
CA ARG A 364 -3.80 12.85 9.61
C ARG A 364 -3.68 14.25 9.01
N THR A 365 -3.02 15.18 9.72
CA THR A 365 -2.87 16.55 9.24
C THR A 365 -1.51 17.11 9.70
N PRO A 366 -0.82 17.91 8.86
CA PRO A 366 0.51 18.41 9.19
C PRO A 366 0.50 19.42 10.33
N VAL A 367 1.67 19.71 10.89
CA VAL A 367 1.78 20.54 12.08
C VAL A 367 3.01 21.43 11.97
N LEU A 368 2.95 22.57 12.67
CA LEU A 368 4.10 23.43 12.87
C LEU A 368 4.72 23.10 14.22
N ARG A 369 6.04 22.87 14.24
CA ARG A 369 6.74 22.43 15.43
C ARG A 369 7.69 23.53 15.90
N ILE A 370 7.61 23.86 17.19
CA ILE A 370 8.67 24.61 17.84
C ILE A 370 9.39 23.67 18.83
N SER A 371 10.70 23.87 18.90
CA SER A 371 11.60 23.08 19.73
C SER A 371 12.68 24.01 20.28
N PRO A 372 12.33 24.91 21.22
CA PRO A 372 13.31 25.84 21.79
C PRO A 372 14.18 25.11 22.80
N HIS A 373 15.41 25.59 22.99
CA HIS A 373 16.32 25.03 23.98
C HIS A 373 16.15 25.82 25.28
N VAL A 374 17.10 25.66 26.21
CA VAL A 374 16.92 26.10 27.60
C VAL A 374 16.90 27.63 27.67
N ASP A 375 17.35 28.30 26.60
CA ASP A 375 17.65 29.73 26.63
C ASP A 375 16.43 30.58 26.27
N VAL A 376 15.31 29.95 25.89
CA VAL A 376 14.15 30.70 25.42
C VAL A 376 13.52 31.42 26.62
N THR A 377 12.94 32.61 26.35
CA THR A 377 12.26 33.40 27.36
C THR A 377 10.76 33.42 27.07
N VAL A 378 9.97 33.79 28.08
CA VAL A 378 8.54 33.93 27.91
C VAL A 378 8.26 35.02 26.88
N ASP A 379 9.07 36.09 26.91
CA ASP A 379 8.91 37.19 25.96
C ASP A 379 9.00 36.67 24.53
N GLU A 380 10.02 35.83 24.26
CA GLU A 380 10.26 35.30 22.93
C GLU A 380 9.10 34.40 22.49
N LEU A 381 8.56 33.62 23.43
CA LEU A 381 7.41 32.78 23.15
C LEU A 381 6.20 33.64 22.78
N GLU A 382 6.08 34.82 23.42
CA GLU A 382 4.98 35.74 23.14
C GLU A 382 5.17 36.39 21.76
N GLN A 383 6.42 36.68 21.40
CA GLN A 383 6.72 37.22 20.08
C GLN A 383 6.34 36.24 18.98
N PHE A 384 6.56 34.93 19.24
CA PHE A 384 6.20 33.89 18.30
C PHE A 384 4.67 33.81 18.18
N ALA A 385 3.99 33.75 19.32
CA ALA A 385 2.53 33.76 19.37
C ALA A 385 1.98 34.95 18.57
N ALA A 386 2.57 36.14 18.78
CA ALA A 386 2.13 37.36 18.13
C ALA A 386 2.33 37.28 16.62
N ALA A 387 3.52 36.80 16.20
CA ALA A 387 3.84 36.66 14.79
C ALA A 387 2.92 35.65 14.11
N LEU A 388 2.46 34.66 14.88
CA LEU A 388 1.65 33.58 14.38
C LEU A 388 0.22 34.07 14.11
N ARG A 389 -0.18 35.15 14.79
CA ARG A 389 -1.51 35.72 14.65
C ARG A 389 -1.61 36.59 13.40
N GLU A 390 -0.52 37.29 13.07
CA GLU A 390 -0.53 38.23 11.96
C GLU A 390 0.16 37.61 10.75
N ALA A 391 0.03 36.28 10.61
CA ALA A 391 0.56 35.55 9.46
C ALA A 391 -0.48 35.54 8.35
N PRO A 392 -0.10 35.84 7.07
CA PRO A 392 -1.03 35.87 5.95
C PRO A 392 -1.18 34.51 5.26
N SER B 19 9.08 -5.30 -0.90
CA SER B 19 9.02 -5.00 0.56
C SER B 19 7.74 -5.58 1.14
N HIS B 20 7.81 -6.02 2.41
CA HIS B 20 6.64 -6.41 3.18
C HIS B 20 5.84 -5.15 3.50
N MET B 21 4.51 -5.25 3.47
CA MET B 21 3.66 -4.11 3.77
C MET B 21 3.73 -3.79 5.27
N VAL B 22 4.08 -2.54 5.57
CA VAL B 22 4.19 -2.05 6.93
C VAL B 22 2.79 -1.92 7.51
N MET B 23 2.54 -2.58 8.66
CA MET B 23 1.39 -2.31 9.51
C MET B 23 0.10 -2.70 8.78
N LEU B 24 0.18 -3.84 8.10
CA LEU B 24 -0.95 -4.43 7.38
C LEU B 24 -2.24 -4.36 8.20
N ALA B 25 -2.19 -4.84 9.44
CA ALA B 25 -3.39 -4.91 10.28
C ALA B 25 -3.98 -3.52 10.46
N GLN B 26 -3.14 -2.52 10.72
CA GLN B 26 -3.59 -1.16 10.97
C GLN B 26 -4.13 -0.51 9.70
N GLN B 27 -3.42 -0.66 8.57
CA GLN B 27 -3.88 -0.11 7.30
C GLN B 27 -5.28 -0.62 6.99
N TRP B 28 -5.49 -1.92 7.26
CA TRP B 28 -6.75 -2.58 6.94
C TRP B 28 -7.88 -2.03 7.82
N ARG B 29 -7.62 -1.88 9.12
CA ARG B 29 -8.59 -1.35 10.05
C ARG B 29 -8.99 0.07 9.65
N ASP B 30 -8.00 0.89 9.27
CA ASP B 30 -8.20 2.32 9.06
C ASP B 30 -8.79 2.61 7.68
N ALA B 31 -8.82 1.60 6.79
CA ALA B 31 -9.38 1.78 5.46
C ALA B 31 -10.91 1.65 5.47
N ARG B 32 -11.47 1.31 6.64
CA ARG B 32 -12.87 0.95 6.82
C ARG B 32 -13.48 1.74 7.97
N PRO B 33 -14.82 1.90 8.02
CA PRO B 33 -15.49 2.50 9.18
C PRO B 33 -15.05 1.94 10.54
N LYS B 34 -15.06 2.80 11.56
CA LYS B 34 -14.82 2.36 12.92
C LYS B 34 -15.94 1.39 13.30
N VAL B 35 -15.56 0.26 13.89
CA VAL B 35 -16.51 -0.72 14.39
C VAL B 35 -17.14 -0.18 15.67
N ALA B 36 -18.46 -0.35 15.80
CA ALA B 36 -19.20 0.10 16.96
C ALA B 36 -18.69 -0.63 18.21
N GLY B 37 -18.78 -1.97 18.20
CA GLY B 37 -18.32 -2.77 19.32
C GLY B 37 -17.05 -3.55 18.95
N LEU B 38 -17.21 -4.86 18.72
CA LEU B 38 -16.12 -5.71 18.32
C LEU B 38 -16.64 -6.75 17.33
N HIS B 39 -15.98 -6.81 16.16
CA HIS B 39 -16.45 -7.57 15.01
C HIS B 39 -15.52 -8.76 14.77
N LEU B 40 -16.00 -9.97 15.09
CA LEU B 40 -15.22 -11.18 14.89
C LEU B 40 -15.97 -12.11 13.95
N ASP B 41 -16.41 -11.59 12.80
CA ASP B 41 -17.43 -12.26 12.01
C ASP B 41 -17.27 -11.98 10.51
N SER B 42 -16.01 -11.93 10.03
CA SER B 42 -15.74 -11.67 8.62
C SER B 42 -16.03 -12.91 7.77
N GLY B 43 -16.25 -14.06 8.42
CA GLY B 43 -16.64 -15.28 7.73
C GLY B 43 -18.11 -15.30 7.36
N ALA B 44 -18.92 -14.43 8.00
CA ALA B 44 -20.32 -14.26 7.67
C ALA B 44 -20.50 -13.05 6.78
N CYS B 45 -20.01 -11.90 7.26
CA CYS B 45 -20.03 -10.67 6.48
C CYS B 45 -18.95 -9.74 7.03
N SER B 46 -17.99 -9.38 6.18
CA SER B 46 -16.88 -8.53 6.60
C SER B 46 -17.31 -7.06 6.50
N ARG B 47 -16.33 -6.17 6.29
CA ARG B 47 -16.55 -4.74 6.42
C ARG B 47 -15.92 -4.06 5.21
N GLN B 48 -16.77 -3.37 4.42
CA GLN B 48 -16.34 -2.72 3.19
C GLN B 48 -15.51 -1.48 3.53
N SER B 49 -14.39 -1.31 2.80
CA SER B 49 -13.58 -0.12 2.88
C SER B 49 -14.38 1.09 2.38
N PHE B 50 -13.92 2.30 2.76
CA PHE B 50 -14.52 3.55 2.30
C PHE B 50 -14.52 3.60 0.78
N ALA B 51 -13.40 3.14 0.17
CA ALA B 51 -13.25 3.15 -1.27
C ALA B 51 -14.32 2.27 -1.93
N VAL B 52 -14.56 1.08 -1.36
CA VAL B 52 -15.54 0.14 -1.91
C VAL B 52 -16.94 0.73 -1.79
N ILE B 53 -17.25 1.32 -0.64
CA ILE B 53 -18.56 1.92 -0.41
C ILE B 53 -18.76 3.09 -1.40
N ASP B 54 -17.72 3.90 -1.60
CA ASP B 54 -17.80 5.09 -2.44
C ASP B 54 -17.97 4.70 -3.91
N ALA B 55 -17.23 3.69 -4.36
CA ALA B 55 -17.31 3.22 -5.74
C ALA B 55 -18.72 2.72 -6.06
N THR B 56 -19.36 2.07 -5.07
CA THR B 56 -20.71 1.56 -5.22
C THR B 56 -21.67 2.74 -5.37
N THR B 57 -21.54 3.72 -4.46
CA THR B 57 -22.35 4.91 -4.48
C THR B 57 -22.21 5.65 -5.80
N ALA B 58 -20.97 5.74 -6.29
CA ALA B 58 -20.67 6.48 -7.50
C ALA B 58 -21.39 5.86 -8.69
N HIS B 59 -21.39 4.54 -8.78
CA HIS B 59 -22.02 3.87 -9.91
C HIS B 59 -23.51 4.19 -9.94
N ALA B 60 -24.15 4.16 -8.76
CA ALA B 60 -25.57 4.45 -8.64
C ALA B 60 -25.88 5.87 -9.09
N ARG B 61 -24.99 6.81 -8.74
CA ARG B 61 -25.10 8.19 -9.18
C ARG B 61 -24.97 8.25 -10.70
N HIS B 62 -23.95 7.55 -11.24
CA HIS B 62 -23.69 7.57 -12.67
C HIS B 62 -24.89 7.01 -13.44
N GLU B 63 -25.58 6.02 -12.88
CA GLU B 63 -26.78 5.47 -13.51
C GLU B 63 -27.82 6.57 -13.72
N ALA B 64 -27.90 7.50 -12.75
CA ALA B 64 -28.87 8.58 -12.76
C ALA B 64 -28.48 9.66 -13.78
N GLU B 65 -27.17 9.81 -14.03
CA GLU B 65 -26.67 10.88 -14.88
C GLU B 65 -26.77 10.49 -16.36
N VAL B 66 -26.32 9.28 -16.70
CA VAL B 66 -26.13 8.91 -18.10
C VAL B 66 -27.02 7.74 -18.51
N GLY B 67 -27.77 7.15 -17.55
CA GLY B 67 -28.59 5.97 -17.83
C GLY B 67 -27.95 4.69 -17.30
N GLY B 68 -28.77 3.80 -16.75
CA GLY B 68 -28.31 2.62 -16.03
C GLY B 68 -27.43 1.68 -16.85
N TYR B 69 -27.80 1.45 -18.12
CA TYR B 69 -27.11 0.49 -18.96
C TYR B 69 -25.89 1.14 -19.62
N VAL B 70 -26.01 2.43 -19.94
CA VAL B 70 -24.84 3.15 -20.45
C VAL B 70 -23.80 3.24 -19.33
N ALA B 71 -24.24 3.48 -18.08
CA ALA B 71 -23.35 3.44 -16.93
C ALA B 71 -22.69 2.06 -16.80
N ALA B 72 -23.48 0.99 -17.00
CA ALA B 72 -22.99 -0.38 -16.87
C ALA B 72 -21.94 -0.68 -17.93
N GLU B 73 -22.21 -0.28 -19.18
CA GLU B 73 -21.27 -0.43 -20.28
C GLU B 73 -19.96 0.27 -19.92
N ALA B 74 -20.05 1.51 -19.43
CA ALA B 74 -18.88 2.31 -19.12
C ALA B 74 -18.07 1.71 -17.97
N ALA B 75 -18.68 0.84 -17.16
CA ALA B 75 -18.01 0.24 -16.02
C ALA B 75 -17.31 -1.07 -16.39
N THR B 76 -17.37 -1.46 -17.67
CA THR B 76 -16.79 -2.72 -18.14
C THR B 76 -15.33 -2.87 -17.72
N PRO B 77 -14.47 -1.82 -17.81
CA PRO B 77 -13.09 -1.92 -17.35
C PRO B 77 -12.94 -2.38 -15.91
N ALA B 78 -13.76 -1.83 -15.01
CA ALA B 78 -13.73 -2.18 -13.60
C ALA B 78 -14.17 -3.63 -13.41
N LEU B 79 -15.30 -3.97 -14.05
CA LEU B 79 -15.88 -5.31 -13.98
C LEU B 79 -14.87 -6.36 -14.45
N ASP B 80 -14.22 -6.10 -15.61
CA ASP B 80 -13.27 -7.03 -16.20
C ASP B 80 -12.03 -7.17 -15.30
N ALA B 81 -11.62 -6.07 -14.66
CA ALA B 81 -10.50 -6.08 -13.73
C ALA B 81 -10.79 -7.02 -12.56
N GLY B 82 -12.05 -6.97 -12.08
CA GLY B 82 -12.52 -7.87 -11.05
C GLY B 82 -12.45 -9.35 -11.46
N ARG B 83 -12.85 -9.65 -12.70
CA ARG B 83 -12.75 -11.00 -13.23
C ARG B 83 -11.29 -11.43 -13.28
N ALA B 84 -10.42 -10.50 -13.69
CA ALA B 84 -9.00 -10.77 -13.90
C ALA B 84 -8.32 -11.02 -12.56
N ALA B 85 -8.69 -10.25 -11.53
CA ALA B 85 -8.14 -10.40 -10.19
C ALA B 85 -8.50 -11.77 -9.63
N VAL B 86 -9.80 -12.10 -9.71
CA VAL B 86 -10.31 -13.40 -9.28
C VAL B 86 -9.55 -14.51 -10.02
N ALA B 87 -9.46 -14.37 -11.35
CA ALA B 87 -8.78 -15.33 -12.20
C ALA B 87 -7.35 -15.60 -11.71
N SER B 88 -6.64 -14.54 -11.30
CA SER B 88 -5.25 -14.68 -10.90
C SER B 88 -5.12 -15.46 -9.59
N LEU B 89 -6.14 -15.35 -8.73
CA LEU B 89 -6.14 -16.01 -7.44
C LEU B 89 -6.41 -17.50 -7.57
N ILE B 90 -7.12 -17.91 -8.63
CA ILE B 90 -7.53 -19.30 -8.79
C ILE B 90 -6.77 -19.96 -9.94
N GLY B 91 -5.95 -19.19 -10.66
CA GLY B 91 -5.15 -19.72 -11.75
C GLY B 91 -6.00 -20.02 -12.99
N PHE B 92 -7.02 -19.20 -13.23
CA PHE B 92 -7.86 -19.30 -14.41
C PHE B 92 -7.58 -18.11 -15.32
N ALA B 93 -8.31 -18.03 -16.43
CA ALA B 93 -8.34 -16.83 -17.26
C ALA B 93 -9.52 -15.94 -16.87
N ALA B 94 -9.35 -14.62 -17.06
CA ALA B 94 -10.38 -13.65 -16.75
C ALA B 94 -11.70 -13.99 -17.46
N SER B 95 -11.62 -14.55 -18.66
CA SER B 95 -12.79 -14.78 -19.49
C SER B 95 -13.51 -16.06 -19.07
N ASP B 96 -12.94 -16.79 -18.11
CA ASP B 96 -13.59 -17.94 -17.50
C ASP B 96 -14.51 -17.52 -16.36
N VAL B 97 -14.45 -16.24 -15.95
CA VAL B 97 -15.04 -15.80 -14.69
C VAL B 97 -16.32 -15.01 -14.98
N VAL B 98 -17.35 -15.31 -14.17
CA VAL B 98 -18.68 -14.77 -14.31
C VAL B 98 -19.16 -14.30 -12.93
N TYR B 99 -20.02 -13.28 -12.92
CA TYR B 99 -20.58 -12.75 -11.68
C TYR B 99 -21.90 -13.47 -11.37
N THR B 100 -22.17 -13.63 -10.07
CA THR B 100 -23.41 -14.21 -9.54
C THR B 100 -23.88 -13.38 -8.34
N SER B 101 -24.98 -13.81 -7.71
CA SER B 101 -25.51 -13.17 -6.50
C SER B 101 -24.76 -13.64 -5.26
N GLY B 102 -23.95 -14.70 -5.42
CA GLY B 102 -23.27 -15.32 -4.28
C GLY B 102 -22.90 -16.76 -4.63
N SER B 103 -22.54 -17.54 -3.61
CA SER B 103 -22.00 -18.87 -3.81
C SER B 103 -23.11 -19.89 -4.06
N ASN B 104 -24.25 -19.75 -3.37
CA ASN B 104 -25.36 -20.69 -3.53
C ASN B 104 -25.99 -20.50 -4.91
N HIS B 105 -26.05 -19.24 -5.38
CA HIS B 105 -26.43 -18.98 -6.76
C HIS B 105 -25.48 -19.72 -7.70
N ALA B 106 -24.18 -19.63 -7.40
CA ALA B 106 -23.13 -20.21 -8.23
C ALA B 106 -23.31 -21.71 -8.37
N ILE B 107 -23.44 -22.43 -7.24
CA ILE B 107 -23.46 -23.88 -7.29
C ILE B 107 -24.70 -24.34 -8.04
N ASP B 108 -25.80 -23.60 -7.88
CA ASP B 108 -27.04 -23.94 -8.54
C ASP B 108 -26.90 -23.74 -10.06
N LEU B 109 -26.29 -22.62 -10.46
CA LEU B 109 -26.05 -22.35 -11.87
C LEU B 109 -25.27 -23.51 -12.50
N LEU B 110 -24.27 -24.01 -11.78
CA LEU B 110 -23.36 -25.02 -12.29
C LEU B 110 -24.05 -26.38 -12.35
N LEU B 111 -24.61 -26.83 -11.22
CA LEU B 111 -25.22 -28.15 -11.11
C LEU B 111 -26.46 -28.27 -12.00
N SER B 112 -27.23 -27.18 -12.13
CA SER B 112 -28.42 -27.20 -12.97
C SER B 112 -28.03 -27.26 -14.45
N SER B 113 -26.76 -26.96 -14.76
CA SER B 113 -26.27 -26.92 -16.13
C SER B 113 -25.54 -28.22 -16.50
N TRP B 114 -25.38 -29.12 -15.52
CA TRP B 114 -24.48 -30.25 -15.66
C TRP B 114 -25.05 -31.30 -16.61
N PRO B 115 -24.29 -31.73 -17.64
CA PRO B 115 -24.76 -32.72 -18.61
C PRO B 115 -24.51 -34.16 -18.20
N GLY B 116 -25.36 -35.07 -18.69
CA GLY B 116 -25.17 -36.50 -18.51
C GLY B 116 -25.44 -36.95 -17.08
N LYS B 117 -24.71 -37.99 -16.65
CA LYS B 117 -24.93 -38.64 -15.37
C LYS B 117 -24.60 -37.65 -14.25
N ARG B 118 -25.56 -37.46 -13.33
CA ARG B 118 -25.40 -36.52 -12.23
C ARG B 118 -25.10 -37.26 -10.95
N THR B 119 -23.83 -37.63 -10.77
CA THR B 119 -23.33 -38.19 -9.51
C THR B 119 -22.14 -37.35 -9.06
N LEU B 120 -21.93 -37.26 -7.75
CA LEU B 120 -20.74 -36.58 -7.25
C LEU B 120 -20.32 -37.17 -5.90
N ALA B 121 -19.08 -36.87 -5.52
CA ALA B 121 -18.59 -37.11 -4.18
C ALA B 121 -18.22 -35.79 -3.55
N CYS B 122 -18.48 -35.66 -2.24
CA CYS B 122 -18.14 -34.47 -1.47
C CYS B 122 -17.77 -34.89 -0.05
N LEU B 123 -17.42 -33.91 0.78
CA LEU B 123 -17.09 -34.17 2.17
C LEU B 123 -18.38 -34.43 2.95
N PRO B 124 -18.33 -35.20 4.06
CA PRO B 124 -19.48 -35.31 4.97
C PRO B 124 -19.82 -33.98 5.63
N GLY B 125 -18.80 -33.10 5.77
CA GLY B 125 -19.02 -31.77 6.30
C GLY B 125 -19.54 -30.78 5.26
N GLU B 126 -20.07 -31.28 4.14
CA GLU B 126 -20.55 -30.41 3.07
C GLU B 126 -21.61 -29.46 3.63
N TYR B 127 -21.63 -28.25 3.06
CA TYR B 127 -22.50 -27.17 3.49
C TYR B 127 -23.95 -27.56 3.21
N GLY B 128 -24.82 -27.42 4.23
CA GLY B 128 -26.20 -27.84 4.15
C GLY B 128 -26.89 -27.34 2.87
N PRO B 129 -26.90 -26.02 2.62
CA PRO B 129 -27.47 -25.49 1.38
C PRO B 129 -26.81 -25.94 0.07
N ASN B 130 -25.56 -26.41 0.14
CA ASN B 130 -24.93 -27.03 -1.02
C ASN B 130 -25.62 -28.38 -1.28
N LEU B 131 -25.80 -29.18 -0.23
CA LEU B 131 -26.49 -30.47 -0.34
C LEU B 131 -27.91 -30.26 -0.86
N SER B 132 -28.54 -29.18 -0.39
CA SER B 132 -29.87 -28.80 -0.85
C SER B 132 -29.88 -28.61 -2.37
N ALA B 133 -28.92 -27.83 -2.86
CA ALA B 133 -28.83 -27.52 -4.28
C ALA B 133 -28.51 -28.79 -5.10
N MET B 134 -27.67 -29.65 -4.52
CA MET B 134 -27.29 -30.92 -5.13
C MET B 134 -28.53 -31.79 -5.34
N ALA B 135 -29.30 -31.98 -4.26
CA ALA B 135 -30.50 -32.80 -4.29
C ALA B 135 -31.51 -32.24 -5.27
N ALA B 136 -31.69 -30.90 -5.24
CA ALA B 136 -32.66 -30.22 -6.08
C ALA B 136 -32.31 -30.35 -7.56
N ASN B 137 -31.04 -30.65 -7.86
CA ASN B 137 -30.59 -30.78 -9.24
C ASN B 137 -30.42 -32.25 -9.61
N GLY B 138 -30.96 -33.15 -8.78
CA GLY B 138 -31.04 -34.56 -9.10
C GLY B 138 -29.70 -35.29 -9.03
N PHE B 139 -28.78 -34.78 -8.19
CA PHE B 139 -27.49 -35.42 -8.03
C PHE B 139 -27.56 -36.52 -6.96
N GLN B 140 -26.86 -37.62 -7.21
CA GLN B 140 -26.52 -38.59 -6.18
C GLN B 140 -25.19 -38.19 -5.55
N VAL B 141 -25.14 -38.24 -4.21
CA VAL B 141 -24.06 -37.66 -3.45
C VAL B 141 -23.43 -38.75 -2.59
N ARG B 142 -22.13 -38.96 -2.77
CA ARG B 142 -21.36 -39.90 -1.96
C ARG B 142 -20.35 -39.12 -1.11
N ALA B 143 -20.07 -39.64 0.09
CA ALA B 143 -19.11 -39.04 1.00
C ALA B 143 -17.69 -39.44 0.59
N LEU B 144 -16.75 -38.52 0.76
CA LEU B 144 -15.33 -38.82 0.65
C LEU B 144 -14.82 -39.27 2.01
N PRO B 145 -13.76 -40.12 2.07
CA PRO B 145 -13.15 -40.50 3.34
C PRO B 145 -12.39 -39.34 3.97
N VAL B 146 -12.55 -39.18 5.29
CA VAL B 146 -11.97 -38.07 6.03
C VAL B 146 -11.43 -38.60 7.36
N ASP B 147 -10.51 -37.83 7.96
CA ASP B 147 -10.02 -38.12 9.30
C ASP B 147 -11.04 -37.59 10.31
N ASP B 148 -10.65 -37.54 11.60
CA ASP B 148 -11.57 -37.20 12.67
C ASP B 148 -11.94 -35.72 12.65
N ASP B 149 -11.12 -34.88 11.98
CA ASP B 149 -11.39 -33.45 11.89
C ASP B 149 -12.28 -33.13 10.69
N GLY B 150 -12.53 -34.13 9.82
CA GLY B 150 -13.32 -33.92 8.61
C GLY B 150 -12.44 -33.58 7.41
N ARG B 151 -11.13 -33.77 7.56
CA ARG B 151 -10.15 -33.45 6.53
C ARG B 151 -9.97 -34.66 5.61
N VAL B 152 -10.07 -34.43 4.30
CA VAL B 152 -10.09 -35.52 3.33
C VAL B 152 -8.77 -36.30 3.41
N LEU B 153 -8.90 -37.63 3.28
CA LEU B 153 -7.76 -38.52 3.15
C LEU B 153 -7.53 -38.78 1.66
N VAL B 154 -6.48 -38.18 1.11
CA VAL B 154 -6.33 -38.06 -0.34
C VAL B 154 -6.04 -39.44 -0.94
N ASP B 155 -5.17 -40.23 -0.29
CA ASP B 155 -4.81 -41.54 -0.80
C ASP B 155 -6.03 -42.44 -0.86
N GLU B 156 -6.77 -42.55 0.25
CA GLU B 156 -7.98 -43.35 0.30
C GLU B 156 -8.95 -42.90 -0.79
N ALA B 157 -9.16 -41.57 -0.88
CA ALA B 157 -10.05 -40.99 -1.86
C ALA B 157 -9.63 -41.38 -3.27
N SER B 158 -8.31 -41.39 -3.51
CA SER B 158 -7.74 -41.76 -4.80
C SER B 158 -8.21 -43.16 -5.19
N HIS B 159 -8.03 -44.13 -4.28
CA HIS B 159 -8.39 -45.52 -4.55
C HIS B 159 -9.90 -45.62 -4.80
N GLU B 160 -10.66 -44.96 -3.94
CA GLU B 160 -12.12 -45.05 -3.94
C GLU B 160 -12.67 -44.55 -5.28
N LEU B 161 -12.10 -43.44 -5.79
CA LEU B 161 -12.59 -42.79 -6.99
C LEU B 161 -12.18 -43.57 -8.25
N SER B 162 -11.07 -44.30 -8.18
CA SER B 162 -10.61 -45.13 -9.29
C SER B 162 -11.53 -46.34 -9.45
N ALA B 163 -11.85 -46.97 -8.33
CA ALA B 163 -12.71 -48.16 -8.30
C ALA B 163 -14.14 -47.76 -8.65
N HIS B 164 -14.66 -46.74 -7.95
CA HIS B 164 -16.04 -46.31 -8.10
C HIS B 164 -16.07 -44.85 -8.52
N PRO B 165 -15.96 -44.56 -9.84
CA PRO B 165 -15.89 -43.18 -10.32
C PRO B 165 -17.22 -42.44 -10.20
N VAL B 166 -17.16 -41.14 -10.44
CA VAL B 166 -18.26 -40.23 -10.20
C VAL B 166 -18.11 -39.10 -11.21
N ALA B 167 -19.20 -38.38 -11.51
CA ALA B 167 -19.19 -37.40 -12.59
C ALA B 167 -18.35 -36.18 -12.20
N LEU B 168 -18.40 -35.76 -10.93
CA LEU B 168 -17.56 -34.68 -10.44
C LEU B 168 -17.33 -34.82 -8.94
N VAL B 169 -16.26 -34.20 -8.46
CA VAL B 169 -16.02 -34.07 -7.04
C VAL B 169 -16.26 -32.61 -6.65
N HIS B 170 -17.03 -32.41 -5.58
CA HIS B 170 -17.26 -31.09 -5.05
C HIS B 170 -16.52 -30.96 -3.73
N LEU B 171 -15.52 -30.07 -3.69
CA LEU B 171 -14.73 -29.84 -2.49
C LEU B 171 -15.02 -28.44 -1.96
N THR B 172 -15.52 -28.38 -0.72
CA THR B 172 -15.54 -27.14 0.03
C THR B 172 -14.21 -27.05 0.77
N ALA B 173 -13.33 -26.19 0.24
CA ALA B 173 -11.92 -26.17 0.62
C ALA B 173 -11.76 -25.61 2.03
N LEU B 174 -12.73 -24.79 2.46
CA LEU B 174 -12.81 -24.32 3.83
C LEU B 174 -14.29 -24.18 4.19
N ALA B 175 -14.69 -24.89 5.25
CA ALA B 175 -16.09 -25.04 5.62
C ALA B 175 -16.56 -23.83 6.42
N SER B 176 -17.88 -23.58 6.40
CA SER B 176 -18.45 -22.46 7.13
C SER B 176 -18.43 -22.76 8.62
N HIS B 177 -18.48 -24.05 8.98
CA HIS B 177 -18.73 -24.47 10.35
C HIS B 177 -17.46 -24.92 11.06
N ARG B 178 -16.32 -24.96 10.36
CA ARG B 178 -15.08 -25.42 10.98
C ARG B 178 -13.89 -24.97 10.15
N GLY B 179 -12.81 -24.58 10.85
CA GLY B 179 -11.68 -23.88 10.24
C GLY B 179 -10.56 -24.80 9.79
N ILE B 180 -10.92 -26.00 9.30
CA ILE B 180 -9.96 -26.94 8.73
C ILE B 180 -9.67 -26.53 7.29
N ALA B 181 -8.38 -26.43 6.95
CA ALA B 181 -7.96 -26.18 5.58
C ALA B 181 -7.77 -27.51 4.85
N GLN B 182 -8.56 -27.72 3.79
CA GLN B 182 -8.55 -28.99 3.08
C GLN B 182 -7.39 -29.02 2.10
N PRO B 183 -6.71 -30.18 1.92
CA PRO B 183 -5.62 -30.29 0.94
C PRO B 183 -6.15 -30.29 -0.50
N ALA B 184 -6.58 -29.11 -0.94
CA ALA B 184 -7.29 -28.95 -2.20
C ALA B 184 -6.41 -29.42 -3.36
N ALA B 185 -5.17 -28.92 -3.42
CA ALA B 185 -4.29 -29.18 -4.55
C ALA B 185 -4.04 -30.68 -4.72
N GLU B 186 -3.78 -31.39 -3.61
CA GLU B 186 -3.48 -32.81 -3.65
C GLU B 186 -4.71 -33.58 -4.12
N LEU B 187 -5.89 -33.18 -3.63
CA LEU B 187 -7.13 -33.85 -3.99
C LEU B 187 -7.44 -33.62 -5.47
N VAL B 188 -7.12 -32.43 -5.97
CA VAL B 188 -7.40 -32.10 -7.36
C VAL B 188 -6.65 -33.05 -8.27
N GLU B 189 -5.36 -33.29 -7.98
CA GLU B 189 -4.54 -34.10 -8.88
C GLU B 189 -4.97 -35.57 -8.77
N ALA B 190 -5.40 -35.99 -7.57
CA ALA B 190 -5.93 -37.33 -7.37
C ALA B 190 -7.16 -37.56 -8.25
N CYS B 191 -8.06 -36.57 -8.28
CA CYS B 191 -9.30 -36.65 -9.05
C CYS B 191 -9.00 -36.63 -10.54
N HIS B 192 -8.06 -35.77 -10.95
CA HIS B 192 -7.69 -35.66 -12.35
C HIS B 192 -7.03 -36.94 -12.85
N ASN B 193 -6.26 -37.61 -11.97
CA ASN B 193 -5.65 -38.89 -12.27
C ASN B 193 -6.73 -39.95 -12.53
N ALA B 194 -7.87 -39.84 -11.83
CA ALA B 194 -9.00 -40.74 -12.03
C ALA B 194 -9.94 -40.23 -13.12
N GLY B 195 -9.60 -39.09 -13.72
CA GLY B 195 -10.34 -38.54 -14.86
C GLY B 195 -11.62 -37.82 -14.45
N ILE B 196 -11.64 -37.28 -13.22
CA ILE B 196 -12.85 -36.68 -12.66
C ILE B 196 -12.61 -35.19 -12.42
N PRO B 197 -13.48 -34.30 -12.96
CA PRO B 197 -13.36 -32.86 -12.70
C PRO B 197 -13.69 -32.51 -11.25
N VAL B 198 -13.18 -31.35 -10.80
CA VAL B 198 -13.33 -30.92 -9.42
C VAL B 198 -13.90 -29.51 -9.39
N VAL B 199 -14.98 -29.35 -8.61
CA VAL B 199 -15.58 -28.06 -8.32
C VAL B 199 -15.23 -27.67 -6.89
N ILE B 200 -14.84 -26.41 -6.67
CA ILE B 200 -14.44 -25.97 -5.34
C ILE B 200 -15.36 -24.85 -4.87
N ASP B 201 -15.92 -25.04 -3.65
CA ASP B 201 -16.62 -24.01 -2.93
C ASP B 201 -15.58 -23.21 -2.14
N ALA B 202 -15.27 -22.02 -2.64
CA ALA B 202 -14.24 -21.17 -2.06
C ALA B 202 -14.87 -19.92 -1.44
N ALA B 203 -16.09 -20.07 -0.91
CA ALA B 203 -16.80 -18.97 -0.28
C ALA B 203 -16.00 -18.44 0.91
N GLN B 204 -15.44 -19.39 1.67
CA GLN B 204 -14.64 -19.11 2.85
C GLN B 204 -13.17 -19.03 2.44
N ALA B 205 -12.78 -19.77 1.40
CA ALA B 205 -11.38 -20.00 1.08
C ALA B 205 -10.77 -18.86 0.27
N LEU B 206 -11.55 -18.23 -0.62
CA LEU B 206 -11.00 -17.21 -1.50
C LEU B 206 -10.64 -15.98 -0.66
N GLY B 207 -9.38 -15.55 -0.78
CA GLY B 207 -8.83 -14.46 0.00
C GLY B 207 -8.27 -14.93 1.35
N HIS B 208 -8.11 -16.26 1.49
CA HIS B 208 -7.91 -16.88 2.79
C HIS B 208 -6.96 -18.07 2.68
N LEU B 209 -7.28 -18.99 1.76
CA LEU B 209 -6.41 -20.10 1.40
C LEU B 209 -5.87 -19.85 -0.02
N ASP B 210 -4.75 -20.52 -0.36
CA ASP B 210 -4.27 -20.53 -1.73
C ASP B 210 -5.25 -21.35 -2.56
N CYS B 211 -6.01 -20.66 -3.44
CA CYS B 211 -7.05 -21.28 -4.25
C CYS B 211 -6.55 -21.54 -5.68
N ASN B 212 -5.24 -21.40 -5.91
CA ASN B 212 -4.65 -21.74 -7.19
C ASN B 212 -4.20 -23.20 -7.14
N VAL B 213 -5.10 -24.12 -7.52
CA VAL B 213 -4.93 -25.54 -7.21
C VAL B 213 -5.40 -26.42 -8.37
N GLY B 214 -5.65 -25.84 -9.55
CA GLY B 214 -5.88 -26.62 -10.75
C GLY B 214 -7.32 -27.08 -10.93
N ALA B 215 -8.26 -26.50 -10.15
CA ALA B 215 -9.66 -26.92 -10.17
C ALA B 215 -10.30 -26.62 -11.52
N ASP B 216 -11.41 -27.30 -11.81
CA ASP B 216 -12.12 -27.14 -13.07
C ASP B 216 -13.18 -26.05 -12.96
N ALA B 217 -13.72 -25.86 -11.74
CA ALA B 217 -14.60 -24.74 -11.45
C ALA B 217 -14.41 -24.31 -10.01
N VAL B 218 -14.56 -23.00 -9.76
CA VAL B 218 -14.44 -22.43 -8.42
C VAL B 218 -15.50 -21.32 -8.29
N TYR B 219 -16.07 -21.18 -7.09
CA TYR B 219 -16.99 -20.08 -6.83
C TYR B 219 -16.76 -19.53 -5.42
N SER B 220 -17.22 -18.30 -5.20
CA SER B 220 -17.04 -17.61 -3.94
C SER B 220 -18.01 -16.43 -3.81
N SER B 221 -18.02 -15.84 -2.61
CA SER B 221 -18.90 -14.74 -2.25
C SER B 221 -18.07 -13.48 -2.03
N SER B 222 -18.68 -12.33 -2.36
CA SER B 222 -18.06 -11.03 -2.25
C SER B 222 -17.84 -10.60 -0.81
N ARG B 223 -18.83 -10.88 0.06
CA ARG B 223 -19.00 -10.18 1.31
C ARG B 223 -18.11 -10.72 2.42
N LYS B 224 -17.40 -11.82 2.17
CA LYS B 224 -16.66 -12.50 3.23
C LYS B 224 -15.24 -11.93 3.26
N TRP B 225 -14.22 -12.77 3.04
CA TRP B 225 -12.84 -12.37 3.35
C TRP B 225 -12.33 -11.27 2.42
N LEU B 226 -12.92 -11.13 1.23
CA LEU B 226 -12.53 -10.09 0.29
C LEU B 226 -13.20 -8.76 0.64
N ALA B 227 -14.14 -8.79 1.60
CA ALA B 227 -14.77 -7.59 2.13
C ALA B 227 -15.40 -6.77 1.01
N GLY B 228 -16.15 -7.44 0.13
CA GLY B 228 -16.87 -6.75 -0.93
C GLY B 228 -18.31 -6.49 -0.52
N PRO B 229 -19.12 -5.85 -1.38
CA PRO B 229 -20.55 -5.68 -1.11
C PRO B 229 -21.30 -7.02 -1.10
N ARG B 230 -22.47 -7.01 -0.46
CA ARG B 230 -23.35 -8.17 -0.44
C ARG B 230 -24.05 -8.30 -1.78
N GLY B 231 -24.49 -9.52 -2.10
CA GLY B 231 -25.31 -9.77 -3.26
C GLY B 231 -24.47 -9.99 -4.52
N VAL B 232 -23.17 -10.27 -4.32
CA VAL B 232 -22.25 -10.56 -5.41
C VAL B 232 -21.50 -11.84 -5.04
N GLY B 233 -21.30 -12.68 -6.06
CA GLY B 233 -20.41 -13.81 -6.00
C GLY B 233 -19.73 -13.95 -7.36
N VAL B 234 -18.84 -14.93 -7.48
CA VAL B 234 -18.19 -15.21 -8.74
C VAL B 234 -18.21 -16.72 -8.99
N LEU B 235 -18.34 -17.10 -10.26
CA LEU B 235 -18.21 -18.49 -10.68
C LEU B 235 -17.23 -18.54 -11.85
N ALA B 236 -16.20 -19.38 -11.72
CA ALA B 236 -15.21 -19.58 -12.78
C ALA B 236 -15.26 -21.03 -13.25
N VAL B 237 -15.31 -21.21 -14.58
CA VAL B 237 -15.36 -22.53 -15.19
C VAL B 237 -14.35 -22.59 -16.34
N ARG B 238 -13.55 -23.66 -16.37
CA ARG B 238 -12.57 -23.88 -17.44
C ARG B 238 -13.30 -24.01 -18.78
N PRO B 239 -12.72 -23.51 -19.89
CA PRO B 239 -13.40 -23.51 -21.19
C PRO B 239 -13.85 -24.88 -21.69
N GLU B 240 -13.03 -25.91 -21.40
CA GLU B 240 -13.31 -27.27 -21.85
C GLU B 240 -14.60 -27.76 -21.19
N LEU B 241 -14.75 -27.44 -19.91
CA LEU B 241 -15.91 -27.81 -19.12
C LEU B 241 -17.09 -26.91 -19.51
N ALA B 242 -16.86 -25.60 -19.50
CA ALA B 242 -17.90 -24.62 -19.77
C ALA B 242 -18.70 -24.99 -21.02
N GLU B 243 -18.02 -25.39 -22.10
CA GLU B 243 -18.69 -25.61 -23.38
C GLU B 243 -19.49 -26.91 -23.37
N ARG B 244 -19.20 -27.82 -22.42
CA ARG B 244 -19.98 -29.03 -22.25
C ARG B 244 -21.30 -28.77 -21.52
N LEU B 245 -21.38 -27.63 -20.80
CA LEU B 245 -22.52 -27.34 -19.93
C LEU B 245 -23.75 -26.96 -20.75
N GLN B 246 -24.92 -27.18 -20.13
CA GLN B 246 -26.20 -26.99 -20.78
C GLN B 246 -27.11 -26.18 -19.87
N PRO B 247 -27.03 -24.83 -19.89
CA PRO B 247 -27.81 -23.99 -18.97
C PRO B 247 -29.31 -24.25 -18.99
N ARG B 248 -29.93 -24.06 -17.81
CA ARG B 248 -31.35 -24.23 -17.59
C ARG B 248 -32.12 -23.10 -18.28
N ILE B 249 -31.64 -21.86 -18.13
CA ILE B 249 -32.25 -20.67 -18.70
C ILE B 249 -31.17 -19.90 -19.47
N PRO B 250 -31.40 -19.51 -20.74
CA PRO B 250 -32.53 -19.96 -21.54
C PRO B 250 -32.48 -21.46 -21.85
N PRO B 251 -33.61 -22.07 -22.29
CA PRO B 251 -33.62 -23.49 -22.64
C PRO B 251 -32.65 -23.77 -23.79
N SER B 252 -32.07 -24.97 -23.79
CA SER B 252 -30.92 -25.32 -24.60
C SER B 252 -31.19 -25.20 -26.10
N ASP B 253 -32.46 -25.32 -26.50
CA ASP B 253 -32.89 -24.89 -27.83
C ASP B 253 -33.12 -23.38 -27.81
N TRP B 254 -32.02 -22.64 -27.69
CA TRP B 254 -32.04 -21.20 -27.47
C TRP B 254 -31.87 -20.48 -28.81
N PRO B 255 -32.88 -19.69 -29.27
CA PRO B 255 -32.77 -18.92 -30.50
C PRO B 255 -31.75 -17.77 -30.45
N ILE B 256 -31.66 -17.09 -29.30
CA ILE B 256 -30.64 -16.07 -29.10
C ILE B 256 -29.29 -16.77 -28.95
N PRO B 257 -28.30 -16.51 -29.83
CA PRO B 257 -27.00 -17.19 -29.76
C PRO B 257 -26.04 -16.53 -28.77
N MET B 258 -25.78 -17.21 -27.65
CA MET B 258 -24.79 -16.74 -26.69
C MET B 258 -24.07 -17.93 -26.07
N SER B 259 -22.85 -17.68 -25.58
CA SER B 259 -22.04 -18.72 -24.98
C SER B 259 -22.67 -19.18 -23.66
N VAL B 260 -22.16 -20.30 -23.14
CA VAL B 260 -22.63 -20.83 -21.88
C VAL B 260 -22.43 -19.79 -20.77
N LEU B 261 -21.23 -19.20 -20.70
CA LEU B 261 -20.90 -18.27 -19.63
C LEU B 261 -21.78 -17.02 -19.71
N GLU B 262 -22.11 -16.58 -20.93
CA GLU B 262 -23.00 -15.46 -21.12
C GLU B 262 -24.39 -15.77 -20.55
N LYS B 263 -24.84 -17.02 -20.76
CA LYS B 263 -26.14 -17.47 -20.25
C LYS B 263 -26.15 -17.51 -18.73
N LEU B 264 -25.06 -18.03 -18.13
CA LEU B 264 -24.99 -18.16 -16.69
C LEU B 264 -24.91 -16.79 -16.01
N GLU B 265 -24.47 -15.76 -16.74
CA GLU B 265 -24.32 -14.42 -16.18
C GLU B 265 -25.54 -13.55 -16.50
N LEU B 266 -26.53 -14.12 -17.18
CA LEU B 266 -27.73 -13.40 -17.58
C LEU B 266 -28.55 -13.03 -16.32
N GLY B 267 -29.06 -11.80 -16.26
CA GLY B 267 -30.05 -11.45 -15.25
C GLY B 267 -29.82 -10.08 -14.60
N GLU B 268 -30.92 -9.43 -14.23
CA GLU B 268 -30.91 -8.22 -13.41
C GLU B 268 -30.10 -8.49 -12.14
N HIS B 269 -29.28 -7.51 -11.77
CA HIS B 269 -28.33 -7.61 -10.67
C HIS B 269 -28.01 -6.20 -10.20
N ASN B 270 -27.29 -6.06 -9.09
CA ASN B 270 -26.82 -4.75 -8.68
C ASN B 270 -25.44 -4.53 -9.27
N ALA B 271 -25.39 -3.76 -10.37
CA ALA B 271 -24.15 -3.50 -11.08
C ALA B 271 -23.19 -2.72 -10.20
N ALA B 272 -23.71 -1.78 -9.41
CA ALA B 272 -22.88 -0.97 -8.53
C ALA B 272 -22.10 -1.85 -7.55
N ALA B 273 -22.75 -2.91 -7.06
CA ALA B 273 -22.14 -3.79 -6.07
C ALA B 273 -21.02 -4.62 -6.69
N ARG B 274 -21.15 -4.91 -7.99
CA ARG B 274 -20.16 -5.67 -8.73
C ARG B 274 -18.90 -4.81 -8.92
N VAL B 275 -19.06 -3.52 -9.23
CA VAL B 275 -17.90 -2.64 -9.33
C VAL B 275 -17.32 -2.44 -7.92
N GLY B 276 -18.18 -2.29 -6.92
CA GLY B 276 -17.72 -2.36 -5.53
C GLY B 276 -16.81 -3.56 -5.29
N PHE B 277 -17.25 -4.74 -5.76
CA PHE B 277 -16.50 -5.97 -5.57
C PHE B 277 -15.14 -5.89 -6.26
N SER B 278 -15.12 -5.39 -7.51
CA SER B 278 -13.90 -5.27 -8.27
C SER B 278 -12.85 -4.44 -7.52
N VAL B 279 -13.31 -3.38 -6.83
CA VAL B 279 -12.43 -2.57 -6.01
C VAL B 279 -11.91 -3.40 -4.83
N ALA B 280 -12.79 -4.25 -4.26
CA ALA B 280 -12.44 -5.03 -3.08
C ALA B 280 -11.37 -6.09 -3.39
N VAL B 281 -11.52 -6.83 -4.50
CA VAL B 281 -10.49 -7.79 -4.91
C VAL B 281 -9.18 -7.06 -5.19
N GLY B 282 -9.28 -5.91 -5.85
CA GLY B 282 -8.12 -5.06 -6.12
C GLY B 282 -7.34 -4.75 -4.84
N GLU B 283 -8.07 -4.41 -3.77
CA GLU B 283 -7.47 -4.11 -2.48
C GLU B 283 -6.75 -5.32 -1.91
N HIS B 284 -7.25 -6.52 -2.20
CA HIS B 284 -6.63 -7.76 -1.73
C HIS B 284 -5.30 -8.00 -2.44
N LEU B 285 -5.30 -7.87 -3.77
CA LEU B 285 -4.08 -7.98 -4.57
C LEU B 285 -3.06 -6.94 -4.13
N ALA B 286 -3.52 -5.69 -3.96
CA ALA B 286 -2.65 -4.57 -3.57
C ALA B 286 -1.99 -4.82 -2.21
N ALA B 287 -2.69 -5.51 -1.30
CA ALA B 287 -2.18 -5.75 0.04
C ALA B 287 -1.18 -6.89 0.04
N GLY B 288 -1.26 -7.76 -0.98
CA GLY B 288 -0.38 -8.92 -1.08
C GLY B 288 -1.09 -10.18 -0.61
N PRO B 289 -1.72 -10.97 -1.51
CA PRO B 289 -2.46 -12.16 -1.13
C PRO B 289 -1.74 -13.06 -0.11
N THR B 290 -0.46 -13.37 -0.38
CA THR B 290 0.29 -14.27 0.46
C THR B 290 0.43 -13.70 1.87
N ALA B 291 0.69 -12.40 1.98
CA ALA B 291 0.88 -11.74 3.26
C ALA B 291 -0.43 -11.74 4.05
N VAL B 292 -1.56 -11.52 3.35
CA VAL B 292 -2.88 -11.51 3.97
C VAL B 292 -3.19 -12.90 4.51
N ARG B 293 -2.89 -13.95 3.72
CA ARG B 293 -3.20 -15.31 4.10
C ARG B 293 -2.35 -15.75 5.29
N GLU B 294 -1.07 -15.39 5.28
CA GLU B 294 -0.17 -15.73 6.37
C GLU B 294 -0.65 -15.08 7.66
N ARG B 295 -1.21 -13.87 7.55
CA ARG B 295 -1.71 -13.13 8.69
C ARG B 295 -3.00 -13.77 9.22
N LEU B 296 -3.86 -14.26 8.32
CA LEU B 296 -5.09 -14.91 8.73
C LEU B 296 -4.80 -16.24 9.43
N ALA B 297 -3.80 -16.98 8.93
CA ALA B 297 -3.34 -18.19 9.60
C ALA B 297 -2.92 -17.86 11.03
N GLU B 298 -2.23 -16.72 11.19
CA GLU B 298 -1.74 -16.28 12.48
C GLU B 298 -2.91 -15.96 13.41
N VAL B 299 -3.91 -15.24 12.88
CA VAL B 299 -5.10 -14.86 13.63
C VAL B 299 -5.75 -16.11 14.23
N GLY B 300 -5.82 -17.19 13.44
CA GLY B 300 -6.38 -18.45 13.90
C GLY B 300 -5.59 -19.05 15.06
N ARG B 301 -4.27 -19.09 14.92
CA ARG B 301 -3.38 -19.58 15.96
C ARG B 301 -3.64 -18.81 17.26
N LEU B 302 -3.54 -17.47 17.20
CA LEU B 302 -3.70 -16.62 18.38
C LEU B 302 -5.06 -16.84 19.01
N SER B 303 -6.09 -16.98 18.17
CA SER B 303 -7.45 -17.19 18.64
C SER B 303 -7.56 -18.47 19.47
N ARG B 304 -6.95 -19.55 18.97
CA ARG B 304 -7.05 -20.86 19.59
C ARG B 304 -6.20 -20.91 20.87
N GLN B 305 -5.09 -20.16 20.89
CA GLN B 305 -4.25 -20.07 22.07
C GLN B 305 -5.00 -19.31 23.18
N VAL B 306 -5.56 -18.14 22.84
CA VAL B 306 -6.25 -17.31 23.81
C VAL B 306 -7.47 -18.04 24.37
N LEU B 307 -8.14 -18.84 23.53
CA LEU B 307 -9.40 -19.48 23.90
C LEU B 307 -9.18 -20.90 24.40
N ALA B 308 -7.92 -21.33 24.54
CA ALA B 308 -7.60 -22.69 24.96
C ALA B 308 -8.16 -22.98 26.35
N GLU B 309 -8.19 -21.95 27.21
CA GLU B 309 -8.52 -22.11 28.62
C GLU B 309 -9.75 -21.29 28.96
N VAL B 310 -10.92 -21.78 28.53
CA VAL B 310 -12.19 -21.15 28.83
C VAL B 310 -13.16 -22.20 29.37
N ASP B 311 -13.75 -21.91 30.54
CA ASP B 311 -14.67 -22.83 31.18
C ASP B 311 -15.99 -22.86 30.41
N GLY B 312 -16.38 -24.06 29.98
CA GLY B 312 -17.66 -24.28 29.33
C GLY B 312 -17.58 -24.30 27.81
N TRP B 313 -16.34 -24.25 27.27
CA TRP B 313 -16.11 -24.16 25.84
C TRP B 313 -14.80 -24.87 25.49
N ARG B 314 -14.82 -25.75 24.48
CA ARG B 314 -13.58 -26.32 23.96
C ARG B 314 -13.39 -25.92 22.49
N VAL B 315 -12.13 -25.62 22.16
CA VAL B 315 -11.72 -25.24 20.82
C VAL B 315 -11.69 -26.49 19.94
N VAL B 316 -12.28 -26.39 18.74
CA VAL B 316 -12.47 -27.54 17.87
C VAL B 316 -11.25 -27.74 16.97
N GLU B 317 -10.68 -26.64 16.47
CA GLU B 317 -9.65 -26.72 15.44
C GLU B 317 -8.29 -26.98 16.09
N PRO B 318 -7.46 -27.89 15.52
CA PRO B 318 -6.03 -27.91 15.84
C PRO B 318 -5.48 -26.49 15.76
N VAL B 319 -4.53 -26.18 16.66
CA VAL B 319 -4.08 -24.80 16.86
C VAL B 319 -3.46 -24.24 15.58
N ASP B 320 -2.71 -25.07 14.84
CA ASP B 320 -1.84 -24.59 13.78
C ASP B 320 -2.53 -24.64 12.42
N GLN B 321 -3.87 -24.79 12.38
CA GLN B 321 -4.60 -24.75 11.13
C GLN B 321 -4.45 -23.37 10.49
N PRO B 322 -4.05 -23.28 9.20
CA PRO B 322 -3.81 -21.99 8.55
C PRO B 322 -5.08 -21.26 8.12
N THR B 323 -5.94 -20.96 9.10
CA THR B 323 -7.21 -20.30 8.85
C THR B 323 -7.53 -19.38 10.02
N ALA B 324 -8.46 -18.44 9.81
CA ALA B 324 -8.85 -17.49 10.83
C ALA B 324 -10.19 -17.89 11.46
N ILE B 325 -10.71 -19.06 11.05
CA ILE B 325 -11.95 -19.58 11.59
C ILE B 325 -11.64 -20.45 12.81
N THR B 326 -12.23 -20.07 13.94
CA THR B 326 -12.15 -20.85 15.16
C THR B 326 -13.56 -21.09 15.68
N THR B 327 -13.85 -22.36 16.03
CA THR B 327 -15.17 -22.75 16.50
C THR B 327 -15.06 -23.33 17.91
N LEU B 328 -16.12 -23.08 18.70
CA LEU B 328 -16.16 -23.41 20.11
C LEU B 328 -17.40 -24.27 20.39
N GLU B 329 -17.19 -25.46 20.95
CA GLU B 329 -18.27 -26.36 21.31
C GLU B 329 -18.51 -26.26 22.82
N SER B 330 -19.77 -26.04 23.23
CA SER B 330 -20.12 -25.92 24.64
C SER B 330 -19.99 -27.27 25.33
N THR B 331 -19.39 -27.28 26.52
CA THR B 331 -19.17 -28.49 27.29
C THR B 331 -20.22 -28.67 28.38
N ASP B 332 -21.08 -27.67 28.60
CA ASP B 332 -22.18 -27.80 29.55
C ASP B 332 -23.50 -27.40 28.89
N GLY B 333 -23.65 -27.74 27.61
CA GLY B 333 -24.92 -27.68 26.91
C GLY B 333 -25.48 -26.26 26.75
N ALA B 334 -24.61 -25.25 26.63
CA ALA B 334 -25.04 -23.90 26.29
C ALA B 334 -25.45 -23.85 24.82
N ASP B 335 -26.33 -22.90 24.48
CA ASP B 335 -26.84 -22.74 23.13
C ASP B 335 -26.12 -21.59 22.44
N PRO B 336 -25.25 -21.86 21.43
CA PRO B 336 -24.51 -20.81 20.73
C PRO B 336 -25.35 -19.61 20.28
N ALA B 337 -26.53 -19.89 19.74
CA ALA B 337 -27.41 -18.84 19.22
C ALA B 337 -27.70 -17.81 20.32
N SER B 338 -28.02 -18.29 21.53
CA SER B 338 -28.36 -17.42 22.65
C SER B 338 -27.13 -16.61 23.09
N VAL B 339 -25.96 -17.28 23.08
CA VAL B 339 -24.71 -16.67 23.48
C VAL B 339 -24.37 -15.54 22.49
N ARG B 340 -24.59 -15.80 21.20
CA ARG B 340 -24.34 -14.81 20.16
C ARG B 340 -25.21 -13.58 20.39
N SER B 341 -26.51 -13.79 20.66
CA SER B 341 -27.46 -12.70 20.89
C SER B 341 -27.03 -11.90 22.11
N TRP B 342 -26.59 -12.61 23.15
CA TRP B 342 -26.13 -11.98 24.38
C TRP B 342 -24.88 -11.15 24.08
N LEU B 343 -23.89 -11.77 23.44
CA LEU B 343 -22.64 -11.12 23.10
C LEU B 343 -22.91 -9.82 22.34
N ILE B 344 -23.87 -9.82 21.41
CA ILE B 344 -24.18 -8.63 20.64
C ILE B 344 -24.84 -7.59 21.55
N ALA B 345 -25.94 -7.98 22.18
CA ALA B 345 -26.81 -7.06 22.91
C ALA B 345 -26.08 -6.44 24.11
N GLU B 346 -25.28 -7.26 24.82
CA GLU B 346 -24.71 -6.86 26.10
C GLU B 346 -23.24 -6.46 25.98
N ARG B 347 -22.53 -6.93 24.95
CA ARG B 347 -21.10 -6.68 24.85
C ARG B 347 -20.71 -6.04 23.51
N GLY B 348 -21.63 -6.01 22.53
CA GLY B 348 -21.33 -5.47 21.22
C GLY B 348 -20.33 -6.31 20.44
N ILE B 349 -20.29 -7.62 20.71
CA ILE B 349 -19.37 -8.52 20.05
C ILE B 349 -20.14 -9.38 19.04
N VAL B 350 -19.68 -9.36 17.78
CA VAL B 350 -20.36 -10.03 16.69
C VAL B 350 -19.66 -11.37 16.41
N THR B 351 -20.46 -12.44 16.51
CA THR B 351 -20.03 -13.80 16.19
C THR B 351 -21.10 -14.44 15.32
N THR B 352 -20.89 -15.71 14.94
CA THR B 352 -21.90 -16.51 14.27
C THR B 352 -22.16 -17.77 15.08
N ALA B 353 -23.43 -18.19 15.13
CA ALA B 353 -23.81 -19.46 15.73
C ALA B 353 -24.13 -20.47 14.62
N CYS B 354 -23.34 -21.55 14.55
CA CYS B 354 -23.52 -22.56 13.51
C CYS B 354 -24.42 -23.68 14.01
N GLU B 355 -25.61 -23.79 13.44
CA GLU B 355 -26.54 -24.87 13.77
C GLU B 355 -26.13 -26.13 13.00
N LEU B 356 -26.75 -27.26 13.36
CA LEU B 356 -26.47 -28.56 12.77
C LEU B 356 -26.75 -28.56 11.27
N ALA B 357 -27.77 -27.81 10.86
CA ALA B 357 -28.20 -27.72 9.48
C ALA B 357 -27.08 -27.25 8.55
N ARG B 358 -26.03 -26.64 9.11
CA ARG B 358 -24.92 -26.11 8.32
C ARG B 358 -24.05 -27.23 7.76
N ALA B 359 -23.97 -28.35 8.47
CA ALA B 359 -23.26 -29.52 8.00
C ALA B 359 -23.90 -30.76 8.62
N PRO B 360 -25.10 -31.17 8.12
CA PRO B 360 -25.90 -32.19 8.80
C PRO B 360 -25.29 -33.60 8.85
N PHE B 361 -24.27 -33.88 8.03
CA PHE B 361 -23.67 -35.20 8.01
C PHE B 361 -22.32 -35.22 8.72
N GLU B 362 -22.04 -34.19 9.53
CA GLU B 362 -20.78 -34.10 10.27
C GLU B 362 -21.05 -33.59 11.70
N MET B 363 -21.87 -32.55 11.82
CA MET B 363 -22.07 -31.86 13.09
C MET B 363 -23.06 -32.65 13.95
N ARG B 364 -22.59 -33.06 15.14
CA ARG B 364 -23.45 -33.71 16.12
C ARG B 364 -23.93 -32.67 17.14
N THR B 365 -23.22 -31.55 17.27
CA THR B 365 -23.58 -30.51 18.23
C THR B 365 -23.19 -29.15 17.68
N PRO B 366 -24.02 -28.09 17.90
CA PRO B 366 -23.76 -26.77 17.31
C PRO B 366 -22.55 -26.09 17.94
N VAL B 367 -22.08 -25.02 17.29
CA VAL B 367 -20.84 -24.36 17.68
C VAL B 367 -20.99 -22.85 17.52
N LEU B 368 -20.20 -22.12 18.32
CA LEU B 368 -20.03 -20.69 18.16
C LEU B 368 -18.76 -20.43 17.34
N ARG B 369 -18.87 -19.62 16.29
CA ARG B 369 -17.78 -19.38 15.36
C ARG B 369 -17.30 -17.93 15.47
N ILE B 370 -15.98 -17.76 15.63
CA ILE B 370 -15.37 -16.45 15.38
C ILE B 370 -14.53 -16.55 14.09
N SER B 371 -14.55 -15.44 13.35
CA SER B 371 -13.85 -15.31 12.08
C SER B 371 -13.32 -13.88 11.96
N PRO B 372 -12.28 -13.52 12.76
CA PRO B 372 -11.72 -12.16 12.72
C PRO B 372 -10.84 -11.99 11.50
N HIS B 373 -10.74 -10.76 11.00
CA HIS B 373 -9.87 -10.47 9.87
C HIS B 373 -8.50 -10.04 10.41
N VAL B 374 -7.67 -9.43 9.55
CA VAL B 374 -6.25 -9.24 9.84
C VAL B 374 -6.05 -8.21 10.96
N ASP B 375 -7.10 -7.44 11.27
CA ASP B 375 -6.99 -6.26 12.11
C ASP B 375 -7.19 -6.58 13.60
N VAL B 376 -7.51 -7.84 13.93
CA VAL B 376 -7.83 -8.20 15.30
C VAL B 376 -6.56 -8.13 16.15
N THR B 377 -6.72 -7.76 17.42
CA THR B 377 -5.62 -7.66 18.36
C THR B 377 -5.75 -8.74 19.43
N VAL B 378 -4.65 -9.01 20.14
CA VAL B 378 -4.65 -9.97 21.24
C VAL B 378 -5.61 -9.47 22.32
N ASP B 379 -5.63 -8.14 22.55
CA ASP B 379 -6.51 -7.57 23.56
C ASP B 379 -7.96 -7.92 23.25
N GLU B 380 -8.36 -7.77 21.99
CA GLU B 380 -9.73 -8.00 21.56
C GLU B 380 -10.10 -9.47 21.75
N LEU B 381 -9.16 -10.36 21.44
CA LEU B 381 -9.37 -11.79 21.63
C LEU B 381 -9.57 -12.10 23.12
N GLU B 382 -8.85 -11.37 23.99
CA GLU B 382 -8.96 -11.57 25.42
C GLU B 382 -10.30 -11.05 25.93
N GLN B 383 -10.79 -9.94 25.35
CA GLN B 383 -12.08 -9.38 25.71
C GLN B 383 -13.19 -10.38 25.37
N PHE B 384 -13.04 -11.08 24.23
CA PHE B 384 -14.01 -12.08 23.81
C PHE B 384 -13.99 -13.26 24.78
N ALA B 385 -12.78 -13.77 25.06
CA ALA B 385 -12.60 -14.84 26.02
C ALA B 385 -13.25 -14.48 27.35
N ALA B 386 -13.01 -13.25 27.82
CA ALA B 386 -13.51 -12.77 29.10
C ALA B 386 -15.04 -12.70 29.08
N ALA B 387 -15.61 -12.15 27.99
CA ALA B 387 -17.05 -12.01 27.84
C ALA B 387 -17.71 -13.39 27.79
N LEU B 388 -16.97 -14.38 27.28
CA LEU B 388 -17.49 -15.72 27.09
C LEU B 388 -17.60 -16.44 28.43
N ARG B 389 -16.78 -16.02 29.41
CA ARG B 389 -16.77 -16.62 30.74
C ARG B 389 -17.92 -16.12 31.59
N GLU B 390 -18.31 -14.85 31.41
CA GLU B 390 -19.34 -14.24 32.24
C GLU B 390 -20.65 -14.16 31.46
N ALA B 391 -20.89 -15.15 30.59
CA ALA B 391 -22.12 -15.26 29.83
C ALA B 391 -23.13 -16.07 30.63
N PRO B 392 -24.46 -15.78 30.51
CA PRO B 392 -25.47 -16.26 31.44
C PRO B 392 -25.00 -17.32 32.45
N ARG C 17 67.31 18.68 -16.15
CA ARG C 17 66.02 18.90 -15.46
C ARG C 17 66.12 18.48 -14.00
N GLY C 18 65.07 18.77 -13.23
CA GLY C 18 65.02 18.45 -11.81
C GLY C 18 64.40 19.60 -11.00
N SER C 19 65.26 20.55 -10.61
CA SER C 19 64.85 21.68 -9.81
C SER C 19 64.16 22.73 -10.68
N HIS C 20 62.91 22.44 -11.08
CA HIS C 20 62.04 23.41 -11.73
C HIS C 20 61.62 24.45 -10.68
N MET C 21 61.60 25.73 -11.05
CA MET C 21 61.03 26.75 -10.18
C MET C 21 59.61 27.02 -10.64
N VAL C 22 58.65 26.70 -9.76
CA VAL C 22 57.23 26.76 -10.09
C VAL C 22 56.53 27.53 -8.98
N MET C 23 55.88 28.65 -9.35
CA MET C 23 55.29 29.54 -8.35
C MET C 23 54.09 28.84 -7.68
N LEU C 24 53.36 28.06 -8.49
CA LEU C 24 52.29 27.20 -8.01
C LEU C 24 52.69 26.48 -6.71
N ALA C 25 53.86 25.84 -6.68
CA ALA C 25 54.29 25.07 -5.53
C ALA C 25 54.33 25.94 -4.27
N GLN C 26 54.87 27.16 -4.40
CA GLN C 26 55.04 28.07 -3.28
C GLN C 26 53.68 28.62 -2.82
N GLN C 27 52.86 29.05 -3.78
CA GLN C 27 51.53 29.57 -3.47
C GLN C 27 50.74 28.53 -2.67
N TRP C 28 50.88 27.27 -3.09
CA TRP C 28 50.14 26.16 -2.50
C TRP C 28 50.59 25.91 -1.08
N ARG C 29 51.91 25.90 -0.84
CA ARG C 29 52.46 25.74 0.49
C ARG C 29 51.97 26.84 1.42
N ASP C 30 51.95 28.09 0.92
CA ASP C 30 51.72 29.26 1.76
C ASP C 30 50.22 29.48 1.99
N ALA C 31 49.36 28.77 1.25
CA ALA C 31 47.92 28.90 1.40
C ALA C 31 47.39 28.03 2.55
N ARG C 32 48.29 27.25 3.17
CA ARG C 32 47.95 26.22 4.14
C ARG C 32 48.81 26.36 5.40
N PRO C 33 48.35 25.84 6.57
CA PRO C 33 49.18 25.79 7.77
C PRO C 33 50.60 25.28 7.56
N LYS C 34 51.53 25.80 8.37
CA LYS C 34 52.90 25.29 8.39
C LYS C 34 52.83 23.84 8.85
N VAL C 35 53.53 22.96 8.10
CA VAL C 35 53.66 21.56 8.49
C VAL C 35 54.67 21.48 9.63
N ALA C 36 54.36 20.66 10.65
CA ALA C 36 55.24 20.48 11.79
C ALA C 36 56.58 19.91 11.34
N GLY C 37 56.53 18.73 10.71
CA GLY C 37 57.73 18.06 10.22
C GLY C 37 57.79 18.06 8.69
N LEU C 38 57.48 16.92 8.08
CA LEU C 38 57.46 16.79 6.63
C LEU C 38 56.33 15.85 6.22
N HIS C 39 55.46 16.34 5.32
CA HIS C 39 54.21 15.68 4.98
C HIS C 39 54.29 15.15 3.54
N LEU C 40 54.40 13.83 3.40
CA LEU C 40 54.48 13.19 2.10
C LEU C 40 53.33 12.21 1.94
N ASP C 41 52.10 12.68 2.21
CA ASP C 41 50.99 11.76 2.44
C ASP C 41 49.66 12.36 1.99
N SER C 42 49.66 13.10 0.88
CA SER C 42 48.44 13.72 0.37
C SER C 42 47.54 12.69 -0.31
N GLY C 43 48.05 11.48 -0.53
CA GLY C 43 47.26 10.39 -1.07
C GLY C 43 46.39 9.72 0.00
N ALA C 44 46.70 9.97 1.27
CA ALA C 44 45.90 9.50 2.39
C ALA C 44 44.99 10.62 2.89
N CYS C 45 45.61 11.74 3.24
CA CYS C 45 44.90 12.94 3.67
C CYS C 45 45.82 14.14 3.46
N SER C 46 45.38 15.08 2.62
CA SER C 46 46.18 16.25 2.31
C SER C 46 45.96 17.31 3.39
N ARG C 47 46.13 18.59 3.01
CA ARG C 47 46.17 19.67 3.97
C ARG C 47 45.26 20.79 3.47
N GLN C 48 44.23 21.11 4.26
CA GLN C 48 43.24 22.12 3.88
C GLN C 48 43.86 23.51 3.97
N SER C 49 43.59 24.33 2.96
CA SER C 49 43.98 25.74 2.95
C SER C 49 43.24 26.48 4.06
N PHE C 50 43.77 27.65 4.45
CA PHE C 50 43.14 28.51 5.43
C PHE C 50 41.72 28.86 4.98
N ALA C 51 41.56 29.13 3.67
CA ALA C 51 40.27 29.49 3.11
C ALA C 51 39.26 28.36 3.30
N VAL C 52 39.68 27.11 3.05
CA VAL C 52 38.80 25.96 3.16
C VAL C 52 38.41 25.76 4.63
N ILE C 53 39.38 25.89 5.54
CA ILE C 53 39.12 25.73 6.96
C ILE C 53 38.16 26.82 7.44
N ASP C 54 38.35 28.06 6.95
CA ASP C 54 37.55 29.20 7.38
C ASP C 54 36.12 29.06 6.87
N ALA C 55 35.95 28.66 5.61
CA ALA C 55 34.64 28.48 5.00
C ALA C 55 33.82 27.45 5.77
N THR C 56 34.50 26.38 6.24
CA THR C 56 33.86 25.32 7.01
C THR C 56 33.39 25.89 8.35
N THR C 57 34.29 26.60 9.03
CA THR C 57 33.99 27.22 10.31
C THR C 57 32.84 28.21 10.17
N ALA C 58 32.84 28.99 9.08
CA ALA C 58 31.82 30.01 8.86
C ALA C 58 30.44 29.37 8.74
N HIS C 59 30.35 28.25 8.01
CA HIS C 59 29.05 27.61 7.82
C HIS C 59 28.49 27.16 9.16
N ALA C 60 29.35 26.59 10.01
CA ALA C 60 28.94 26.12 11.33
C ALA C 60 28.43 27.27 12.18
N ARG C 61 29.10 28.44 12.08
CA ARG C 61 28.67 29.64 12.76
C ARG C 61 27.31 30.08 12.22
N HIS C 62 27.18 30.09 10.90
CA HIS C 62 25.94 30.52 10.25
C HIS C 62 24.77 29.63 10.67
N GLU C 63 25.03 28.33 10.88
CA GLU C 63 24.00 27.41 11.35
C GLU C 63 23.44 27.89 12.71
N ALA C 64 24.34 28.43 13.54
CA ALA C 64 23.99 28.89 14.87
C ALA C 64 23.20 30.20 14.83
N GLU C 65 23.44 31.01 13.78
CA GLU C 65 22.82 32.34 13.69
C GLU C 65 21.41 32.25 13.11
N VAL C 66 21.24 31.49 12.01
CA VAL C 66 20.01 31.56 11.24
C VAL C 66 19.29 30.20 11.20
N GLY C 67 19.90 29.16 11.79
CA GLY C 67 19.35 27.81 11.77
C GLY C 67 20.04 26.92 10.74
N GLY C 68 20.24 25.64 11.10
CA GLY C 68 21.06 24.72 10.32
C GLY C 68 20.60 24.53 8.88
N TYR C 69 19.27 24.40 8.68
CA TYR C 69 18.72 24.10 7.37
C TYR C 69 18.55 25.38 6.54
N VAL C 70 18.24 26.48 7.22
CA VAL C 70 18.23 27.81 6.60
C VAL C 70 19.63 28.10 6.06
N ALA C 71 20.64 27.85 6.91
CA ALA C 71 22.04 28.00 6.51
C ALA C 71 22.37 27.12 5.31
N ALA C 72 21.87 25.86 5.32
CA ALA C 72 22.14 24.90 4.26
C ALA C 72 21.53 25.37 2.95
N GLU C 73 20.27 25.83 3.00
CA GLU C 73 19.59 26.39 1.84
C GLU C 73 20.41 27.54 1.25
N ALA C 74 20.86 28.46 2.13
CA ALA C 74 21.61 29.63 1.70
C ALA C 74 22.96 29.27 1.08
N ALA C 75 23.47 28.07 1.36
CA ALA C 75 24.76 27.63 0.86
C ALA C 75 24.64 26.93 -0.50
N THR C 76 23.42 26.83 -1.04
CA THR C 76 23.17 26.12 -2.29
C THR C 76 24.10 26.60 -3.41
N PRO C 77 24.34 27.92 -3.59
CA PRO C 77 25.25 28.39 -4.64
C PRO C 77 26.65 27.78 -4.55
N ALA C 78 27.20 27.71 -3.34
CA ALA C 78 28.53 27.14 -3.12
C ALA C 78 28.51 25.64 -3.44
N LEU C 79 27.51 24.93 -2.91
CA LEU C 79 27.35 23.50 -3.11
C LEU C 79 27.26 23.18 -4.60
N ASP C 80 26.42 23.93 -5.33
CA ASP C 80 26.20 23.70 -6.75
C ASP C 80 27.47 23.99 -7.53
N ALA C 81 28.22 25.01 -7.12
CA ALA C 81 29.49 25.36 -7.74
C ALA C 81 30.47 24.20 -7.62
N GLY C 82 30.48 23.55 -6.46
CA GLY C 82 31.27 22.34 -6.22
C GLY C 82 30.90 21.20 -7.17
N ARG C 83 29.60 20.98 -7.38
CA ARG C 83 29.13 19.97 -8.33
C ARG C 83 29.61 20.32 -9.73
N ALA C 84 29.53 21.61 -10.07
CA ALA C 84 29.83 22.09 -11.40
C ALA C 84 31.33 21.98 -11.69
N ALA C 85 32.16 22.27 -10.68
CA ALA C 85 33.60 22.15 -10.81
C ALA C 85 34.00 20.70 -11.04
N VAL C 86 33.47 19.80 -10.20
CA VAL C 86 33.68 18.37 -10.34
C VAL C 86 33.26 17.92 -11.74
N ALA C 87 32.05 18.33 -12.14
CA ALA C 87 31.48 18.00 -13.45
C ALA C 87 32.45 18.37 -14.58
N SER C 88 33.10 19.54 -14.47
CA SER C 88 33.96 20.02 -15.54
C SER C 88 35.23 19.17 -15.63
N LEU C 89 35.66 18.60 -14.50
CA LEU C 89 36.88 17.79 -14.45
C LEU C 89 36.64 16.41 -15.04
N ILE C 90 35.40 15.92 -15.01
CA ILE C 90 35.10 14.57 -15.46
C ILE C 90 34.28 14.57 -16.75
N GLY C 91 33.91 15.77 -17.24
CA GLY C 91 33.17 15.90 -18.48
C GLY C 91 31.71 15.46 -18.33
N PHE C 92 31.13 15.71 -17.16
CA PHE C 92 29.72 15.44 -16.89
C PHE C 92 28.99 16.77 -16.77
N ALA C 93 27.68 16.72 -16.50
CA ALA C 93 26.91 17.88 -16.11
C ALA C 93 26.86 18.00 -14.59
N ALA C 94 26.73 19.23 -14.09
CA ALA C 94 26.66 19.50 -12.66
C ALA C 94 25.53 18.71 -12.00
N SER C 95 24.43 18.50 -12.73
CA SER C 95 23.24 17.88 -12.16
C SER C 95 23.36 16.35 -12.13
N ASP C 96 24.47 15.83 -12.69
CA ASP C 96 24.81 14.42 -12.58
C ASP C 96 25.55 14.12 -11.28
N VAL C 97 25.96 15.17 -10.55
CA VAL C 97 26.92 15.02 -9.47
C VAL C 97 26.20 15.13 -8.13
N VAL C 98 26.58 14.22 -7.22
CA VAL C 98 25.95 14.07 -5.92
C VAL C 98 27.07 13.97 -4.87
N TYR C 99 26.78 14.44 -3.65
CA TYR C 99 27.72 14.39 -2.56
C TYR C 99 27.53 13.09 -1.77
N THR C 100 28.66 12.57 -1.25
CA THR C 100 28.70 11.38 -0.41
C THR C 100 29.66 11.64 0.76
N SER C 101 29.85 10.61 1.61
CA SER C 101 30.79 10.67 2.72
C SER C 101 32.22 10.40 2.25
N GLY C 102 32.36 9.91 1.02
CA GLY C 102 33.65 9.49 0.49
C GLY C 102 33.44 8.49 -0.65
N SER C 103 34.52 7.81 -1.03
CA SER C 103 34.53 6.96 -2.21
C SER C 103 33.89 5.60 -1.95
N ASN C 104 34.12 5.05 -0.74
CA ASN C 104 33.57 3.73 -0.40
C ASN C 104 32.06 3.85 -0.22
N HIS C 105 31.61 4.98 0.34
CA HIS C 105 30.18 5.30 0.36
C HIS C 105 29.64 5.29 -1.07
N ALA C 106 30.38 5.94 -1.97
CA ALA C 106 29.99 6.10 -3.36
C ALA C 106 29.79 4.75 -4.04
N ILE C 107 30.79 3.87 -3.96
CA ILE C 107 30.74 2.62 -4.71
C ILE C 107 29.59 1.77 -4.18
N ASP C 108 29.35 1.85 -2.87
CA ASP C 108 28.29 1.07 -2.25
C ASP C 108 26.93 1.59 -2.72
N LEU C 109 26.77 2.92 -2.75
CA LEU C 109 25.54 3.53 -3.23
C LEU C 109 25.23 3.04 -4.65
N LEU C 110 26.26 2.96 -5.49
CA LEU C 110 26.09 2.61 -6.90
C LEU C 110 25.79 1.12 -7.07
N LEU C 111 26.64 0.26 -6.49
CA LEU C 111 26.52 -1.18 -6.66
C LEU C 111 25.25 -1.72 -6.00
N SER C 112 24.86 -1.14 -4.86
CA SER C 112 23.66 -1.57 -4.17
C SER C 112 22.41 -1.15 -4.96
N SER C 113 22.58 -0.23 -5.92
CA SER C 113 21.48 0.31 -6.71
C SER C 113 21.38 -0.38 -8.07
N TRP C 114 22.35 -1.27 -8.37
CA TRP C 114 22.53 -1.75 -9.72
C TRP C 114 21.44 -2.75 -10.10
N PRO C 115 20.74 -2.54 -11.25
CA PRO C 115 19.66 -3.42 -11.68
C PRO C 115 20.13 -4.61 -12.52
N GLY C 116 19.36 -5.70 -12.48
CA GLY C 116 19.60 -6.84 -13.34
C GLY C 116 20.82 -7.66 -12.91
N LYS C 117 21.49 -8.26 -13.90
CA LYS C 117 22.59 -9.18 -13.67
C LYS C 117 23.76 -8.40 -13.07
N ARG C 118 24.26 -8.86 -11.92
CA ARG C 118 25.35 -8.19 -11.23
C ARG C 118 26.66 -8.93 -11.46
N THR C 119 27.29 -8.66 -12.61
CA THR C 119 28.63 -9.14 -12.92
C THR C 119 29.49 -7.92 -13.29
N LEU C 120 30.79 -7.99 -13.02
CA LEU C 120 31.69 -6.94 -13.46
C LEU C 120 33.09 -7.49 -13.69
N ALA C 121 33.89 -6.70 -14.41
CA ALA C 121 35.33 -6.93 -14.50
C ALA C 121 36.06 -5.74 -13.91
N CYS C 122 37.18 -6.02 -13.24
CA CYS C 122 38.03 -4.99 -12.65
C CYS C 122 39.49 -5.45 -12.72
N LEU C 123 40.41 -4.61 -12.25
CA LEU C 123 41.82 -4.95 -12.24
C LEU C 123 42.08 -5.93 -11.10
N PRO C 124 43.14 -6.77 -11.20
CA PRO C 124 43.57 -7.59 -10.05
C PRO C 124 44.08 -6.72 -8.89
N GLY C 125 44.58 -5.52 -9.21
CA GLY C 125 45.00 -4.57 -8.20
C GLY C 125 43.85 -3.77 -7.58
N GLU C 126 42.61 -4.24 -7.76
CA GLU C 126 41.45 -3.52 -7.28
C GLU C 126 41.58 -3.32 -5.76
N TYR C 127 41.05 -2.18 -5.30
CA TYR C 127 41.14 -1.75 -3.91
C TYR C 127 40.36 -2.73 -3.04
N GLY C 128 41.01 -3.22 -1.97
CA GLY C 128 40.43 -4.24 -1.11
C GLY C 128 39.00 -3.92 -0.70
N PRO C 129 38.76 -2.75 -0.08
CA PRO C 129 37.39 -2.34 0.29
C PRO C 129 36.41 -2.17 -0.88
N ASN C 130 36.91 -1.96 -2.10
CA ASN C 130 36.06 -1.97 -3.28
C ASN C 130 35.57 -3.41 -3.51
N LEU C 131 36.49 -4.38 -3.47
CA LEU C 131 36.15 -5.79 -3.63
C LEU C 131 35.15 -6.21 -2.55
N SER C 132 35.36 -5.69 -1.34
CA SER C 132 34.47 -5.94 -0.22
C SER C 132 33.05 -5.48 -0.56
N ALA C 133 32.92 -4.26 -1.07
CA ALA C 133 31.62 -3.68 -1.42
C ALA C 133 30.98 -4.45 -2.58
N MET C 134 31.81 -4.89 -3.52
CA MET C 134 31.37 -5.66 -4.68
C MET C 134 30.73 -6.97 -4.21
N ALA C 135 31.47 -7.72 -3.38
CA ALA C 135 31.00 -9.00 -2.86
C ALA C 135 29.73 -8.83 -2.04
N ALA C 136 29.71 -7.78 -1.20
CA ALA C 136 28.59 -7.52 -0.31
C ALA C 136 27.32 -7.18 -1.10
N ASN C 137 27.48 -6.75 -2.36
CA ASN C 137 26.36 -6.38 -3.19
C ASN C 137 26.05 -7.48 -4.21
N GLY C 138 26.63 -8.67 -4.00
CA GLY C 138 26.28 -9.87 -4.75
C GLY C 138 26.82 -9.84 -6.18
N PHE C 139 27.94 -9.14 -6.41
CA PHE C 139 28.54 -9.09 -7.73
C PHE C 139 29.50 -10.26 -7.91
N GLN C 140 29.51 -10.81 -9.14
CA GLN C 140 30.58 -11.67 -9.61
C GLN C 140 31.67 -10.80 -10.24
N VAL C 141 32.93 -11.08 -9.90
CA VAL C 141 34.04 -10.22 -10.25
C VAL C 141 35.05 -11.02 -11.08
N ARG C 142 35.35 -10.52 -12.28
CA ARG C 142 36.39 -11.09 -13.14
C ARG C 142 37.55 -10.11 -13.26
N ALA C 143 38.77 -10.64 -13.38
CA ALA C 143 39.97 -9.83 -13.53
C ALA C 143 40.11 -9.40 -14.99
N LEU C 144 40.61 -8.17 -15.19
CA LEU C 144 41.01 -7.70 -16.51
C LEU C 144 42.47 -8.09 -16.73
N PRO C 145 42.90 -8.30 -18.00
CA PRO C 145 44.31 -8.56 -18.30
C PRO C 145 45.16 -7.31 -18.10
N VAL C 146 46.35 -7.50 -17.50
CA VAL C 146 47.25 -6.41 -17.17
C VAL C 146 48.68 -6.84 -17.48
N ASP C 147 49.57 -5.85 -17.62
CA ASP C 147 51.00 -6.11 -17.76
C ASP C 147 51.58 -6.34 -16.38
N ASP C 148 52.92 -6.35 -16.27
CA ASP C 148 53.61 -6.70 -15.05
C ASP C 148 53.46 -5.60 -13.98
N ASP C 149 53.12 -4.38 -14.40
CA ASP C 149 52.94 -3.27 -13.47
C ASP C 149 51.50 -3.20 -12.96
N GLY C 150 50.60 -4.02 -13.52
CA GLY C 150 49.20 -4.02 -13.16
C GLY C 150 48.37 -3.08 -14.04
N ARG C 151 48.98 -2.62 -15.13
CA ARG C 151 48.36 -1.68 -16.06
C ARG C 151 47.57 -2.45 -17.09
N VAL C 152 46.30 -2.06 -17.30
CA VAL C 152 45.38 -2.81 -18.14
C VAL C 152 45.92 -2.85 -19.57
N LEU C 153 45.74 -4.02 -20.21
CA LEU C 153 46.02 -4.21 -21.62
C LEU C 153 44.70 -4.05 -22.38
N VAL C 154 44.55 -2.92 -23.07
CA VAL C 154 43.24 -2.50 -23.58
C VAL C 154 42.78 -3.42 -24.71
N ASP C 155 43.71 -3.80 -25.60
CA ASP C 155 43.37 -4.64 -26.75
C ASP C 155 42.87 -6.00 -26.25
N GLU C 156 43.66 -6.64 -25.38
CA GLU C 156 43.29 -7.92 -24.80
C GLU C 156 41.94 -7.80 -24.10
N ALA C 157 41.77 -6.76 -23.29
CA ALA C 157 40.53 -6.52 -22.56
C ALA C 157 39.36 -6.41 -23.53
N SER C 158 39.59 -5.75 -24.66
CA SER C 158 38.57 -5.60 -25.69
C SER C 158 38.06 -6.96 -26.15
N HIS C 159 38.98 -7.85 -26.51
CA HIS C 159 38.63 -9.19 -26.99
C HIS C 159 37.90 -9.96 -25.89
N GLU C 160 38.43 -9.89 -24.67
CA GLU C 160 37.91 -10.64 -23.53
C GLU C 160 36.45 -10.26 -23.26
N LEU C 161 36.16 -8.95 -23.35
CA LEU C 161 34.84 -8.42 -23.01
C LEU C 161 33.83 -8.73 -24.12
N SER C 162 34.29 -8.87 -25.37
CA SER C 162 33.44 -9.23 -26.49
C SER C 162 33.00 -10.68 -26.38
N ALA C 163 33.96 -11.56 -26.05
CA ALA C 163 33.72 -12.98 -25.91
C ALA C 163 32.90 -13.27 -24.66
N HIS C 164 33.32 -12.69 -23.52
CA HIS C 164 32.67 -12.92 -22.25
C HIS C 164 32.20 -11.58 -21.67
N PRO C 165 31.02 -11.08 -22.08
CA PRO C 165 30.53 -9.77 -21.63
C PRO C 165 30.15 -9.75 -20.15
N VAL C 166 29.95 -8.54 -19.65
CA VAL C 166 29.80 -8.30 -18.23
C VAL C 166 28.92 -7.08 -18.07
N ALA C 167 28.25 -6.92 -16.93
CA ALA C 167 27.27 -5.86 -16.75
C ALA C 167 27.94 -4.50 -16.66
N LEU C 168 29.12 -4.42 -16.02
CA LEU C 168 29.88 -3.17 -15.99
C LEU C 168 31.36 -3.46 -15.77
N VAL C 169 32.20 -2.51 -16.16
CA VAL C 169 33.61 -2.55 -15.84
C VAL C 169 33.90 -1.49 -14.78
N HIS C 170 34.63 -1.88 -13.74
CA HIS C 170 35.05 -0.97 -12.71
C HIS C 170 36.55 -0.74 -12.83
N LEU C 171 36.94 0.49 -13.17
CA LEU C 171 38.35 0.82 -13.29
C LEU C 171 38.75 1.80 -12.18
N THR C 172 39.72 1.38 -11.37
CA THR C 172 40.42 2.29 -10.48
C THR C 172 41.58 2.90 -11.27
N ALA C 173 41.40 4.15 -11.68
CA ALA C 173 42.26 4.80 -12.66
C ALA C 173 43.63 5.09 -12.07
N LEU C 174 43.68 5.23 -10.73
CA LEU C 174 44.93 5.33 -10.00
C LEU C 174 44.75 4.67 -8.64
N ALA C 175 45.59 3.67 -8.38
CA ALA C 175 45.44 2.79 -7.22
C ALA C 175 46.02 3.44 -5.97
N SER C 176 45.53 3.02 -4.80
CA SER C 176 46.01 3.55 -3.55
C SER C 176 47.41 3.02 -3.25
N HIS C 177 47.72 1.82 -3.78
CA HIS C 177 48.90 1.08 -3.40
C HIS C 177 50.02 1.18 -4.44
N ARG C 178 49.77 1.85 -5.57
CA ARG C 178 50.78 1.94 -6.61
C ARG C 178 50.44 3.07 -7.58
N GLY C 179 51.48 3.78 -8.02
CA GLY C 179 51.33 5.04 -8.73
C GLY C 179 51.30 4.90 -10.26
N ILE C 180 50.72 3.80 -10.74
CA ILE C 180 50.52 3.57 -12.17
C ILE C 180 49.28 4.33 -12.61
N ALA C 181 49.42 5.10 -13.69
CA ALA C 181 48.30 5.79 -14.32
C ALA C 181 47.67 4.87 -15.38
N GLN C 182 46.41 4.51 -15.18
CA GLN C 182 45.74 3.55 -16.05
C GLN C 182 45.23 4.26 -17.30
N PRO C 183 45.30 3.64 -18.50
CA PRO C 183 44.76 4.23 -19.72
C PRO C 183 43.24 4.24 -19.72
N ALA C 184 42.67 5.14 -18.90
CA ALA C 184 41.24 5.17 -18.64
C ALA C 184 40.47 5.41 -19.93
N ALA C 185 40.86 6.45 -20.68
CA ALA C 185 40.14 6.88 -21.86
C ALA C 185 40.06 5.75 -22.88
N GLU C 186 41.18 5.07 -23.13
CA GLU C 186 41.26 4.01 -24.13
C GLU C 186 40.36 2.84 -23.70
N LEU C 187 40.40 2.52 -22.40
CA LEU C 187 39.62 1.41 -21.88
C LEU C 187 38.13 1.73 -21.95
N VAL C 188 37.77 3.00 -21.74
CA VAL C 188 36.38 3.41 -21.75
C VAL C 188 35.79 3.14 -23.13
N GLU C 189 36.52 3.52 -24.19
CA GLU C 189 35.97 3.41 -25.53
C GLU C 189 35.92 1.93 -25.95
N ALA C 190 36.89 1.13 -25.48
CA ALA C 190 36.88 -0.31 -25.70
C ALA C 190 35.63 -0.94 -25.10
N CYS C 191 35.29 -0.54 -23.87
CA CYS C 191 34.13 -1.08 -23.17
C CYS C 191 32.83 -0.63 -23.85
N HIS C 192 32.79 0.65 -24.26
CA HIS C 192 31.61 1.19 -24.91
C HIS C 192 31.38 0.52 -26.27
N ASN C 193 32.46 0.17 -26.96
CA ASN C 193 32.39 -0.57 -28.21
C ASN C 193 31.77 -1.95 -28.00
N ALA C 194 32.01 -2.55 -26.82
CA ALA C 194 31.42 -3.83 -26.46
C ALA C 194 30.07 -3.65 -25.78
N GLY C 195 29.63 -2.40 -25.61
CA GLY C 195 28.31 -2.07 -25.08
C GLY C 195 28.24 -2.16 -23.56
N ILE C 196 29.38 -1.96 -22.89
CA ILE C 196 29.48 -2.16 -21.45
C ILE C 196 29.80 -0.82 -20.78
N PRO C 197 29.00 -0.39 -19.77
CA PRO C 197 29.28 0.85 -19.04
C PRO C 197 30.52 0.72 -18.17
N VAL C 198 31.13 1.87 -17.84
CA VAL C 198 32.37 1.90 -17.08
C VAL C 198 32.20 2.83 -15.89
N VAL C 199 32.55 2.30 -14.71
CA VAL C 199 32.60 3.05 -13.47
C VAL C 199 34.07 3.27 -13.12
N ILE C 200 34.42 4.50 -12.71
CA ILE C 200 35.80 4.83 -12.39
C ILE C 200 35.92 5.24 -10.93
N ASP C 201 36.85 4.58 -10.22
CA ASP C 201 37.28 5.01 -8.89
C ASP C 201 38.39 6.05 -9.07
N ALA C 202 38.03 7.31 -8.85
CA ALA C 202 38.96 8.43 -9.05
C ALA C 202 39.30 9.07 -7.71
N ALA C 203 39.37 8.25 -6.66
CA ALA C 203 39.70 8.74 -5.32
C ALA C 203 41.10 9.34 -5.32
N GLN C 204 42.01 8.67 -6.02
CA GLN C 204 43.39 9.10 -6.14
C GLN C 204 43.55 9.96 -7.40
N ALA C 205 42.71 9.72 -8.42
CA ALA C 205 42.92 10.26 -9.75
C ALA C 205 42.39 11.69 -9.88
N LEU C 206 41.27 12.00 -9.21
CA LEU C 206 40.67 13.32 -9.36
C LEU C 206 41.58 14.38 -8.74
N GLY C 207 41.94 15.39 -9.55
CA GLY C 207 42.88 16.43 -9.16
C GLY C 207 44.32 16.04 -9.47
N HIS C 208 44.51 14.97 -10.26
CA HIS C 208 45.78 14.27 -10.36
C HIS C 208 46.02 13.75 -11.78
N LEU C 209 45.04 12.99 -12.28
CA LEU C 209 45.00 12.55 -13.68
C LEU C 209 43.89 13.30 -14.39
N ASP C 210 43.97 13.34 -15.74
CA ASP C 210 42.85 13.82 -16.54
C ASP C 210 41.73 12.79 -16.45
N CYS C 211 40.64 13.16 -15.74
CA CYS C 211 39.51 12.28 -15.48
C CYS C 211 38.35 12.54 -16.44
N ASN C 212 38.60 13.34 -17.49
CA ASN C 212 37.60 13.56 -18.52
C ASN C 212 37.80 12.52 -19.62
N VAL C 213 37.13 11.38 -19.49
CA VAL C 213 37.46 10.20 -20.27
C VAL C 213 36.21 9.42 -20.70
N GLY C 214 35.02 10.04 -20.56
CA GLY C 214 33.80 9.51 -21.16
C GLY C 214 33.11 8.44 -20.31
N ALA C 215 33.49 8.32 -19.03
CA ALA C 215 32.99 7.28 -18.16
C ALA C 215 31.49 7.46 -17.91
N ASP C 216 30.83 6.39 -17.46
CA ASP C 216 29.40 6.42 -17.18
C ASP C 216 29.14 6.80 -15.73
N ALA C 217 30.08 6.48 -14.85
CA ALA C 217 30.04 6.95 -13.47
C ALA C 217 31.46 7.13 -12.95
N VAL C 218 31.64 8.13 -12.08
CA VAL C 218 32.93 8.43 -11.47
C VAL C 218 32.68 8.84 -10.03
N TYR C 219 33.59 8.48 -9.12
CA TYR C 219 33.52 8.92 -7.75
C TYR C 219 34.91 9.24 -7.21
N SER C 220 34.95 10.03 -6.13
CA SER C 220 36.21 10.47 -5.54
C SER C 220 35.99 10.98 -4.12
N SER C 221 37.10 11.25 -3.43
CA SER C 221 37.12 11.70 -2.04
C SER C 221 37.65 13.14 -1.97
N SER C 222 37.16 13.87 -0.97
CA SER C 222 37.48 15.28 -0.78
C SER C 222 38.91 15.47 -0.28
N ARG C 223 39.36 14.59 0.62
CA ARG C 223 40.47 14.87 1.52
C ARG C 223 41.82 14.62 0.86
N LYS C 224 41.84 14.06 -0.35
CA LYS C 224 43.09 13.64 -0.97
C LYS C 224 43.62 14.81 -1.80
N TRP C 225 43.80 14.64 -3.12
CA TRP C 225 44.57 15.59 -3.90
C TRP C 225 43.90 16.96 -4.02
N LEU C 226 42.58 17.02 -3.84
CA LEU C 226 41.85 18.28 -3.89
C LEU C 226 41.95 19.02 -2.56
N ALA C 227 42.49 18.34 -1.53
CA ALA C 227 42.77 18.96 -0.23
C ALA C 227 41.50 19.58 0.35
N GLY C 228 40.40 18.81 0.32
CA GLY C 228 39.15 19.25 0.92
C GLY C 228 39.02 18.70 2.33
N PRO C 229 37.92 19.02 3.05
CA PRO C 229 37.65 18.42 4.34
C PRO C 229 37.38 16.91 4.25
N ARG C 230 37.56 16.23 5.37
CA ARG C 230 37.26 14.81 5.47
C ARG C 230 35.74 14.62 5.55
N GLY C 231 35.29 13.42 5.15
CA GLY C 231 33.90 13.04 5.33
C GLY C 231 33.02 13.53 4.16
N VAL C 232 33.67 13.87 3.05
CA VAL C 232 32.99 14.27 1.83
C VAL C 232 33.59 13.48 0.67
N GLY C 233 32.70 13.05 -0.23
CA GLY C 233 33.08 12.50 -1.52
C GLY C 233 32.06 12.95 -2.55
N VAL C 234 32.27 12.56 -3.81
CA VAL C 234 31.31 12.87 -4.86
C VAL C 234 31.08 11.61 -5.68
N LEU C 235 29.84 11.46 -6.18
CA LEU C 235 29.48 10.40 -7.11
C LEU C 235 28.74 11.04 -8.27
N ALA C 236 29.23 10.79 -9.49
CA ALA C 236 28.62 11.31 -10.71
C ALA C 236 28.14 10.14 -11.56
N VAL C 237 26.88 10.21 -12.02
CA VAL C 237 26.28 9.18 -12.84
C VAL C 237 25.56 9.84 -14.03
N ARG C 238 25.82 9.32 -15.23
CA ARG C 238 25.18 9.83 -16.44
C ARG C 238 23.68 9.59 -16.35
N PRO C 239 22.84 10.51 -16.89
CA PRO C 239 21.39 10.41 -16.75
C PRO C 239 20.78 9.11 -17.27
N GLU C 240 21.33 8.58 -18.36
CA GLU C 240 20.82 7.37 -18.99
C GLU C 240 20.96 6.20 -18.01
N LEU C 241 22.11 6.16 -17.33
CA LEU C 241 22.41 5.13 -16.35
C LEU C 241 21.62 5.40 -15.07
N ALA C 242 21.73 6.63 -14.57
CA ALA C 242 21.10 7.01 -13.31
C ALA C 242 19.65 6.54 -13.25
N GLU C 243 18.88 6.74 -14.32
CA GLU C 243 17.45 6.49 -14.30
C GLU C 243 17.16 4.98 -14.33
N ARG C 244 18.13 4.16 -14.76
CA ARG C 244 18.00 2.71 -14.71
C ARG C 244 18.21 2.17 -13.29
N LEU C 245 18.84 2.95 -12.42
CA LEU C 245 19.26 2.47 -11.10
C LEU C 245 18.06 2.35 -10.16
N GLN C 246 18.21 1.49 -9.15
CA GLN C 246 17.13 1.14 -8.23
C GLN C 246 17.67 1.23 -6.80
N PRO C 247 17.68 2.43 -6.17
CA PRO C 247 18.24 2.59 -4.83
C PRO C 247 17.66 1.65 -3.78
N ARG C 248 18.52 1.30 -2.81
CA ARG C 248 18.21 0.42 -1.70
C ARG C 248 17.25 1.13 -0.73
N ILE C 249 17.54 2.41 -0.43
CA ILE C 249 16.75 3.22 0.48
C ILE C 249 16.41 4.53 -0.23
N PRO C 250 15.13 4.98 -0.28
CA PRO C 250 13.98 4.17 0.15
C PRO C 250 13.76 2.96 -0.76
N PRO C 251 12.95 1.96 -0.33
CA PRO C 251 12.63 0.81 -1.18
C PRO C 251 11.92 1.29 -2.45
N SER C 252 12.14 0.56 -3.56
CA SER C 252 11.62 0.93 -4.86
C SER C 252 10.09 0.93 -4.89
N ASP C 253 9.47 0.17 -3.98
CA ASP C 253 8.02 0.06 -3.90
C ASP C 253 7.43 1.19 -3.07
N TRP C 254 8.19 2.27 -2.78
CA TRP C 254 7.72 3.31 -1.88
C TRP C 254 7.13 4.53 -2.60
N PRO C 255 6.23 5.28 -1.93
CA PRO C 255 5.47 6.35 -2.57
C PRO C 255 6.16 7.67 -2.83
N ILE C 256 7.28 7.96 -2.14
CA ILE C 256 7.83 9.29 -2.10
C ILE C 256 8.49 9.58 -3.46
N PRO C 257 8.03 10.62 -4.20
CA PRO C 257 8.55 10.89 -5.54
C PRO C 257 9.83 11.74 -5.51
N MET C 258 10.97 11.10 -5.75
CA MET C 258 12.23 11.79 -5.96
C MET C 258 13.06 11.00 -6.96
N SER C 259 14.00 11.70 -7.62
CA SER C 259 14.87 11.08 -8.61
C SER C 259 15.83 10.13 -7.92
N VAL C 260 16.50 9.31 -8.73
CA VAL C 260 17.48 8.37 -8.23
C VAL C 260 18.59 9.14 -7.51
N LEU C 261 19.12 10.19 -8.14
CA LEU C 261 20.23 10.94 -7.58
C LEU C 261 19.83 11.61 -6.27
N GLU C 262 18.58 12.08 -6.17
CA GLU C 262 18.09 12.65 -4.93
C GLU C 262 18.12 11.60 -3.81
N LYS C 263 17.74 10.36 -4.15
CA LYS C 263 17.75 9.26 -3.20
C LYS C 263 19.16 8.93 -2.73
N LEU C 264 20.11 8.90 -3.67
CA LEU C 264 21.48 8.55 -3.35
C LEU C 264 22.14 9.64 -2.49
N GLU C 265 21.62 10.87 -2.55
CA GLU C 265 22.20 11.98 -1.81
C GLU C 265 21.47 12.21 -0.48
N LEU C 266 20.47 11.38 -0.20
CA LEU C 266 19.67 11.51 1.00
C LEU C 266 20.54 11.21 2.23
N GLY C 267 20.41 12.02 3.29
CA GLY C 267 20.99 11.67 4.58
C GLY C 267 21.70 12.82 5.29
N GLU C 268 21.67 12.77 6.62
CA GLU C 268 22.45 13.60 7.51
C GLU C 268 23.92 13.55 7.08
N HIS C 269 24.54 14.73 7.06
CA HIS C 269 25.91 14.91 6.59
C HIS C 269 26.44 16.18 7.23
N ASN C 270 27.75 16.43 7.08
CA ASN C 270 28.32 17.69 7.52
C ASN C 270 28.27 18.67 6.34
N ALA C 271 27.27 19.56 6.37
CA ALA C 271 27.07 20.51 5.29
C ALA C 271 28.25 21.48 5.20
N ALA C 272 28.80 21.88 6.36
CA ALA C 272 29.94 22.78 6.40
C ALA C 272 31.13 22.21 5.62
N ALA C 273 31.34 20.89 5.72
CA ALA C 273 32.46 20.24 5.08
C ALA C 273 32.28 20.20 3.57
N ARG C 274 31.02 20.15 3.13
CA ARG C 274 30.69 20.13 1.71
C ARG C 274 30.99 21.50 1.10
N VAL C 275 30.65 22.59 1.81
CA VAL C 275 31.00 23.92 1.30
C VAL C 275 32.52 24.09 1.38
N GLY C 276 33.14 23.60 2.46
CA GLY C 276 34.59 23.50 2.48
C GLY C 276 35.15 22.86 1.21
N PHE C 277 34.54 21.73 0.80
CA PHE C 277 34.97 21.00 -0.39
C PHE C 277 34.83 21.86 -1.63
N SER C 278 33.69 22.53 -1.78
CA SER C 278 33.41 23.38 -2.93
C SER C 278 34.50 24.45 -3.08
N VAL C 279 34.97 25.00 -1.96
CA VAL C 279 36.07 25.95 -1.98
C VAL C 279 37.34 25.26 -2.46
N ALA C 280 37.57 24.01 -2.03
CA ALA C 280 38.79 23.28 -2.35
C ALA C 280 38.89 22.96 -3.83
N VAL C 281 37.80 22.46 -4.44
CA VAL C 281 37.83 22.18 -5.88
C VAL C 281 37.97 23.50 -6.65
N GLY C 282 37.32 24.57 -6.18
CA GLY C 282 37.48 25.89 -6.74
C GLY C 282 38.95 26.32 -6.81
N GLU C 283 39.70 26.06 -5.73
CA GLU C 283 41.12 26.40 -5.66
C GLU C 283 41.90 25.60 -6.70
N HIS C 284 41.46 24.37 -7.01
CA HIS C 284 42.12 23.54 -8.01
C HIS C 284 41.91 24.11 -9.41
N LEU C 285 40.65 24.46 -9.74
CA LEU C 285 40.34 25.09 -11.01
C LEU C 285 41.11 26.41 -11.16
N ALA C 286 41.10 27.23 -10.09
CA ALA C 286 41.76 28.53 -10.08
C ALA C 286 43.26 28.41 -10.34
N ALA C 287 43.87 27.31 -9.86
CA ALA C 287 45.31 27.12 -10.00
C ALA C 287 45.66 26.64 -11.40
N GLY C 288 44.69 26.03 -12.09
CA GLY C 288 44.91 25.46 -13.41
C GLY C 288 45.11 23.95 -13.33
N PRO C 289 44.04 23.15 -13.52
CA PRO C 289 44.14 21.69 -13.44
C PRO C 289 45.35 21.09 -14.16
N THR C 290 45.55 21.51 -15.42
CA THR C 290 46.64 20.96 -16.23
C THR C 290 47.99 21.24 -15.59
N ALA C 291 48.17 22.47 -15.07
CA ALA C 291 49.44 22.87 -14.48
C ALA C 291 49.70 22.08 -13.20
N VAL C 292 48.63 21.84 -12.42
CA VAL C 292 48.74 21.09 -11.18
C VAL C 292 49.13 19.64 -11.49
N ARG C 293 48.50 19.06 -12.52
CA ARG C 293 48.74 17.67 -12.88
C ARG C 293 50.17 17.48 -13.41
N GLU C 294 50.62 18.43 -14.24
CA GLU C 294 51.97 18.37 -14.81
C GLU C 294 52.99 18.43 -13.67
N ARG C 295 52.68 19.22 -12.63
CA ARG C 295 53.57 19.38 -11.50
C ARG C 295 53.60 18.11 -10.65
N LEU C 296 52.45 17.44 -10.50
CA LEU C 296 52.37 16.20 -9.73
C LEU C 296 53.14 15.09 -10.45
N ALA C 297 53.01 15.03 -11.78
CA ALA C 297 53.81 14.10 -12.58
C ALA C 297 55.30 14.31 -12.31
N GLU C 298 55.69 15.58 -12.21
CA GLU C 298 57.08 15.95 -11.99
C GLU C 298 57.54 15.47 -10.61
N VAL C 299 56.69 15.69 -9.60
CA VAL C 299 56.97 15.28 -8.23
C VAL C 299 57.27 13.78 -8.19
N GLY C 300 56.48 12.98 -8.94
CA GLY C 300 56.69 11.55 -9.01
C GLY C 300 58.06 11.18 -9.61
N ARG C 301 58.41 11.82 -10.72
CA ARG C 301 59.69 11.63 -11.39
C ARG C 301 60.82 11.89 -10.39
N LEU C 302 60.82 13.09 -9.77
CA LEU C 302 61.88 13.49 -8.85
C LEU C 302 61.97 12.51 -7.69
N SER C 303 60.81 12.06 -7.20
CA SER C 303 60.75 11.13 -6.08
C SER C 303 61.47 9.83 -6.43
N ARG C 304 61.21 9.30 -7.63
CA ARG C 304 61.74 8.01 -8.05
C ARG C 304 63.23 8.13 -8.37
N GLN C 305 63.65 9.30 -8.85
CA GLN C 305 65.07 9.56 -9.12
C GLN C 305 65.85 9.60 -7.81
N VAL C 306 65.35 10.39 -6.85
CA VAL C 306 66.02 10.57 -5.56
C VAL C 306 66.09 9.24 -4.82
N LEU C 307 65.06 8.41 -4.95
CA LEU C 307 64.93 7.19 -4.17
C LEU C 307 65.45 5.97 -4.95
N ALA C 308 66.02 6.19 -6.14
CA ALA C 308 66.53 5.11 -6.97
C ALA C 308 67.66 4.37 -6.25
N GLU C 309 68.42 5.09 -5.41
CA GLU C 309 69.65 4.56 -4.82
C GLU C 309 69.54 4.54 -3.31
N VAL C 310 68.71 3.64 -2.78
CA VAL C 310 68.51 3.49 -1.34
C VAL C 310 68.65 2.01 -0.97
N ASP C 311 69.53 1.73 0.00
CA ASP C 311 69.80 0.37 0.43
C ASP C 311 68.60 -0.14 1.23
N GLY C 312 68.05 -1.27 0.79
CA GLY C 312 66.99 -1.96 1.51
C GLY C 312 65.59 -1.65 0.98
N TRP C 313 65.53 -0.91 -0.15
CA TRP C 313 64.28 -0.45 -0.73
C TRP C 313 64.42 -0.35 -2.24
N ARG C 314 63.46 -0.91 -2.99
CA ARG C 314 63.41 -0.68 -4.43
C ARG C 314 62.12 0.05 -4.80
N VAL C 315 62.26 0.99 -5.74
CA VAL C 315 61.16 1.78 -6.27
C VAL C 315 60.34 0.91 -7.21
N VAL C 316 59.02 0.94 -7.05
CA VAL C 316 58.11 0.04 -7.77
C VAL C 316 57.72 0.65 -9.11
N GLU C 317 57.47 1.97 -9.14
CA GLU C 317 56.89 2.61 -10.31
C GLU C 317 57.98 2.92 -11.32
N PRO C 318 57.75 2.67 -12.64
CA PRO C 318 58.56 3.29 -13.68
C PRO C 318 58.68 4.78 -13.41
N VAL C 319 59.86 5.34 -13.72
CA VAL C 319 60.21 6.69 -13.31
C VAL C 319 59.24 7.71 -13.92
N ASP C 320 58.81 7.48 -15.16
CA ASP C 320 58.13 8.48 -15.96
C ASP C 320 56.60 8.41 -15.81
N GLN C 321 56.10 7.67 -14.82
CA GLN C 321 54.66 7.60 -14.59
C GLN C 321 54.15 8.97 -14.18
N PRO C 322 53.10 9.50 -14.83
CA PRO C 322 52.58 10.85 -14.54
C PRO C 322 51.73 10.92 -13.26
N THR C 323 52.35 10.56 -12.13
CA THR C 323 51.67 10.55 -10.85
C THR C 323 52.66 10.95 -9.77
N ALA C 324 52.14 11.34 -8.60
CA ALA C 324 52.96 11.74 -7.47
C ALA C 324 53.05 10.62 -6.44
N ILE C 325 52.48 9.46 -6.76
CA ILE C 325 52.53 8.30 -5.89
C ILE C 325 53.77 7.49 -6.23
N THR C 326 54.63 7.28 -5.22
CA THR C 326 55.78 6.42 -5.33
C THR C 326 55.75 5.42 -4.17
N THR C 327 55.97 4.14 -4.49
CA THR C 327 55.93 3.07 -3.51
C THR C 327 57.27 2.35 -3.48
N LEU C 328 57.64 1.90 -2.26
CA LEU C 328 58.94 1.31 -1.98
C LEU C 328 58.74 -0.07 -1.36
N GLU C 329 59.31 -1.09 -1.99
CA GLU C 329 59.25 -2.46 -1.48
C GLU C 329 60.57 -2.79 -0.80
N SER C 330 60.51 -3.28 0.45
CA SER C 330 61.70 -3.62 1.21
C SER C 330 62.37 -4.85 0.60
N THR C 331 63.71 -4.81 0.49
CA THR C 331 64.48 -5.88 -0.11
C THR C 331 65.12 -6.78 0.95
N ASP C 332 65.02 -6.40 2.23
CA ASP C 332 65.50 -7.24 3.31
C ASP C 332 64.40 -7.42 4.36
N GLY C 333 63.14 -7.51 3.92
CA GLY C 333 62.03 -7.93 4.75
C GLY C 333 61.71 -6.98 5.91
N ALA C 334 61.95 -5.68 5.72
CA ALA C 334 61.51 -4.67 6.69
C ALA C 334 59.99 -4.52 6.60
N ASP C 335 59.38 -4.07 7.71
CA ASP C 335 57.93 -3.90 7.79
C ASP C 335 57.57 -2.42 7.63
N PRO C 336 56.94 -2.04 6.49
CA PRO C 336 56.57 -0.64 6.24
C PRO C 336 55.86 0.07 7.38
N ALA C 337 54.92 -0.64 8.02
CA ALA C 337 54.15 -0.07 9.11
C ALA C 337 55.07 0.45 10.21
N SER C 338 56.08 -0.34 10.59
CA SER C 338 57.02 0.03 11.64
C SER C 338 57.86 1.22 11.21
N VAL C 339 58.26 1.22 9.93
CA VAL C 339 59.08 2.28 9.37
C VAL C 339 58.30 3.59 9.38
N ARG C 340 57.01 3.51 9.03
CA ARG C 340 56.13 4.68 9.04
C ARG C 340 56.04 5.27 10.45
N SER C 341 55.83 4.40 11.45
CA SER C 341 55.72 4.82 12.85
C SER C 341 57.01 5.48 13.29
N TRP C 342 58.14 4.88 12.89
CA TRP C 342 59.45 5.41 13.22
C TRP C 342 59.62 6.78 12.58
N LEU C 343 59.38 6.86 11.26
CA LEU C 343 59.50 8.09 10.51
C LEU C 343 58.71 9.22 11.18
N ILE C 344 57.50 8.92 11.66
CA ILE C 344 56.66 9.94 12.29
C ILE C 344 57.28 10.33 13.63
N ALA C 345 57.47 9.33 14.50
CA ALA C 345 57.85 9.56 15.89
C ALA C 345 59.23 10.20 16.00
N GLU C 346 60.17 9.77 15.15
CA GLU C 346 61.57 10.14 15.30
C GLU C 346 62.00 11.21 14.30
N ARG C 347 61.29 11.36 13.17
CA ARG C 347 61.70 12.29 12.14
C ARG C 347 60.60 13.28 11.75
N GLY C 348 59.35 13.05 12.20
CA GLY C 348 58.24 13.91 11.86
C GLY C 348 57.88 13.84 10.36
N ILE C 349 58.13 12.69 9.75
CA ILE C 349 57.85 12.49 8.33
C ILE C 349 56.62 11.58 8.20
N VAL C 350 55.61 12.07 7.46
CA VAL C 350 54.34 11.38 7.34
C VAL C 350 54.30 10.62 6.01
N THR C 351 54.10 9.31 6.10
CA THR C 351 53.96 8.42 4.97
C THR C 351 52.76 7.50 5.23
N THR C 352 52.48 6.60 4.27
CA THR C 352 51.48 5.55 4.47
C THR C 352 52.13 4.19 4.23
N ALA C 353 51.73 3.21 5.05
CA ALA C 353 52.15 1.82 4.87
C ALA C 353 50.99 1.03 4.28
N CYS C 354 51.19 0.51 3.06
CA CYS C 354 50.14 -0.23 2.37
C CYS C 354 50.28 -1.72 2.65
N GLU C 355 49.30 -2.28 3.37
CA GLU C 355 49.27 -3.70 3.66
C GLU C 355 48.70 -4.44 2.45
N LEU C 356 48.79 -5.77 2.48
CA LEU C 356 48.32 -6.64 1.41
C LEU C 356 46.83 -6.47 1.19
N ALA C 357 46.09 -6.23 2.27
CA ALA C 357 44.64 -6.09 2.22
C ALA C 357 44.20 -4.96 1.28
N ARG C 358 45.10 -4.04 0.93
CA ARG C 358 44.77 -2.91 0.07
C ARG C 358 44.57 -3.34 -1.37
N ALA C 359 45.26 -4.40 -1.79
CA ALA C 359 45.07 -4.97 -3.11
C ALA C 359 45.42 -6.45 -3.05
N PRO C 360 44.52 -7.29 -2.47
CA PRO C 360 44.88 -8.66 -2.13
C PRO C 360 45.18 -9.59 -3.30
N PHE C 361 44.76 -9.22 -4.52
CA PHE C 361 44.94 -10.06 -5.69
C PHE C 361 46.07 -9.55 -6.58
N GLU C 362 46.93 -8.68 -6.04
CA GLU C 362 48.07 -8.14 -6.79
C GLU C 362 49.30 -8.10 -5.89
N MET C 363 49.12 -7.62 -4.65
CA MET C 363 50.24 -7.39 -3.74
C MET C 363 50.67 -8.70 -3.10
N ARG C 364 51.94 -9.08 -3.32
CA ARG C 364 52.52 -10.24 -2.67
C ARG C 364 53.30 -9.80 -1.43
N THR C 365 53.70 -8.51 -1.37
CA THR C 365 54.47 -7.99 -0.25
C THR C 365 54.09 -6.53 -0.02
N PRO C 366 54.00 -6.05 1.25
CA PRO C 366 53.56 -4.70 1.54
C PRO C 366 54.59 -3.65 1.11
N VAL C 367 54.17 -2.38 1.09
CA VAL C 367 54.99 -1.30 0.55
C VAL C 367 54.81 -0.05 1.40
N LEU C 368 55.83 0.81 1.38
CA LEU C 368 55.75 2.15 1.96
C LEU C 368 55.44 3.13 0.83
N ARG C 369 54.42 3.97 1.03
CA ARG C 369 53.96 4.90 0.00
C ARG C 369 54.25 6.34 0.41
N ILE C 370 54.87 7.10 -0.49
CA ILE C 370 54.86 8.55 -0.39
C ILE C 370 53.96 9.12 -1.48
N SER C 371 53.27 10.19 -1.12
CA SER C 371 52.33 10.88 -1.99
C SER C 371 52.43 12.38 -1.69
N PRO C 372 53.54 13.05 -2.08
CA PRO C 372 53.72 14.47 -1.83
C PRO C 372 52.89 15.28 -2.81
N HIS C 373 52.48 16.49 -2.39
CA HIS C 373 51.74 17.38 -3.27
C HIS C 373 52.75 18.30 -3.99
N VAL C 374 52.25 19.37 -4.60
CA VAL C 374 53.02 20.16 -5.55
C VAL C 374 54.16 20.90 -4.84
N ASP C 375 54.09 21.00 -3.50
CA ASP C 375 54.91 21.91 -2.73
C ASP C 375 56.23 21.25 -2.28
N VAL C 376 56.41 19.96 -2.57
CA VAL C 376 57.58 19.24 -2.10
C VAL C 376 58.82 19.74 -2.87
N THR C 377 59.97 19.74 -2.19
CA THR C 377 61.23 20.15 -2.79
C THR C 377 62.16 18.94 -2.92
N VAL C 378 63.20 19.08 -3.75
CA VAL C 378 64.21 18.05 -3.91
C VAL C 378 64.91 17.83 -2.56
N ASP C 379 65.14 18.92 -1.82
CA ASP C 379 65.76 18.86 -0.50
C ASP C 379 65.00 17.90 0.41
N GLU C 380 63.67 18.08 0.43
CA GLU C 380 62.79 17.32 1.32
C GLU C 380 62.80 15.84 0.92
N LEU C 381 62.84 15.58 -0.40
CA LEU C 381 62.92 14.21 -0.89
C LEU C 381 64.23 13.57 -0.46
N GLU C 382 65.31 14.36 -0.40
CA GLU C 382 66.62 13.87 0.01
C GLU C 382 66.61 13.57 1.52
N GLN C 383 65.93 14.42 2.30
CA GLN C 383 65.79 14.21 3.73
C GLN C 383 65.05 12.90 4.01
N PHE C 384 64.04 12.59 3.19
CA PHE C 384 63.29 11.36 3.34
C PHE C 384 64.19 10.17 3.01
N ALA C 385 64.87 10.24 1.86
CA ALA C 385 65.83 9.22 1.46
C ALA C 385 66.84 8.95 2.58
N ALA C 386 67.38 10.05 3.16
CA ALA C 386 68.38 9.96 4.21
C ALA C 386 67.80 9.29 5.46
N ALA C 387 66.59 9.71 5.86
CA ALA C 387 65.93 9.16 7.03
C ALA C 387 65.62 7.68 6.83
N LEU C 388 65.40 7.28 5.58
CA LEU C 388 65.02 5.93 5.23
C LEU C 388 66.22 4.99 5.35
N ARG C 389 67.43 5.55 5.23
CA ARG C 389 68.66 4.78 5.30
C ARG C 389 69.04 4.47 6.74
N GLU C 390 68.75 5.40 7.66
CA GLU C 390 69.14 5.26 9.05
C GLU C 390 67.95 4.84 9.90
N ALA C 391 67.03 4.06 9.29
CA ALA C 391 65.87 3.53 9.98
C ALA C 391 66.22 2.20 10.63
N PRO C 392 65.84 1.96 11.90
CA PRO C 392 65.93 0.63 12.50
C PRO C 392 64.66 -0.18 12.23
N MET D 21 -49.38 17.31 -4.35
CA MET D 21 -48.17 18.09 -4.03
C MET D 21 -47.88 19.05 -5.18
N VAL D 22 -47.79 20.34 -4.85
CA VAL D 22 -47.38 21.41 -5.73
C VAL D 22 -46.11 21.04 -6.48
N MET D 23 -46.16 21.15 -7.83
CA MET D 23 -44.99 21.15 -8.67
C MET D 23 -44.34 19.76 -8.66
N LEU D 24 -45.19 18.73 -8.67
CA LEU D 24 -44.79 17.33 -8.71
C LEU D 24 -43.61 17.11 -9.67
N ALA D 25 -43.76 17.58 -10.92
CA ALA D 25 -42.76 17.33 -11.94
C ALA D 25 -41.40 17.90 -11.53
N GLN D 26 -41.42 19.12 -10.98
CA GLN D 26 -40.20 19.83 -10.60
C GLN D 26 -39.57 19.18 -9.37
N GLN D 27 -40.38 18.86 -8.35
CA GLN D 27 -39.88 18.20 -7.16
C GLN D 27 -39.17 16.91 -7.54
N TRP D 28 -39.74 16.16 -8.49
CA TRP D 28 -39.23 14.87 -8.92
C TRP D 28 -37.87 15.05 -9.59
N ARG D 29 -37.77 16.02 -10.50
CA ARG D 29 -36.52 16.31 -11.19
C ARG D 29 -35.42 16.67 -10.19
N ASP D 30 -35.77 17.51 -9.21
CA ASP D 30 -34.79 18.14 -8.33
C ASP D 30 -34.40 17.20 -7.19
N ALA D 31 -35.13 16.08 -7.01
CA ALA D 31 -34.84 15.12 -5.96
C ALA D 31 -33.74 14.16 -6.38
N ARG D 32 -33.28 14.28 -7.64
CA ARG D 32 -32.38 13.34 -8.28
C ARG D 32 -31.21 14.07 -8.92
N PRO D 33 -30.05 13.39 -9.15
CA PRO D 33 -28.95 13.98 -9.90
C PRO D 33 -29.34 14.66 -11.21
N LYS D 34 -28.60 15.72 -11.57
CA LYS D 34 -28.78 16.35 -12.87
C LYS D 34 -28.41 15.32 -13.93
N VAL D 35 -29.26 15.19 -14.95
CA VAL D 35 -28.99 14.35 -16.09
C VAL D 35 -27.93 15.03 -16.97
N ALA D 36 -26.95 14.24 -17.45
CA ALA D 36 -25.90 14.75 -18.32
C ALA D 36 -26.50 15.32 -19.59
N GLY D 37 -27.21 14.47 -20.35
CA GLY D 37 -27.86 14.89 -21.58
C GLY D 37 -29.37 14.93 -21.45
N LEU D 38 -30.05 13.92 -22.01
CA LEU D 38 -31.49 13.81 -21.92
C LEU D 38 -31.88 12.34 -21.78
N HIS D 39 -32.67 12.05 -20.74
CA HIS D 39 -32.96 10.69 -20.32
C HIS D 39 -34.43 10.37 -20.58
N LEU D 40 -34.70 9.55 -21.59
CA LEU D 40 -36.05 9.16 -21.95
C LEU D 40 -36.18 7.64 -21.85
N ASP D 41 -35.77 7.07 -20.71
CA ASP D 41 -35.51 5.64 -20.63
C ASP D 41 -35.79 5.08 -19.23
N SER D 42 -36.84 5.59 -18.57
CA SER D 42 -37.17 5.13 -17.23
C SER D 42 -37.85 3.76 -17.28
N GLY D 43 -38.23 3.29 -18.48
CA GLY D 43 -38.77 1.96 -18.66
C GLY D 43 -37.69 0.88 -18.68
N ALA D 44 -36.43 1.28 -18.85
CA ALA D 44 -35.30 0.37 -18.78
C ALA D 44 -34.63 0.50 -17.41
N CYS D 45 -34.25 1.74 -17.08
CA CYS D 45 -33.67 2.03 -15.78
C CYS D 45 -33.86 3.52 -15.51
N SER D 46 -34.58 3.85 -14.43
CA SER D 46 -34.87 5.23 -14.10
C SER D 46 -33.69 5.81 -13.31
N ARG D 47 -33.97 6.81 -12.45
CA ARG D 47 -32.93 7.60 -11.81
C ARG D 47 -33.25 7.70 -10.32
N GLN D 48 -32.34 7.16 -9.48
CA GLN D 48 -32.54 7.11 -8.04
C GLN D 48 -32.40 8.52 -7.46
N SER D 49 -33.31 8.87 -6.54
CA SER D 49 -33.23 10.10 -5.79
C SER D 49 -31.99 10.08 -4.90
N PHE D 50 -31.56 11.27 -4.46
CA PHE D 50 -30.45 11.41 -3.52
C PHE D 50 -30.74 10.61 -2.25
N ALA D 51 -31.99 10.66 -1.80
CA ALA D 51 -32.40 9.98 -0.58
C ALA D 51 -32.22 8.46 -0.72
N VAL D 52 -32.62 7.92 -1.89
CA VAL D 52 -32.52 6.48 -2.14
C VAL D 52 -31.05 6.07 -2.20
N ILE D 53 -30.22 6.87 -2.87
CA ILE D 53 -28.80 6.57 -2.99
C ILE D 53 -28.14 6.62 -1.61
N ASP D 54 -28.53 7.61 -0.79
CA ASP D 54 -27.94 7.82 0.53
C ASP D 54 -28.32 6.67 1.47
N ALA D 55 -29.60 6.27 1.45
CA ALA D 55 -30.09 5.20 2.30
C ALA D 55 -29.36 3.88 2.00
N THR D 56 -29.05 3.65 0.72
CA THR D 56 -28.32 2.47 0.30
C THR D 56 -26.91 2.51 0.86
N THR D 57 -26.24 3.67 0.67
CA THR D 57 -24.90 3.87 1.17
C THR D 57 -24.85 3.69 2.69
N ALA D 58 -25.86 4.22 3.38
CA ALA D 58 -25.90 4.17 4.83
C ALA D 58 -25.95 2.73 5.32
N HIS D 59 -26.77 1.89 4.67
CA HIS D 59 -26.89 0.50 5.11
C HIS D 59 -25.53 -0.20 4.99
N ALA D 60 -24.82 0.04 3.89
CA ALA D 60 -23.52 -0.57 3.66
C ALA D 60 -22.52 -0.14 4.75
N ARG D 61 -22.60 1.13 5.15
CA ARG D 61 -21.78 1.66 6.23
C ARG D 61 -22.16 0.95 7.54
N HIS D 62 -23.47 0.84 7.80
CA HIS D 62 -23.95 0.22 9.03
C HIS D 62 -23.50 -1.23 9.12
N GLU D 63 -23.43 -1.93 7.97
CA GLU D 63 -22.94 -3.30 7.94
C GLU D 63 -21.52 -3.38 8.49
N ALA D 64 -20.71 -2.34 8.20
CA ALA D 64 -19.32 -2.27 8.61
C ALA D 64 -19.20 -1.95 10.11
N GLU D 65 -20.19 -1.24 10.66
CA GLU D 65 -20.12 -0.78 12.04
C GLU D 65 -20.58 -1.88 13.00
N VAL D 66 -21.71 -2.53 12.70
CA VAL D 66 -22.36 -3.41 13.66
C VAL D 66 -22.43 -4.85 13.17
N GLY D 67 -21.99 -5.11 11.92
CA GLY D 67 -22.10 -6.44 11.33
C GLY D 67 -23.25 -6.55 10.33
N GLY D 68 -23.00 -7.26 9.23
CA GLY D 68 -23.91 -7.29 8.09
C GLY D 68 -25.32 -7.77 8.41
N TYR D 69 -25.43 -8.83 9.22
CA TYR D 69 -26.70 -9.46 9.52
C TYR D 69 -27.41 -8.73 10.65
N VAL D 70 -26.63 -8.20 11.61
CA VAL D 70 -27.22 -7.37 12.65
C VAL D 70 -27.76 -6.09 12.01
N ALA D 71 -27.02 -5.51 11.05
CA ALA D 71 -27.52 -4.38 10.27
C ALA D 71 -28.81 -4.74 9.53
N ALA D 72 -28.86 -5.94 8.94
CA ALA D 72 -30.03 -6.40 8.19
C ALA D 72 -31.25 -6.55 9.11
N GLU D 73 -31.04 -7.15 10.29
CA GLU D 73 -32.08 -7.28 11.30
C GLU D 73 -32.62 -5.90 11.65
N ALA D 74 -31.72 -4.94 11.91
CA ALA D 74 -32.11 -3.60 12.34
C ALA D 74 -32.88 -2.86 11.24
N ALA D 75 -32.74 -3.30 9.98
CA ALA D 75 -33.40 -2.63 8.87
C ALA D 75 -34.79 -3.20 8.60
N THR D 76 -35.24 -4.17 9.41
CA THR D 76 -36.52 -4.84 9.23
C THR D 76 -37.67 -3.84 9.09
N PRO D 77 -37.75 -2.76 9.91
CA PRO D 77 -38.82 -1.77 9.77
C PRO D 77 -38.91 -1.16 8.36
N ALA D 78 -37.75 -0.81 7.79
CA ALA D 78 -37.70 -0.24 6.45
C ALA D 78 -38.16 -1.26 5.41
N LEU D 79 -37.61 -2.48 5.51
CA LEU D 79 -37.92 -3.57 4.61
C LEU D 79 -39.43 -3.86 4.62
N ASP D 80 -40.01 -3.96 5.82
CA ASP D 80 -41.43 -4.28 5.99
C ASP D 80 -42.29 -3.15 5.42
N ALA D 81 -41.85 -1.90 5.59
CA ALA D 81 -42.55 -0.74 5.06
C ALA D 81 -42.62 -0.83 3.54
N GLY D 82 -41.52 -1.27 2.92
CA GLY D 82 -41.46 -1.52 1.49
C GLY D 82 -42.46 -2.57 1.03
N ARG D 83 -42.57 -3.68 1.79
CA ARG D 83 -43.55 -4.72 1.49
C ARG D 83 -44.96 -4.13 1.58
N ALA D 84 -45.18 -3.30 2.61
CA ALA D 84 -46.49 -2.75 2.90
C ALA D 84 -46.91 -1.76 1.81
N ALA D 85 -45.95 -0.95 1.34
CA ALA D 85 -46.21 0.03 0.29
C ALA D 85 -46.60 -0.70 -1.00
N VAL D 86 -45.80 -1.70 -1.38
CA VAL D 86 -46.07 -2.53 -2.54
C VAL D 86 -47.46 -3.15 -2.41
N ALA D 87 -47.71 -3.75 -1.24
CA ALA D 87 -48.99 -4.39 -0.94
C ALA D 87 -50.17 -3.45 -1.19
N SER D 88 -50.03 -2.17 -0.81
CA SER D 88 -51.11 -1.22 -0.92
C SER D 88 -51.40 -0.89 -2.39
N LEU D 89 -50.36 -0.95 -3.24
CA LEU D 89 -50.50 -0.62 -4.64
C LEU D 89 -51.17 -1.76 -5.42
N ILE D 90 -51.07 -3.00 -4.92
CA ILE D 90 -51.60 -4.15 -5.64
C ILE D 90 -52.81 -4.74 -4.91
N GLY D 91 -53.14 -4.20 -3.74
CA GLY D 91 -54.31 -4.65 -2.98
C GLY D 91 -54.07 -6.01 -2.32
N PHE D 92 -52.83 -6.24 -1.88
CA PHE D 92 -52.47 -7.44 -1.14
C PHE D 92 -52.18 -7.06 0.31
N ALA D 93 -51.79 -8.04 1.13
CA ALA D 93 -51.24 -7.78 2.45
C ALA D 93 -49.71 -7.74 2.38
N ALA D 94 -49.11 -6.97 3.30
CA ALA D 94 -47.66 -6.82 3.37
C ALA D 94 -46.97 -8.18 3.49
N SER D 95 -47.61 -9.13 4.19
CA SER D 95 -46.99 -10.42 4.49
C SER D 95 -47.10 -11.37 3.30
N ASP D 96 -47.78 -10.94 2.24
CA ASP D 96 -47.83 -11.68 0.99
C ASP D 96 -46.63 -11.35 0.10
N VAL D 97 -45.85 -10.32 0.49
CA VAL D 97 -44.86 -9.73 -0.41
C VAL D 97 -43.46 -10.17 -0.01
N VAL D 98 -42.67 -10.52 -1.03
CA VAL D 98 -41.31 -11.00 -0.86
C VAL D 98 -40.39 -10.27 -1.84
N TYR D 99 -39.12 -10.14 -1.46
CA TYR D 99 -38.11 -9.50 -2.28
C TYR D 99 -37.44 -10.52 -3.19
N THR D 100 -37.06 -10.07 -4.39
CA THR D 100 -36.34 -10.84 -5.38
C THR D 100 -35.25 -9.96 -6.00
N SER D 101 -34.50 -10.53 -6.97
CA SER D 101 -33.47 -9.81 -7.70
C SER D 101 -34.09 -8.96 -8.81
N GLY D 102 -35.37 -9.20 -9.11
CA GLY D 102 -36.04 -8.55 -10.23
C GLY D 102 -37.23 -9.38 -10.67
N SER D 103 -37.78 -9.06 -11.84
CA SER D 103 -39.02 -9.66 -12.31
C SER D 103 -38.79 -11.05 -12.89
N ASN D 104 -37.67 -11.27 -13.60
CA ASN D 104 -37.38 -12.56 -14.18
C ASN D 104 -37.06 -13.57 -13.08
N HIS D 105 -36.37 -13.12 -12.03
CA HIS D 105 -36.21 -13.94 -10.85
C HIS D 105 -37.58 -14.33 -10.30
N ALA D 106 -38.49 -13.34 -10.24
CA ALA D 106 -39.81 -13.53 -9.68
C ALA D 106 -40.60 -14.61 -10.43
N ILE D 107 -40.68 -14.50 -11.76
CA ILE D 107 -41.50 -15.41 -12.53
C ILE D 107 -40.95 -16.83 -12.41
N ASP D 108 -39.62 -16.93 -12.34
CA ASP D 108 -38.98 -18.23 -12.23
C ASP D 108 -39.28 -18.85 -10.86
N LEU D 109 -39.19 -18.03 -9.80
CA LEU D 109 -39.51 -18.50 -8.45
C LEU D 109 -40.92 -19.08 -8.42
N LEU D 110 -41.85 -18.41 -9.09
CA LEU D 110 -43.27 -18.78 -9.05
C LEU D 110 -43.52 -20.04 -9.88
N LEU D 111 -43.11 -20.01 -11.16
CA LEU D 111 -43.37 -21.10 -12.09
C LEU D 111 -42.63 -22.38 -11.67
N SER D 112 -41.42 -22.25 -11.12
CA SER D 112 -40.66 -23.41 -10.67
C SER D 112 -41.30 -24.02 -9.43
N SER D 113 -42.19 -23.27 -8.76
CA SER D 113 -42.84 -23.70 -7.53
C SER D 113 -44.23 -24.26 -7.81
N TRP D 114 -44.69 -24.19 -9.06
CA TRP D 114 -46.09 -24.40 -9.38
C TRP D 114 -46.43 -25.89 -9.31
N PRO D 115 -47.49 -26.27 -8.55
CA PRO D 115 -47.88 -27.67 -8.39
C PRO D 115 -48.85 -28.15 -9.48
N GLY D 116 -48.81 -29.47 -9.74
CA GLY D 116 -49.77 -30.10 -10.63
C GLY D 116 -49.52 -29.76 -12.10
N LYS D 117 -50.62 -29.71 -12.87
CA LYS D 117 -50.56 -29.52 -14.30
C LYS D 117 -50.01 -28.13 -14.61
N ARG D 118 -48.95 -28.08 -15.43
CA ARG D 118 -48.30 -26.82 -15.78
C ARG D 118 -48.70 -26.38 -17.18
N THR D 119 -49.88 -25.77 -17.27
CA THR D 119 -50.35 -25.12 -18.49
C THR D 119 -50.70 -23.68 -18.17
N LEU D 120 -50.55 -22.78 -19.14
CA LEU D 120 -50.99 -21.40 -18.93
C LEU D 120 -51.38 -20.77 -20.26
N ALA D 121 -52.12 -19.66 -20.16
CA ALA D 121 -52.37 -18.80 -21.30
C ALA D 121 -51.74 -17.43 -21.03
N CYS D 122 -51.21 -16.81 -22.09
CA CYS D 122 -50.64 -15.49 -22.01
C CYS D 122 -50.87 -14.77 -23.33
N LEU D 123 -50.43 -13.51 -23.40
CA LEU D 123 -50.55 -12.72 -24.61
C LEU D 123 -49.52 -13.18 -25.63
N PRO D 124 -49.78 -13.00 -26.95
CA PRO D 124 -48.74 -13.21 -27.96
C PRO D 124 -47.58 -12.23 -27.83
N GLY D 125 -47.84 -11.05 -27.26
CA GLY D 125 -46.80 -10.08 -26.99
C GLY D 125 -46.03 -10.35 -25.70
N GLU D 126 -46.13 -11.58 -25.17
CA GLU D 126 -45.46 -11.92 -23.93
C GLU D 126 -43.97 -11.68 -24.06
N TYR D 127 -43.36 -11.26 -22.94
CA TYR D 127 -41.95 -10.89 -22.86
C TYR D 127 -41.10 -12.13 -23.13
N GLY D 128 -40.13 -12.00 -24.05
CA GLY D 128 -39.31 -13.10 -24.50
C GLY D 128 -38.74 -13.90 -23.34
N PRO D 129 -38.01 -13.25 -22.41
CA PRO D 129 -37.49 -13.94 -21.22
C PRO D 129 -38.54 -14.54 -20.27
N ASN D 130 -39.78 -14.06 -20.32
CA ASN D 130 -40.87 -14.71 -19.61
C ASN D 130 -41.16 -16.06 -20.27
N LEU D 131 -41.27 -16.07 -21.60
CA LEU D 131 -41.52 -17.30 -22.36
C LEU D 131 -40.39 -18.29 -22.11
N SER D 132 -39.16 -17.77 -22.02
CA SER D 132 -37.98 -18.57 -21.72
C SER D 132 -38.17 -19.28 -20.38
N ALA D 133 -38.56 -18.53 -19.35
CA ALA D 133 -38.73 -19.07 -18.00
C ALA D 133 -39.89 -20.09 -17.97
N MET D 134 -40.94 -19.80 -18.74
CA MET D 134 -42.11 -20.66 -18.85
C MET D 134 -41.69 -22.02 -19.40
N ALA D 135 -40.99 -22.00 -20.55
CA ALA D 135 -40.56 -23.22 -21.21
C ALA D 135 -39.61 -24.00 -20.31
N ALA D 136 -38.68 -23.30 -19.65
CA ALA D 136 -37.68 -23.91 -18.80
C ALA D 136 -38.32 -24.59 -17.59
N ASN D 137 -39.55 -24.19 -17.24
CA ASN D 137 -40.25 -24.76 -16.09
C ASN D 137 -41.32 -25.75 -16.56
N GLY D 138 -41.25 -26.16 -17.84
CA GLY D 138 -42.07 -27.24 -18.35
C GLY D 138 -43.54 -26.84 -18.55
N PHE D 139 -43.80 -25.55 -18.78
CA PHE D 139 -45.16 -25.08 -19.00
C PHE D 139 -45.52 -25.19 -20.48
N GLN D 140 -46.77 -25.59 -20.76
CA GLN D 140 -47.39 -25.41 -22.05
C GLN D 140 -48.07 -24.04 -22.08
N VAL D 141 -47.86 -23.31 -23.18
CA VAL D 141 -48.24 -21.91 -23.27
C VAL D 141 -49.20 -21.73 -24.44
N ARG D 142 -50.40 -21.20 -24.15
CA ARG D 142 -51.41 -20.92 -25.15
C ARG D 142 -51.62 -19.41 -25.24
N ALA D 143 -51.90 -18.94 -26.45
CA ALA D 143 -52.09 -17.52 -26.72
C ALA D 143 -53.51 -17.12 -26.31
N LEU D 144 -53.63 -15.89 -25.77
CA LEU D 144 -54.94 -15.29 -25.55
C LEU D 144 -55.32 -14.52 -26.81
N PRO D 145 -56.64 -14.38 -27.12
CA PRO D 145 -57.07 -13.55 -28.24
C PRO D 145 -56.85 -12.07 -27.96
N VAL D 146 -56.36 -11.35 -28.99
CA VAL D 146 -56.04 -9.93 -28.85
C VAL D 146 -56.52 -9.20 -30.11
N ASP D 147 -56.66 -7.88 -30.00
CA ASP D 147 -56.96 -7.03 -31.14
C ASP D 147 -55.65 -6.75 -31.87
N ASP D 148 -55.67 -5.79 -32.82
CA ASP D 148 -54.53 -5.53 -33.68
C ASP D 148 -53.39 -4.86 -32.92
N ASP D 149 -53.68 -4.25 -31.76
CA ASP D 149 -52.66 -3.59 -30.96
C ASP D 149 -52.00 -4.57 -29.98
N GLY D 150 -52.54 -5.80 -29.87
CA GLY D 150 -52.05 -6.79 -28.94
C GLY D 150 -52.78 -6.75 -27.60
N ARG D 151 -53.90 -6.01 -27.56
CA ARG D 151 -54.69 -5.82 -26.36
C ARG D 151 -55.71 -6.95 -26.24
N VAL D 152 -55.77 -7.59 -25.07
CA VAL D 152 -56.57 -8.78 -24.89
C VAL D 152 -58.05 -8.45 -25.14
N LEU D 153 -58.75 -9.39 -25.78
CA LEU D 153 -60.19 -9.34 -25.95
C LEU D 153 -60.83 -10.17 -24.84
N VAL D 154 -61.43 -9.48 -23.86
CA VAL D 154 -61.77 -10.11 -22.59
C VAL D 154 -62.93 -11.08 -22.80
N ASP D 155 -63.94 -10.68 -23.58
CA ASP D 155 -65.11 -11.51 -23.83
C ASP D 155 -64.69 -12.82 -24.50
N GLU D 156 -63.93 -12.72 -25.60
CA GLU D 156 -63.46 -13.88 -26.33
C GLU D 156 -62.65 -14.78 -25.40
N ALA D 157 -61.74 -14.16 -24.65
CA ALA D 157 -60.89 -14.88 -23.70
C ALA D 157 -61.74 -15.63 -22.68
N SER D 158 -62.82 -14.98 -22.22
CA SER D 158 -63.74 -15.57 -21.26
C SER D 158 -64.29 -16.89 -21.79
N HIS D 159 -64.82 -16.87 -23.02
CA HIS D 159 -65.42 -18.04 -23.61
C HIS D 159 -64.38 -19.15 -23.77
N GLU D 160 -63.21 -18.74 -24.29
CA GLU D 160 -62.14 -19.68 -24.62
C GLU D 160 -61.68 -20.42 -23.37
N LEU D 161 -61.56 -19.69 -22.25
CA LEU D 161 -61.01 -20.22 -21.01
C LEU D 161 -62.04 -21.12 -20.30
N SER D 162 -63.33 -20.86 -20.51
CA SER D 162 -64.39 -21.68 -19.94
C SER D 162 -64.42 -23.04 -20.62
N ALA D 163 -64.33 -23.03 -21.96
CA ALA D 163 -64.33 -24.25 -22.75
C ALA D 163 -63.03 -25.03 -22.54
N HIS D 164 -61.91 -24.33 -22.69
CA HIS D 164 -60.59 -24.94 -22.66
C HIS D 164 -59.75 -24.29 -21.56
N PRO D 165 -59.87 -24.74 -20.30
CA PRO D 165 -59.18 -24.10 -19.18
C PRO D 165 -57.68 -24.34 -19.19
N VAL D 166 -56.99 -23.56 -18.35
CA VAL D 166 -55.55 -23.62 -18.14
C VAL D 166 -55.31 -23.52 -16.63
N ALA D 167 -54.12 -23.90 -16.19
CA ALA D 167 -53.79 -23.88 -14.77
C ALA D 167 -53.67 -22.46 -14.25
N LEU D 168 -53.11 -21.54 -15.07
CA LEU D 168 -53.05 -20.13 -14.70
C LEU D 168 -53.00 -19.27 -15.95
N VAL D 169 -53.39 -18.00 -15.79
CA VAL D 169 -53.21 -17.00 -16.83
C VAL D 169 -52.11 -16.05 -16.39
N HIS D 170 -51.17 -15.79 -17.31
CA HIS D 170 -50.11 -14.84 -17.06
C HIS D 170 -50.35 -13.60 -17.93
N LEU D 171 -50.62 -12.47 -17.27
CA LEU D 171 -50.86 -11.22 -17.97
C LEU D 171 -49.72 -10.25 -17.68
N THR D 172 -49.04 -9.83 -18.76
CA THR D 172 -48.13 -8.70 -18.68
C THR D 172 -48.97 -7.45 -18.95
N ALA D 173 -49.27 -6.71 -17.87
CA ALA D 173 -50.27 -5.66 -17.90
C ALA D 173 -49.78 -4.47 -18.71
N LEU D 174 -48.46 -4.32 -18.79
CA LEU D 174 -47.83 -3.32 -19.65
C LEU D 174 -46.51 -3.89 -20.16
N ALA D 175 -46.40 -3.98 -21.49
CA ALA D 175 -45.30 -4.68 -22.14
C ALA D 175 -44.06 -3.79 -22.22
N SER D 176 -42.89 -4.42 -22.32
CA SER D 176 -41.65 -3.68 -22.42
C SER D 176 -41.52 -3.04 -23.80
N HIS D 177 -42.17 -3.66 -24.81
CA HIS D 177 -41.94 -3.32 -26.21
C HIS D 177 -43.06 -2.45 -26.78
N ARG D 178 -44.12 -2.19 -26.00
CA ARG D 178 -45.24 -1.41 -26.52
C ARG D 178 -46.09 -0.88 -25.36
N GLY D 179 -46.57 0.36 -25.51
CA GLY D 179 -47.17 1.10 -24.41
C GLY D 179 -48.69 0.95 -24.35
N ILE D 180 -49.21 -0.24 -24.68
CA ILE D 180 -50.62 -0.56 -24.54
C ILE D 180 -50.89 -0.93 -23.09
N ALA D 181 -51.92 -0.31 -22.50
CA ALA D 181 -52.40 -0.65 -21.17
C ALA D 181 -53.46 -1.74 -21.28
N GLN D 182 -53.17 -2.91 -20.70
CA GLN D 182 -54.05 -4.07 -20.81
C GLN D 182 -55.17 -3.95 -19.80
N PRO D 183 -56.42 -4.34 -20.15
CA PRO D 183 -57.53 -4.32 -19.19
C PRO D 183 -57.39 -5.41 -18.13
N ALA D 184 -56.46 -5.18 -17.20
CA ALA D 184 -56.07 -6.18 -16.22
C ALA D 184 -57.26 -6.60 -15.37
N ALA D 185 -57.96 -5.62 -14.80
CA ALA D 185 -59.04 -5.88 -13.86
C ALA D 185 -60.14 -6.72 -14.50
N GLU D 186 -60.53 -6.38 -15.74
CA GLU D 186 -61.59 -7.07 -16.44
C GLU D 186 -61.18 -8.51 -16.72
N LEU D 187 -59.92 -8.70 -17.12
CA LEU D 187 -59.41 -10.02 -17.45
C LEU D 187 -59.33 -10.88 -16.19
N VAL D 188 -58.99 -10.25 -15.06
CA VAL D 188 -58.85 -10.97 -13.80
C VAL D 188 -60.21 -11.60 -13.43
N GLU D 189 -61.30 -10.83 -13.55
CA GLU D 189 -62.59 -11.32 -13.10
C GLU D 189 -63.10 -12.38 -14.08
N ALA D 190 -62.77 -12.23 -15.38
CA ALA D 190 -63.10 -13.23 -16.39
C ALA D 190 -62.44 -14.56 -16.04
N CYS D 191 -61.17 -14.52 -15.65
CA CYS D 191 -60.41 -15.72 -15.33
C CYS D 191 -60.93 -16.35 -14.04
N HIS D 192 -61.25 -15.51 -13.04
CA HIS D 192 -61.75 -16.00 -11.77
C HIS D 192 -63.11 -16.65 -11.93
N ASN D 193 -63.93 -16.11 -12.86
CA ASN D 193 -65.23 -16.69 -13.20
C ASN D 193 -65.06 -18.08 -13.80
N ALA D 194 -63.96 -18.30 -14.54
CA ALA D 194 -63.64 -19.60 -15.10
C ALA D 194 -62.83 -20.45 -14.14
N GLY D 195 -62.54 -19.91 -12.94
CA GLY D 195 -61.88 -20.66 -11.88
C GLY D 195 -60.36 -20.74 -12.07
N ILE D 196 -59.78 -19.75 -12.76
CA ILE D 196 -58.37 -19.79 -13.12
C ILE D 196 -57.64 -18.63 -12.43
N PRO D 197 -56.56 -18.90 -11.67
CA PRO D 197 -55.76 -17.82 -11.06
C PRO D 197 -55.00 -17.02 -12.09
N VAL D 198 -54.65 -15.77 -11.73
CA VAL D 198 -54.00 -14.85 -12.64
C VAL D 198 -52.71 -14.31 -12.00
N VAL D 199 -51.62 -14.41 -12.76
CA VAL D 199 -50.33 -13.84 -12.41
C VAL D 199 -50.10 -12.62 -13.30
N ILE D 200 -49.63 -11.52 -12.70
CA ILE D 200 -49.41 -10.30 -13.45
C ILE D 200 -47.93 -9.92 -13.41
N ASP D 201 -47.36 -9.69 -14.61
CA ASP D 201 -46.06 -9.07 -14.76
C ASP D 201 -46.25 -7.56 -14.76
N ALA D 202 -45.90 -6.93 -13.63
CA ALA D 202 -46.09 -5.51 -13.44
C ALA D 202 -44.74 -4.80 -13.38
N ALA D 203 -43.76 -5.31 -14.15
CA ALA D 203 -42.43 -4.72 -14.19
C ALA D 203 -42.51 -3.29 -14.72
N GLN D 204 -43.35 -3.10 -15.75
CA GLN D 204 -43.55 -1.81 -16.37
C GLN D 204 -44.75 -1.12 -15.70
N ALA D 205 -45.70 -1.91 -15.18
CA ALA D 205 -47.00 -1.40 -14.78
C ALA D 205 -46.97 -0.80 -13.36
N LEU D 206 -46.17 -1.37 -12.46
CA LEU D 206 -46.17 -0.91 -11.07
C LEU D 206 -45.57 0.49 -11.02
N GLY D 207 -46.35 1.42 -10.43
CA GLY D 207 -45.97 2.83 -10.37
C GLY D 207 -46.42 3.60 -11.60
N HIS D 208 -47.30 2.99 -12.41
CA HIS D 208 -47.56 3.43 -13.77
C HIS D 208 -49.03 3.22 -14.14
N LEU D 209 -49.50 1.98 -13.95
CA LEU D 209 -50.91 1.63 -14.09
C LEU D 209 -51.47 1.32 -12.71
N ASP D 210 -52.80 1.38 -12.57
CA ASP D 210 -53.46 0.91 -11.37
C ASP D 210 -53.35 -0.62 -11.35
N CYS D 211 -52.53 -1.12 -10.40
CA CYS D 211 -52.23 -2.54 -10.30
C CYS D 211 -53.05 -3.21 -9.19
N ASN D 212 -54.05 -2.48 -8.66
CA ASN D 212 -54.96 -3.05 -7.69
C ASN D 212 -56.17 -3.65 -8.43
N VAL D 213 -56.07 -4.92 -8.80
CA VAL D 213 -56.98 -5.51 -9.79
C VAL D 213 -57.36 -6.95 -9.44
N GLY D 214 -57.05 -7.39 -8.22
CA GLY D 214 -57.57 -8.65 -7.70
C GLY D 214 -56.75 -9.88 -8.10
N ALA D 215 -55.52 -9.66 -8.59
CA ALA D 215 -54.68 -10.74 -9.09
C ALA D 215 -54.28 -11.67 -7.95
N ASP D 216 -53.86 -12.90 -8.31
CA ASP D 216 -53.46 -13.90 -7.34
C ASP D 216 -51.96 -13.82 -7.07
N ALA D 217 -51.19 -13.35 -8.05
CA ALA D 217 -49.78 -13.04 -7.86
C ALA D 217 -49.40 -11.86 -8.76
N VAL D 218 -48.47 -11.04 -8.26
CA VAL D 218 -47.95 -9.89 -9.01
C VAL D 218 -46.46 -9.78 -8.72
N TYR D 219 -45.67 -9.36 -9.73
CA TYR D 219 -44.27 -9.09 -9.52
C TYR D 219 -43.83 -7.86 -10.31
N SER D 220 -42.70 -7.28 -9.90
CA SER D 220 -42.20 -6.07 -10.53
C SER D 220 -40.72 -5.87 -10.19
N SER D 221 -40.13 -4.86 -10.84
CA SER D 221 -38.72 -4.53 -10.71
C SER D 221 -38.57 -3.16 -10.02
N SER D 222 -37.49 -3.01 -9.26
CA SER D 222 -37.20 -1.82 -8.49
C SER D 222 -36.83 -0.64 -9.40
N ARG D 223 -36.03 -0.91 -10.45
CA ARG D 223 -35.23 0.10 -11.12
C ARG D 223 -36.02 0.91 -12.14
N LYS D 224 -37.28 0.53 -12.40
CA LYS D 224 -38.04 1.14 -13.49
C LYS D 224 -38.81 2.33 -12.91
N TRP D 225 -40.15 2.33 -12.99
CA TRP D 225 -40.92 3.54 -12.75
C TRP D 225 -40.87 3.99 -11.29
N LEU D 226 -40.56 3.07 -10.36
CA LEU D 226 -40.44 3.41 -8.95
C LEU D 226 -39.06 3.99 -8.64
N ALA D 227 -38.15 3.93 -9.63
CA ALA D 227 -36.84 4.56 -9.51
C ALA D 227 -36.10 4.07 -8.29
N GLY D 228 -36.09 2.75 -8.08
CA GLY D 228 -35.34 2.14 -6.98
C GLY D 228 -33.98 1.67 -7.46
N PRO D 229 -33.14 1.10 -6.56
CA PRO D 229 -31.88 0.50 -6.97
C PRO D 229 -32.06 -0.73 -7.86
N ARG D 230 -31.00 -1.06 -8.61
CA ARG D 230 -30.98 -2.24 -9.45
C ARG D 230 -30.79 -3.48 -8.57
N GLY D 231 -31.24 -4.63 -9.08
CA GLY D 231 -30.99 -5.90 -8.43
C GLY D 231 -32.01 -6.21 -7.35
N VAL D 232 -33.16 -5.51 -7.41
CA VAL D 232 -34.27 -5.73 -6.51
C VAL D 232 -35.54 -5.85 -7.36
N GLY D 233 -36.39 -6.79 -6.95
CA GLY D 233 -37.75 -6.89 -7.43
C GLY D 233 -38.64 -7.34 -6.28
N VAL D 234 -39.94 -7.48 -6.55
CA VAL D 234 -40.86 -7.97 -5.54
C VAL D 234 -41.77 -9.00 -6.18
N LEU D 235 -42.15 -10.01 -5.38
CA LEU D 235 -43.14 -11.00 -5.78
C LEU D 235 -44.18 -11.11 -4.67
N ALA D 236 -45.46 -10.94 -5.03
CA ALA D 236 -46.55 -11.05 -4.08
C ALA D 236 -47.46 -12.20 -4.50
N VAL D 237 -47.80 -13.06 -3.52
CA VAL D 237 -48.64 -14.21 -3.76
C VAL D 237 -49.69 -14.28 -2.65
N ARG D 238 -50.96 -14.48 -3.04
CA ARG D 238 -52.06 -14.59 -2.08
C ARG D 238 -51.85 -15.83 -1.23
N PRO D 239 -52.24 -15.81 0.07
CA PRO D 239 -51.96 -16.93 0.98
C PRO D 239 -52.54 -18.28 0.53
N GLU D 240 -53.71 -18.25 -0.10
CA GLU D 240 -54.39 -19.46 -0.56
C GLU D 240 -53.53 -20.15 -1.61
N LEU D 241 -52.95 -19.34 -2.50
CA LEU D 241 -52.09 -19.82 -3.57
C LEU D 241 -50.73 -20.19 -2.99
N ALA D 242 -50.14 -19.27 -2.23
CA ALA D 242 -48.81 -19.45 -1.68
C ALA D 242 -48.65 -20.82 -1.02
N GLU D 243 -49.65 -21.24 -0.23
CA GLU D 243 -49.52 -22.47 0.56
C GLU D 243 -49.64 -23.71 -0.33
N ARG D 244 -50.21 -23.57 -1.53
CA ARG D 244 -50.27 -24.66 -2.50
C ARG D 244 -48.91 -24.87 -3.19
N LEU D 245 -48.04 -23.86 -3.15
CA LEU D 245 -46.80 -23.87 -3.93
C LEU D 245 -45.77 -24.80 -3.31
N GLN D 246 -44.86 -25.28 -4.15
CA GLN D 246 -43.85 -26.26 -3.78
C GLN D 246 -42.49 -25.78 -4.26
N PRO D 247 -41.78 -24.94 -3.49
CA PRO D 247 -40.49 -24.38 -3.91
C PRO D 247 -39.47 -25.41 -4.37
N ARG D 248 -38.63 -24.98 -5.32
CA ARG D 248 -37.57 -25.78 -5.90
C ARG D 248 -36.45 -26.00 -4.87
N ILE D 249 -36.06 -24.91 -4.17
CA ILE D 249 -35.01 -24.94 -3.17
C ILE D 249 -35.54 -24.31 -1.89
N PRO D 250 -35.42 -24.97 -0.70
CA PRO D 250 -34.99 -26.36 -0.60
C PRO D 250 -36.00 -27.35 -1.19
N PRO D 251 -35.62 -28.60 -1.47
CA PRO D 251 -36.50 -29.53 -2.19
C PRO D 251 -37.75 -29.82 -1.37
N SER D 252 -38.89 -30.00 -2.07
CA SER D 252 -40.20 -29.85 -1.44
C SER D 252 -40.47 -30.97 -0.43
N ASP D 253 -39.79 -32.11 -0.61
CA ASP D 253 -39.99 -33.25 0.28
C ASP D 253 -39.09 -33.15 1.50
N TRP D 254 -38.47 -31.99 1.75
CA TRP D 254 -37.64 -31.76 2.92
C TRP D 254 -38.46 -31.06 3.99
N PRO D 255 -38.72 -31.68 5.17
CA PRO D 255 -39.40 -30.99 6.27
C PRO D 255 -38.54 -29.91 6.95
N ILE D 256 -37.95 -29.02 6.14
CA ILE D 256 -37.38 -27.78 6.65
C ILE D 256 -38.55 -26.88 7.06
N PRO D 257 -38.66 -26.48 8.34
CA PRO D 257 -39.80 -25.69 8.82
C PRO D 257 -39.59 -24.22 8.52
N MET D 258 -39.99 -23.84 7.31
CA MET D 258 -40.21 -22.45 6.93
C MET D 258 -41.34 -22.42 5.92
N SER D 259 -42.04 -21.27 5.87
CA SER D 259 -43.16 -21.08 4.96
C SER D 259 -42.66 -21.04 3.52
N VAL D 260 -43.60 -21.13 2.58
CA VAL D 260 -43.29 -21.05 1.17
C VAL D 260 -42.59 -19.73 0.87
N LEU D 261 -43.18 -18.63 1.35
CA LEU D 261 -42.66 -17.30 1.04
C LEU D 261 -41.27 -17.10 1.63
N GLU D 262 -41.00 -17.69 2.81
CA GLU D 262 -39.68 -17.64 3.40
C GLU D 262 -38.67 -18.34 2.50
N LYS D 263 -39.08 -19.47 1.90
CA LYS D 263 -38.23 -20.23 1.01
C LYS D 263 -37.93 -19.44 -0.26
N LEU D 264 -38.94 -18.79 -0.82
CA LEU D 264 -38.78 -18.04 -2.07
C LEU D 264 -37.89 -16.81 -1.85
N GLU D 265 -37.79 -16.33 -0.60
CA GLU D 265 -37.01 -15.14 -0.29
C GLU D 265 -35.61 -15.50 0.22
N LEU D 266 -35.32 -16.80 0.28
CA LEU D 266 -34.04 -17.30 0.77
C LEU D 266 -32.94 -16.89 -0.23
N GLY D 267 -31.78 -16.44 0.26
CA GLY D 267 -30.61 -16.27 -0.57
C GLY D 267 -29.86 -14.95 -0.35
N GLU D 268 -28.55 -15.00 -0.57
CA GLU D 268 -27.67 -13.82 -0.59
C GLU D 268 -28.25 -12.81 -1.57
N HIS D 269 -28.23 -11.54 -1.15
CA HIS D 269 -28.84 -10.43 -1.88
C HIS D 269 -28.15 -9.15 -1.41
N ASN D 270 -28.42 -8.03 -2.09
CA ASN D 270 -27.93 -6.75 -1.61
C ASN D 270 -29.00 -6.15 -0.71
N ALA D 271 -28.81 -6.27 0.61
CA ALA D 271 -29.77 -5.78 1.58
C ALA D 271 -29.91 -4.26 1.50
N ALA D 272 -28.78 -3.57 1.26
CA ALA D 272 -28.77 -2.12 1.15
C ALA D 272 -29.71 -1.65 0.03
N ALA D 273 -29.73 -2.39 -1.08
CA ALA D 273 -30.53 -2.03 -2.23
C ALA D 273 -32.02 -2.20 -1.95
N ARG D 274 -32.35 -3.16 -1.07
CA ARG D 274 -33.73 -3.43 -0.68
C ARG D 274 -34.24 -2.28 0.18
N VAL D 275 -33.42 -1.77 1.11
CA VAL D 275 -33.83 -0.61 1.90
C VAL D 275 -33.89 0.61 0.98
N GLY D 276 -32.92 0.74 0.07
CA GLY D 276 -33.03 1.73 -1.00
C GLY D 276 -34.40 1.69 -1.68
N PHE D 277 -34.84 0.47 -2.03
CA PHE D 277 -36.11 0.28 -2.70
C PHE D 277 -37.28 0.76 -1.84
N SER D 278 -37.25 0.39 -0.55
CA SER D 278 -38.31 0.76 0.39
C SER D 278 -38.47 2.28 0.44
N VAL D 279 -37.35 3.02 0.37
CA VAL D 279 -37.40 4.47 0.32
C VAL D 279 -38.05 4.92 -1.00
N ALA D 280 -37.74 4.22 -2.11
CA ALA D 280 -38.23 4.59 -3.43
C ALA D 280 -39.75 4.42 -3.54
N VAL D 281 -40.31 3.29 -3.07
CA VAL D 281 -41.75 3.09 -3.07
C VAL D 281 -42.41 4.16 -2.19
N GLY D 282 -41.80 4.43 -1.03
CA GLY D 282 -42.26 5.47 -0.13
C GLY D 282 -42.43 6.81 -0.84
N GLU D 283 -41.44 7.18 -1.66
CA GLU D 283 -41.47 8.42 -2.42
C GLU D 283 -42.64 8.44 -3.40
N HIS D 284 -43.00 7.26 -3.95
CA HIS D 284 -44.11 7.15 -4.88
C HIS D 284 -45.44 7.39 -4.16
N LEU D 285 -45.64 6.73 -3.02
CA LEU D 285 -46.83 6.94 -2.20
C LEU D 285 -46.92 8.40 -1.77
N ALA D 286 -45.80 8.97 -1.31
CA ALA D 286 -45.76 10.35 -0.83
C ALA D 286 -46.15 11.34 -1.92
N ALA D 287 -45.81 11.03 -3.19
CA ALA D 287 -46.08 11.92 -4.30
C ALA D 287 -47.54 11.84 -4.72
N GLY D 288 -48.20 10.71 -4.39
CA GLY D 288 -49.57 10.47 -4.78
C GLY D 288 -49.66 9.58 -6.02
N PRO D 289 -49.81 8.25 -5.84
CA PRO D 289 -49.86 7.31 -6.96
C PRO D 289 -50.75 7.77 -8.13
N THR D 290 -51.99 8.18 -7.82
CA THR D 290 -52.93 8.57 -8.86
C THR D 290 -52.40 9.76 -9.66
N ALA D 291 -51.83 10.75 -8.96
CA ALA D 291 -51.32 11.96 -9.61
C ALA D 291 -50.13 11.62 -10.52
N VAL D 292 -49.28 10.70 -10.05
CA VAL D 292 -48.11 10.26 -10.82
C VAL D 292 -48.58 9.55 -12.09
N ARG D 293 -49.59 8.66 -11.95
CA ARG D 293 -50.08 7.88 -13.07
C ARG D 293 -50.75 8.77 -14.11
N GLU D 294 -51.55 9.75 -13.64
CA GLU D 294 -52.24 10.67 -14.54
C GLU D 294 -51.21 11.47 -15.33
N ARG D 295 -50.09 11.80 -14.68
CA ARG D 295 -49.02 12.58 -15.31
C ARG D 295 -48.29 11.72 -16.34
N LEU D 296 -48.08 10.43 -16.06
CA LEU D 296 -47.41 9.53 -16.99
C LEU D 296 -48.27 9.30 -18.23
N ALA D 297 -49.60 9.17 -18.03
CA ALA D 297 -50.53 9.08 -19.15
C ALA D 297 -50.38 10.31 -20.04
N GLU D 298 -50.20 11.47 -19.42
CA GLU D 298 -50.08 12.74 -20.13
C GLU D 298 -48.79 12.74 -20.95
N VAL D 299 -47.69 12.29 -20.32
CA VAL D 299 -46.39 12.22 -20.97
C VAL D 299 -46.49 11.41 -22.26
N GLY D 300 -47.23 10.30 -22.22
CA GLY D 300 -47.44 9.45 -23.39
C GLY D 300 -48.16 10.18 -24.52
N ARG D 301 -49.26 10.86 -24.16
CA ARG D 301 -50.04 11.65 -25.10
C ARG D 301 -49.14 12.68 -25.80
N LEU D 302 -48.43 13.50 -25.01
CA LEU D 302 -47.57 14.56 -25.52
C LEU D 302 -46.50 13.97 -26.44
N SER D 303 -45.95 12.82 -26.03
CA SER D 303 -44.90 12.16 -26.79
C SER D 303 -45.41 11.79 -28.18
N ARG D 304 -46.61 11.21 -28.25
CA ARG D 304 -47.17 10.71 -29.49
C ARG D 304 -47.61 11.85 -30.39
N GLN D 305 -48.05 12.97 -29.78
CA GLN D 305 -48.41 14.16 -30.52
C GLN D 305 -47.17 14.78 -31.17
N VAL D 306 -46.12 14.98 -30.37
CA VAL D 306 -44.89 15.60 -30.84
C VAL D 306 -44.25 14.74 -31.95
N LEU D 307 -44.36 13.42 -31.82
CA LEU D 307 -43.66 12.50 -32.71
C LEU D 307 -44.56 12.03 -33.85
N ALA D 308 -45.77 12.59 -33.94
CA ALA D 308 -46.72 12.22 -34.99
C ALA D 308 -46.16 12.54 -36.37
N GLU D 309 -45.32 13.58 -36.46
CA GLU D 309 -44.87 14.16 -37.73
C GLU D 309 -43.36 14.02 -37.86
N VAL D 310 -42.84 12.80 -38.02
CA VAL D 310 -41.42 12.57 -38.17
C VAL D 310 -41.18 11.66 -39.37
N ASP D 311 -40.32 12.12 -40.29
CA ASP D 311 -40.01 11.37 -41.50
C ASP D 311 -39.15 10.16 -41.16
N GLY D 312 -39.65 8.97 -41.54
CA GLY D 312 -38.89 7.75 -41.39
C GLY D 312 -39.27 6.94 -40.14
N TRP D 313 -40.32 7.41 -39.43
CA TRP D 313 -40.74 6.82 -38.17
C TRP D 313 -42.25 6.98 -38.00
N ARG D 314 -42.96 5.90 -37.65
CA ARG D 314 -44.36 6.00 -37.29
C ARG D 314 -44.55 5.55 -35.85
N VAL D 315 -45.44 6.28 -35.15
CA VAL D 315 -45.82 6.01 -33.77
C VAL D 315 -46.74 4.80 -33.74
N VAL D 316 -46.46 3.86 -32.84
CA VAL D 316 -47.16 2.58 -32.78
C VAL D 316 -48.42 2.69 -31.92
N GLU D 317 -48.32 3.40 -30.79
CA GLU D 317 -49.39 3.41 -29.81
C GLU D 317 -50.47 4.39 -30.21
N PRO D 318 -51.78 4.03 -30.08
CA PRO D 318 -52.85 5.02 -30.06
C PRO D 318 -52.47 6.16 -29.12
N VAL D 319 -52.85 7.39 -29.49
CA VAL D 319 -52.35 8.59 -28.83
C VAL D 319 -52.77 8.60 -27.35
N ASP D 320 -54.01 8.14 -27.05
CA ASP D 320 -54.59 8.36 -25.74
C ASP D 320 -54.37 7.19 -24.80
N GLN D 321 -53.42 6.30 -25.11
CA GLN D 321 -53.07 5.21 -24.21
C GLN D 321 -52.51 5.78 -22.91
N PRO D 322 -53.03 5.37 -21.74
CA PRO D 322 -52.60 5.94 -20.44
C PRO D 322 -51.26 5.40 -19.95
N THR D 323 -50.22 5.66 -20.73
CA THR D 323 -48.89 5.05 -20.57
C THR D 323 -47.86 6.11 -20.97
N ALA D 324 -46.63 6.01 -20.45
CA ALA D 324 -45.56 6.91 -20.84
C ALA D 324 -44.61 6.24 -21.85
N ILE D 325 -44.96 5.01 -22.24
CA ILE D 325 -44.18 4.25 -23.21
C ILE D 325 -44.69 4.58 -24.62
N THR D 326 -43.77 5.07 -25.45
CA THR D 326 -44.06 5.32 -26.86
C THR D 326 -42.98 4.63 -27.70
N THR D 327 -43.42 3.89 -28.73
CA THR D 327 -42.52 3.14 -29.59
C THR D 327 -42.66 3.61 -31.03
N LEU D 328 -41.52 3.58 -31.75
CA LEU D 328 -41.40 4.12 -33.09
C LEU D 328 -40.86 3.03 -34.03
N GLU D 329 -41.62 2.74 -35.09
CA GLU D 329 -41.22 1.77 -36.09
C GLU D 329 -40.69 2.52 -37.31
N SER D 330 -39.49 2.13 -37.77
CA SER D 330 -38.87 2.77 -38.93
C SER D 330 -39.63 2.40 -40.20
N THR D 331 -39.85 3.40 -41.07
CA THR D 331 -40.60 3.22 -42.31
C THR D 331 -39.65 3.07 -43.50
N ASP D 332 -38.35 3.28 -43.29
CA ASP D 332 -37.36 3.08 -44.36
C ASP D 332 -36.22 2.19 -43.86
N GLY D 333 -36.57 1.21 -43.02
CA GLY D 333 -35.66 0.12 -42.66
C GLY D 333 -34.42 0.58 -41.88
N ALA D 334 -34.54 1.64 -41.08
CA ALA D 334 -33.48 2.03 -40.16
C ALA D 334 -33.40 1.04 -39.00
N ASP D 335 -32.22 0.92 -38.38
CA ASP D 335 -31.99 -0.02 -37.30
C ASP D 335 -32.03 0.72 -35.96
N PRO D 336 -33.07 0.50 -35.11
CA PRO D 336 -33.18 1.19 -33.83
C PRO D 336 -31.92 1.17 -32.97
N ALA D 337 -31.25 0.02 -32.91
CA ALA D 337 -30.05 -0.14 -32.11
C ALA D 337 -29.00 0.91 -32.49
N SER D 338 -28.79 1.10 -33.79
CA SER D 338 -27.79 2.03 -34.29
C SER D 338 -28.21 3.47 -33.96
N VAL D 339 -29.51 3.74 -34.09
CA VAL D 339 -30.05 5.06 -33.83
C VAL D 339 -29.86 5.40 -32.34
N ARG D 340 -30.11 4.41 -31.48
CA ARG D 340 -29.94 4.57 -30.04
C ARG D 340 -28.48 4.93 -29.72
N SER D 341 -27.53 4.18 -30.31
CA SER D 341 -26.11 4.41 -30.09
C SER D 341 -25.73 5.81 -30.55
N TRP D 342 -26.28 6.21 -31.71
CA TRP D 342 -26.01 7.52 -32.26
C TRP D 342 -26.56 8.59 -31.31
N LEU D 343 -27.84 8.44 -30.94
CA LEU D 343 -28.51 9.38 -30.05
C LEU D 343 -27.70 9.59 -28.77
N ILE D 344 -27.14 8.51 -28.22
CA ILE D 344 -26.36 8.61 -26.99
C ILE D 344 -25.05 9.34 -27.29
N ALA D 345 -24.27 8.80 -28.24
CA ALA D 345 -22.90 9.25 -28.48
C ALA D 345 -22.87 10.70 -28.97
N GLU D 346 -23.83 11.08 -29.83
CA GLU D 346 -23.78 12.35 -30.54
C GLU D 346 -24.72 13.39 -29.93
N ARG D 347 -25.76 12.96 -29.21
CA ARG D 347 -26.77 13.89 -28.71
C ARG D 347 -26.98 13.76 -27.20
N GLY D 348 -26.44 12.71 -26.57
CA GLY D 348 -26.62 12.47 -25.15
C GLY D 348 -28.07 12.14 -24.78
N ILE D 349 -28.80 11.52 -25.72
CA ILE D 349 -30.20 11.17 -25.50
C ILE D 349 -30.31 9.66 -25.31
N VAL D 350 -30.91 9.25 -24.18
CA VAL D 350 -30.96 7.85 -23.80
C VAL D 350 -32.34 7.29 -24.15
N THR D 351 -32.33 6.24 -24.97
CA THR D 351 -33.52 5.51 -25.38
C THR D 351 -33.23 4.02 -25.24
N THR D 352 -34.22 3.18 -25.59
CA THR D 352 -34.01 1.74 -25.69
C THR D 352 -34.40 1.27 -27.08
N ALA D 353 -33.63 0.32 -27.62
CA ALA D 353 -33.96 -0.34 -28.87
C ALA D 353 -34.50 -1.73 -28.57
N CYS D 354 -35.77 -1.97 -28.93
CA CYS D 354 -36.42 -3.24 -28.67
C CYS D 354 -36.27 -4.17 -29.87
N GLU D 355 -35.51 -5.26 -29.69
CA GLU D 355 -35.34 -6.25 -30.73
C GLU D 355 -36.55 -7.20 -30.71
N LEU D 356 -36.66 -8.04 -31.75
CA LEU D 356 -37.75 -8.97 -31.93
C LEU D 356 -37.83 -9.95 -30.76
N ALA D 357 -36.66 -10.32 -30.21
CA ALA D 357 -36.56 -11.28 -29.13
C ALA D 357 -37.37 -10.85 -27.90
N ARG D 358 -37.72 -9.56 -27.81
CA ARG D 358 -38.44 -9.03 -26.66
C ARG D 358 -39.89 -9.50 -26.65
N ALA D 359 -40.46 -9.73 -27.84
CA ALA D 359 -41.81 -10.26 -27.96
C ALA D 359 -41.90 -11.04 -29.27
N PRO D 360 -41.31 -12.26 -29.34
CA PRO D 360 -41.13 -12.95 -30.61
C PRO D 360 -42.40 -13.41 -31.31
N PHE D 361 -43.54 -13.45 -30.61
CA PHE D 361 -44.80 -13.89 -31.22
C PHE D 361 -45.73 -12.71 -31.52
N GLU D 362 -45.18 -11.49 -31.55
CA GLU D 362 -45.96 -10.30 -31.84
C GLU D 362 -45.17 -9.37 -32.75
N MET D 363 -43.88 -9.16 -32.45
CA MET D 363 -43.07 -8.17 -33.14
C MET D 363 -42.59 -8.75 -34.47
N ARG D 364 -42.95 -8.07 -35.58
CA ARG D 364 -42.47 -8.43 -36.89
C ARG D 364 -41.26 -7.56 -37.26
N THR D 365 -41.14 -6.39 -36.62
CA THR D 365 -40.04 -5.48 -36.90
C THR D 365 -39.66 -4.73 -35.61
N PRO D 366 -38.35 -4.48 -35.37
CA PRO D 366 -37.91 -3.85 -34.11
C PRO D 366 -38.34 -2.39 -34.01
N VAL D 367 -38.22 -1.82 -32.81
CA VAL D 367 -38.75 -0.49 -32.54
C VAL D 367 -37.78 0.25 -31.62
N LEU D 368 -37.81 1.58 -31.71
CA LEU D 368 -37.15 2.46 -30.76
C LEU D 368 -38.17 2.90 -29.71
N ARG D 369 -37.81 2.75 -28.43
CA ARG D 369 -38.72 3.03 -27.33
C ARG D 369 -38.24 4.23 -26.53
N ILE D 370 -39.14 5.19 -26.30
CA ILE D 370 -38.91 6.19 -25.26
C ILE D 370 -39.87 5.93 -24.11
N SER D 371 -39.37 6.16 -22.90
CA SER D 371 -40.10 5.96 -21.66
C SER D 371 -39.70 7.06 -20.67
N PRO D 372 -40.13 8.32 -20.91
CA PRO D 372 -39.78 9.44 -20.03
C PRO D 372 -40.62 9.39 -18.76
N HIS D 373 -40.08 9.92 -17.67
CA HIS D 373 -40.82 9.99 -16.41
C HIS D 373 -41.54 11.34 -16.34
N VAL D 374 -42.02 11.72 -15.15
CA VAL D 374 -42.96 12.82 -14.99
C VAL D 374 -42.30 14.17 -15.32
N ASP D 375 -40.97 14.19 -15.35
CA ASP D 375 -40.20 15.43 -15.36
C ASP D 375 -39.92 15.92 -16.78
N VAL D 376 -40.32 15.14 -17.81
CA VAL D 376 -40.02 15.49 -19.18
C VAL D 376 -40.83 16.73 -19.59
N THR D 377 -40.26 17.55 -20.46
CA THR D 377 -40.92 18.75 -20.98
C THR D 377 -41.24 18.57 -22.46
N VAL D 378 -42.15 19.40 -22.97
CA VAL D 378 -42.48 19.39 -24.38
C VAL D 378 -41.24 19.78 -25.18
N ASP D 379 -40.42 20.70 -24.65
CA ASP D 379 -39.22 21.12 -25.34
C ASP D 379 -38.29 19.93 -25.57
N GLU D 380 -38.12 19.11 -24.52
CA GLU D 380 -37.23 17.96 -24.58
C GLU D 380 -37.74 16.94 -25.59
N LEU D 381 -39.06 16.76 -25.64
CA LEU D 381 -39.67 15.87 -26.63
C LEU D 381 -39.41 16.38 -28.04
N GLU D 382 -39.40 17.71 -28.22
CA GLU D 382 -39.14 18.32 -29.52
C GLU D 382 -37.67 18.13 -29.91
N GLN D 383 -36.77 18.22 -28.91
CA GLN D 383 -35.34 18.01 -29.15
C GLN D 383 -35.08 16.58 -29.62
N PHE D 384 -35.84 15.63 -29.05
CA PHE D 384 -35.72 14.22 -29.46
C PHE D 384 -36.22 14.06 -30.88
N ALA D 385 -37.42 14.59 -31.17
CA ALA D 385 -37.98 14.58 -32.51
C ALA D 385 -36.98 15.16 -33.51
N ALA D 386 -36.37 16.29 -33.16
CA ALA D 386 -35.43 16.99 -34.02
C ALA D 386 -34.18 16.14 -34.27
N ALA D 387 -33.64 15.54 -33.19
CA ALA D 387 -32.46 14.70 -33.27
C ALA D 387 -32.74 13.46 -34.12
N LEU D 388 -33.99 13.00 -34.11
CA LEU D 388 -34.40 11.80 -34.80
C LEU D 388 -34.46 12.04 -36.31
N ARG D 389 -34.65 13.30 -36.70
CA ARG D 389 -34.75 13.67 -38.11
C ARG D 389 -33.37 13.78 -38.75
N GLU D 390 -32.37 14.22 -37.97
CA GLU D 390 -31.03 14.46 -38.51
C GLU D 390 -30.10 13.31 -38.09
N ALA D 391 -30.67 12.11 -37.98
CA ALA D 391 -29.91 10.90 -37.69
C ALA D 391 -29.42 10.31 -39.01
N PRO D 392 -28.12 9.94 -39.14
CA PRO D 392 -27.48 9.73 -40.45
C PRO D 392 -28.01 8.56 -41.30
N1 PLP E . 14.51 9.95 14.55
C2 PLP E . 13.94 11.06 15.00
C2A PLP E . 13.03 10.97 16.19
C3 PLP E . 14.38 12.31 14.55
O3 PLP E . 13.95 13.45 15.17
C4 PLP E . 15.46 12.37 13.65
C4A PLP E . 16.25 13.60 13.58
C5 PLP E . 15.86 11.18 13.03
C6 PLP E . 15.35 10.00 13.50
C5A PLP E . 16.85 11.15 11.89
O4P PLP E . 18.16 11.60 12.36
P PLP E . 19.32 11.90 11.30
O1P PLP E . 19.56 10.58 10.55
O2P PLP E . 20.51 12.35 12.14
O3P PLP E . 18.76 13.00 10.42
C PYR F . 14.44 17.38 11.95
O PYR F . 15.46 17.20 11.27
OXT PYR F . 13.88 18.47 12.02
CA PYR F . 13.96 16.40 12.67
O3 PYR F . 13.30 16.63 13.69
CB PYR F . 14.05 14.99 12.16
N1 PLP G . -20.23 -22.06 1.14
C2 PLP G . -19.73 -21.79 2.34
C2A PLP G . -18.64 -22.65 2.88
C3 PLP G . -20.08 -20.59 2.99
O3 PLP G . -19.45 -20.24 4.15
C4 PLP G . -21.10 -19.77 2.45
C4A PLP G . -21.15 -18.37 2.82
C5 PLP G . -21.81 -20.27 1.33
C6 PLP G . -21.33 -21.40 0.72
C5A PLP G . -23.05 -19.60 0.81
O4P PLP G . -22.77 -18.24 0.37
P PLP G . -23.84 -17.21 -0.28
O1P PLP G . -24.72 -17.98 -1.25
O2P PLP G . -22.97 -16.18 -0.99
O3P PLP G . -24.61 -16.65 0.90
N1 PLP H . 39.82 4.12 -3.71
C2 PLP H . 41.10 4.46 -3.59
C2A PLP H . 41.96 4.42 -4.81
C3 PLP H . 41.55 5.10 -2.44
O3 PLP H . 42.86 5.46 -2.31
C4 PLP H . 40.63 5.47 -1.43
C4A PLP H . 41.01 6.57 -0.53
C5 PLP H . 39.32 4.97 -1.52
C6 PLP H . 38.99 4.25 -2.65
C5A PLP H . 38.35 5.05 -0.38
O4P PLP H . 38.05 6.44 -0.07
P PLP H . 37.21 6.84 1.24
O1P PLP H . 35.92 6.02 1.16
O2P PLP H . 37.01 8.34 1.09
O3P PLP H . 38.08 6.48 2.44
N1 PLP I . -41.28 -7.78 -17.63
C2 PLP I . -41.21 -6.73 -18.43
C2A PLP I . -42.48 -6.25 -19.07
C3 PLP I . -40.08 -5.92 -18.45
O3 PLP I . -40.22 -4.60 -18.82
C4 PLP I . -38.95 -6.26 -17.67
C4A PLP I . -37.98 -5.22 -17.32
C5 PLP I . -38.97 -7.52 -17.04
C6 PLP I . -40.17 -8.18 -16.95
C5A PLP I . -37.73 -8.17 -16.51
O4P PLP I . -37.26 -7.45 -15.33
P PLP I . -35.90 -7.79 -14.56
O1P PLP I . -35.84 -9.30 -14.33
O2P PLP I . -36.00 -6.99 -13.26
O3P PLP I . -34.85 -7.27 -15.51
#